data_5KRG
# 
_entry.id   5KRG 
# 
_audit_conform.dict_name       mmcif_pdbx.dic 
_audit_conform.dict_version    5.379 
_audit_conform.dict_location   http://mmcif.pdb.org/dictionaries/ascii/mmcif_pdbx.dic 
# 
loop_
_database_2.database_id 
_database_2.database_code 
_database_2.pdbx_database_accession 
_database_2.pdbx_DOI 
PDB   5KRG         pdb_00005krg 10.2210/pdb5krg/pdb 
WWPDB D_1000222613 ?            ?                   
# 
_pdbx_database_status.status_code                     REL 
_pdbx_database_status.status_code_sf                  REL 
_pdbx_database_status.status_code_mr                  ? 
_pdbx_database_status.entry_id                        5KRG 
_pdbx_database_status.recvd_initial_deposition_date   2016-07-07 
_pdbx_database_status.SG_entry                        N 
_pdbx_database_status.deposit_site                    RCSB 
_pdbx_database_status.process_site                    RCSB 
_pdbx_database_status.status_code_cs                  ? 
_pdbx_database_status.methods_development_category    ? 
_pdbx_database_status.pdb_format_compatible           Y 
_pdbx_database_status.status_code_nmr_data            ? 
# 
loop_
_audit_author.name 
_audit_author.pdbx_ordinal 
'Zhang, W.'     1 
'Tam, C.P.'     2 
'Szostak, J.W.' 3 
# 
_citation.abstract                  ? 
_citation.abstract_id_CAS           ? 
_citation.book_id_ISBN              ? 
_citation.book_publisher            ? 
_citation.book_publisher_city       ? 
_citation.book_title                ? 
_citation.coordinate_linkage        ? 
_citation.country                   US 
_citation.database_id_Medline       ? 
_citation.details                   ? 
_citation.id                        primary 
_citation.journal_abbrev            'ACS Cent Sci' 
_citation.journal_id_ASTM           ? 
_citation.journal_id_CSD            ? 
_citation.journal_id_ISSN           2374-7943 
_citation.journal_full              ? 
_citation.journal_issue             ? 
_citation.journal_volume            2 
_citation.language                  ? 
_citation.page_first                916 
_citation.page_last                 926 
_citation.title                     'Unusual Base-Pairing Interactions in Monomer-Template Complexes.' 
_citation.year                      2016 
_citation.database_id_CSD           ? 
_citation.pdbx_database_id_DOI      10.1021/acscentsci.6b00278 
_citation.pdbx_database_id_PubMed   28058281 
_citation.unpublished_flag          ? 
# 
loop_
_citation_author.citation_id 
_citation_author.name 
_citation_author.ordinal 
_citation_author.identifier_ORCID 
primary 'Zhang, W.'     1 ? 
primary 'Tam, C.P.'     2 ? 
primary 'Wang, J.'      3 ? 
primary 'Szostak, J.W.' 4 ? 
# 
_cell.entry_id           5KRG 
_cell.length_a           44.046 
_cell.length_b           44.046 
_cell.length_c           84.516 
_cell.angle_alpha        90.00 
_cell.angle_beta         90.00 
_cell.angle_gamma        120.00 
_cell.Z_PDB              12 
_cell.pdbx_unique_axis   ? 
# 
_symmetry.entry_id                         5KRG 
_symmetry.space_group_name_H-M             'P 3' 
_symmetry.pdbx_full_space_group_name_H-M   ? 
_symmetry.cell_setting                     ? 
_symmetry.Int_Tables_number                143 
# 
loop_
_entity.id 
_entity.type 
_entity.src_method 
_entity.pdbx_description 
_entity.formula_weight 
_entity.pdbx_number_of_molecules 
_entity.pdbx_ec 
_entity.pdbx_mutation 
_entity.pdbx_fragment 
_entity.details 
1 polymer     syn 
;RNA (5'-R(*(LCC)P*(LCC)P*(LCC)P*(LCG)P*AP*CP*UP*UP*AP*AP*GP*UP*CP*GP*G)-3')
;
4858.010 4  ? ? ? ? 
2 non-polymer syn 
;[(2~{R},3~{S},4~{R},5~{R})-5-(2-azanyl-6-oxidanylidene-1~{H}-purin-9-yl)-3,4-bis(oxidanyl)oxolan-2-yl]methoxy-(3-methyl-1~{H}-pyrazol-4-yl)phosphinic acid
;
427.309  4  ? ? ? ? 
3 water       nat water 18.015   92 ? ? ? ? 
# 
_entity_poly.entity_id                      1 
_entity_poly.type                           polyribonucleotide 
_entity_poly.nstd_linkage                   no 
_entity_poly.nstd_monomer                   yes 
_entity_poly.pdbx_seq_one_letter_code       '(LCC)(LCC)(LCC)(LCG)ACUUAAGUCGG' 
_entity_poly.pdbx_seq_one_letter_code_can   NNNGACUUAAGUCGG 
_entity_poly.pdbx_strand_id                 A,B,C,D 
_entity_poly.pdbx_target_identifier         ? 
# 
loop_
_entity_poly_seq.entity_id 
_entity_poly_seq.num 
_entity_poly_seq.mon_id 
_entity_poly_seq.hetero 
1 1  LCC n 
1 2  LCC n 
1 3  LCC n 
1 4  LCG n 
1 5  A   n 
1 6  C   n 
1 7  U   n 
1 8  U   n 
1 9  A   n 
1 10 A   n 
1 11 G   n 
1 12 U   n 
1 13 C   n 
1 14 G   n 
1 15 G   n 
# 
_pdbx_entity_src_syn.entity_id              1 
_pdbx_entity_src_syn.pdbx_src_id            1 
_pdbx_entity_src_syn.pdbx_alt_source_flag   sample 
_pdbx_entity_src_syn.pdbx_beg_seq_num       1 
_pdbx_entity_src_syn.pdbx_end_seq_num       15 
_pdbx_entity_src_syn.organism_scientific    'synthetic construct' 
_pdbx_entity_src_syn.organism_common_name   ? 
_pdbx_entity_src_syn.ncbi_taxonomy_id       32630 
_pdbx_entity_src_syn.details                ? 
# 
_struct_ref.id                         1 
_struct_ref.db_name                    PDB 
_struct_ref.db_code                    5KRG 
_struct_ref.pdbx_db_accession          5KRG 
_struct_ref.pdbx_db_isoform            ? 
_struct_ref.entity_id                  1 
_struct_ref.pdbx_seq_one_letter_code   ? 
_struct_ref.pdbx_align_begin           1 
# 
loop_
_struct_ref_seq.align_id 
_struct_ref_seq.ref_id 
_struct_ref_seq.pdbx_PDB_id_code 
_struct_ref_seq.pdbx_strand_id 
_struct_ref_seq.seq_align_beg 
_struct_ref_seq.pdbx_seq_align_beg_ins_code 
_struct_ref_seq.seq_align_end 
_struct_ref_seq.pdbx_seq_align_end_ins_code 
_struct_ref_seq.pdbx_db_accession 
_struct_ref_seq.db_align_beg 
_struct_ref_seq.pdbx_db_align_beg_ins_code 
_struct_ref_seq.db_align_end 
_struct_ref_seq.pdbx_db_align_end_ins_code 
_struct_ref_seq.pdbx_auth_seq_align_beg 
_struct_ref_seq.pdbx_auth_seq_align_end 
1 1 5KRG A 1 ? 15 ? 5KRG 1 ? 15 ? 1 15 
2 1 5KRG B 1 ? 15 ? 5KRG 1 ? 15 ? 1 15 
3 1 5KRG C 1 ? 15 ? 5KRG 1 ? 15 ? 1 15 
4 1 5KRG D 1 ? 15 ? 5KRG 1 ? 15 ? 1 15 
# 
loop_
_chem_comp.id 
_chem_comp.type 
_chem_comp.mon_nstd_flag 
_chem_comp.name 
_chem_comp.pdbx_synonyms 
_chem_comp.formula 
_chem_comp.formula_weight 
A   'RNA linking' y "ADENOSINE-5'-MONOPHOSPHATE" ? 'C10 H14 N5 O7 P' 347.221 
C   'RNA linking' y "CYTIDINE-5'-MONOPHOSPHATE" ? 'C9 H14 N3 O8 P'  323.197 
G   'RNA linking' y "GUANOSINE-5'-MONOPHOSPHATE" ? 'C10 H14 N5 O8 P' 363.221 
HOH non-polymer   . WATER ? 'H2 O'            18.015  
LCC 'RNA linking' . 
'[(1R,3R,4R,7S)-7-HYDROXY-3-(5-METHYLCYTOSIN-1-YL)-2,5-DIOXABICYCLO[2.2.1]HEPT-1-YL]METHYL DIHYDROGEN PHOSPHATE' ? 
'C11 H16 N3 O8 P' 349.234 
LCG 'RNA linking' n '[(1R,3R,4R,7S)-7-HYDROXY-3-(GUANIN-9-YL)-2,5-DIOXABICYCLO[2.2.1]HEPT-1-YL]METHYL DIHYDROGEN PHOSPHATE' ? 
'C11 H14 N5 O8 P' 375.231 
PZG 'DNA linking' n 
;[(2~{R},3~{S},4~{R},5~{R})-5-(2-azanyl-6-oxidanylidene-1~{H}-purin-9-yl)-3,4-bis(oxidanyl)oxolan-2-yl]methoxy-(3-methyl-1~{H}-pyrazol-4-yl)phosphinic acid
;
? 'C14 H18 N7 O7 P' 427.309 
U   'RNA linking' y "URIDINE-5'-MONOPHOSPHATE" ? 'C9 H13 N2 O9 P'  324.181 
# 
_exptl.absorpt_coefficient_mu     ? 
_exptl.absorpt_correction_T_max   ? 
_exptl.absorpt_correction_T_min   ? 
_exptl.absorpt_correction_type    ? 
_exptl.absorpt_process_details    ? 
_exptl.entry_id                   5KRG 
_exptl.crystals_number            1 
_exptl.details                    ? 
_exptl.method                     'X-RAY DIFFRACTION' 
_exptl.method_details             ? 
# 
_exptl_crystal.colour                      ? 
_exptl_crystal.density_diffrn              ? 
_exptl_crystal.density_Matthews            2.32 
_exptl_crystal.density_method              ? 
_exptl_crystal.density_percent_sol         49.50 
_exptl_crystal.description                 'diamond shape' 
_exptl_crystal.F_000                       ? 
_exptl_crystal.id                          1 
_exptl_crystal.preparation                 ? 
_exptl_crystal.size_max                    ? 
_exptl_crystal.size_mid                    ? 
_exptl_crystal.size_min                    ? 
_exptl_crystal.size_rad                    ? 
_exptl_crystal.colour_lustre               ? 
_exptl_crystal.colour_modifier             ? 
_exptl_crystal.colour_primary              ? 
_exptl_crystal.density_meas                ? 
_exptl_crystal.density_meas_esd            ? 
_exptl_crystal.density_meas_gt             ? 
_exptl_crystal.density_meas_lt             ? 
_exptl_crystal.density_meas_temp           ? 
_exptl_crystal.density_meas_temp_esd       ? 
_exptl_crystal.density_meas_temp_gt        ? 
_exptl_crystal.density_meas_temp_lt        ? 
_exptl_crystal.pdbx_crystal_image_url      ? 
_exptl_crystal.pdbx_crystal_image_format   ? 
_exptl_crystal.pdbx_mosaicity              ? 
_exptl_crystal.pdbx_mosaicity_esd          ? 
# 
_exptl_crystal_grow.apparatus       ? 
_exptl_crystal_grow.atmosphere      ? 
_exptl_crystal_grow.crystal_id      1 
_exptl_crystal_grow.details         ? 
_exptl_crystal_grow.method          'VAPOR DIFFUSION, HANGING DROP' 
_exptl_crystal_grow.method_ref      ? 
_exptl_crystal_grow.pH              7.0 
_exptl_crystal_grow.pressure        ? 
_exptl_crystal_grow.pressure_esd    ? 
_exptl_crystal_grow.seeding         ? 
_exptl_crystal_grow.seeding_ref     ? 
_exptl_crystal_grow.temp            291 
_exptl_crystal_grow.temp_details    ? 
_exptl_crystal_grow.temp_esd        ? 
_exptl_crystal_grow.time            ? 
_exptl_crystal_grow.pdbx_details    '0.01 M Magnesium chloride hexahydrate, 0.05 M HEPES sodium pH 7.0, 4.0 M Lithium chloride' 
_exptl_crystal_grow.pdbx_pH_range   ? 
# 
_diffrn.ambient_environment    ? 
_diffrn.ambient_temp           99 
_diffrn.ambient_temp_details   ? 
_diffrn.ambient_temp_esd       ? 
_diffrn.crystal_id             1 
_diffrn.crystal_support        ? 
_diffrn.crystal_treatment      ? 
_diffrn.details                ? 
_diffrn.id                     1 
_diffrn.ambient_pressure       ? 
_diffrn.ambient_pressure_esd   ? 
_diffrn.ambient_pressure_gt    ? 
_diffrn.ambient_pressure_lt    ? 
_diffrn.ambient_temp_gt        ? 
_diffrn.ambient_temp_lt        ? 
# 
_diffrn_detector.details                      ? 
_diffrn_detector.detector                     CCD 
_diffrn_detector.diffrn_id                    1 
_diffrn_detector.type                         'MAR CCD 165 mm' 
_diffrn_detector.area_resol_mean              ? 
_diffrn_detector.dtime                        ? 
_diffrn_detector.pdbx_frames_total            ? 
_diffrn_detector.pdbx_collection_time_total   ? 
_diffrn_detector.pdbx_collection_date         2016-01-26 
# 
_diffrn_radiation.collimation                      ? 
_diffrn_radiation.diffrn_id                        1 
_diffrn_radiation.filter_edge                      ? 
_diffrn_radiation.inhomogeneity                    ? 
_diffrn_radiation.monochromator                    ? 
_diffrn_radiation.polarisn_norm                    ? 
_diffrn_radiation.polarisn_ratio                   ? 
_diffrn_radiation.probe                            ? 
_diffrn_radiation.type                             ? 
_diffrn_radiation.xray_symbol                      ? 
_diffrn_radiation.wavelength_id                    1 
_diffrn_radiation.pdbx_monochromatic_or_laue_m_l   M 
_diffrn_radiation.pdbx_wavelength_list             ? 
_diffrn_radiation.pdbx_wavelength                  ? 
_diffrn_radiation.pdbx_diffrn_protocol             'SINGLE WAVELENGTH' 
_diffrn_radiation.pdbx_analyzer                    ? 
_diffrn_radiation.pdbx_scattering_type             x-ray 
# 
_diffrn_radiation_wavelength.id           1 
_diffrn_radiation_wavelength.wavelength   0.97 
_diffrn_radiation_wavelength.wt           1.0 
# 
_diffrn_source.current                     ? 
_diffrn_source.details                     ? 
_diffrn_source.diffrn_id                   1 
_diffrn_source.power                       ? 
_diffrn_source.size                        ? 
_diffrn_source.source                      SYNCHROTRON 
_diffrn_source.target                      ? 
_diffrn_source.type                        'ALS BEAMLINE 8.2.2' 
_diffrn_source.voltage                     ? 
_diffrn_source.take-off_angle              ? 
_diffrn_source.pdbx_wavelength_list        0.97 
_diffrn_source.pdbx_wavelength             ? 
_diffrn_source.pdbx_synchrotron_beamline   8.2.2 
_diffrn_source.pdbx_synchrotron_site       ALS 
# 
_reflns.B_iso_Wilson_estimate            ? 
_reflns.entry_id                         5KRG 
_reflns.data_reduction_details           ? 
_reflns.data_reduction_method            ? 
_reflns.d_resolution_high                1.60 
_reflns.d_resolution_low                 50.00 
_reflns.details                          ? 
_reflns.limit_h_max                      ? 
_reflns.limit_h_min                      ? 
_reflns.limit_k_max                      ? 
_reflns.limit_k_min                      ? 
_reflns.limit_l_max                      ? 
_reflns.limit_l_min                      ? 
_reflns.number_all                       ? 
_reflns.number_obs                       21914 
_reflns.observed_criterion               ? 
_reflns.observed_criterion_F_max         ? 
_reflns.observed_criterion_F_min         ? 
_reflns.observed_criterion_I_max         ? 
_reflns.observed_criterion_I_min         ? 
_reflns.observed_criterion_sigma_F       ? 
_reflns.observed_criterion_sigma_I       ? 
_reflns.percent_possible_obs             95.6 
_reflns.R_free_details                   ? 
_reflns.Rmerge_F_all                     ? 
_reflns.Rmerge_F_obs                     ? 
_reflns.Friedel_coverage                 ? 
_reflns.number_gt                        ? 
_reflns.threshold_expression             ? 
_reflns.pdbx_redundancy                  4.5 
_reflns.pdbx_Rmerge_I_obs                0.11 
_reflns.pdbx_Rmerge_I_all                ? 
_reflns.pdbx_Rsym_value                  ? 
_reflns.pdbx_netI_over_av_sigmaI         ? 
_reflns.pdbx_netI_over_sigmaI            11.9 
_reflns.pdbx_res_netI_over_av_sigmaI_2   ? 
_reflns.pdbx_res_netI_over_sigmaI_2      ? 
_reflns.pdbx_chi_squared                 ? 
_reflns.pdbx_scaling_rejects             ? 
_reflns.pdbx_d_res_high_opt              ? 
_reflns.pdbx_d_res_low_opt               ? 
_reflns.pdbx_d_res_opt_method            ? 
_reflns.phase_calculation_details        ? 
_reflns.pdbx_Rrim_I_all                  ? 
_reflns.pdbx_Rpim_I_all                  ? 
_reflns.pdbx_d_opt                       ? 
_reflns.pdbx_number_measured_all         ? 
_reflns.pdbx_diffrn_id                   1 
_reflns.pdbx_ordinal                     1 
_reflns.pdbx_CC_half                     0.966 
_reflns.pdbx_R_split                     ? 
# 
_reflns_shell.d_res_high                  1.60 
_reflns_shell.d_res_low                   1.66 
_reflns_shell.meanI_over_sigI_all         ? 
_reflns_shell.meanI_over_sigI_obs         2.18 
_reflns_shell.number_measured_all         ? 
_reflns_shell.number_measured_obs         ? 
_reflns_shell.number_possible             ? 
_reflns_shell.number_unique_all           ? 
_reflns_shell.number_unique_obs           ? 
_reflns_shell.percent_possible_all        71.3 
_reflns_shell.percent_possible_obs        ? 
_reflns_shell.Rmerge_F_all                ? 
_reflns_shell.Rmerge_F_obs                ? 
_reflns_shell.Rmerge_I_all                ? 
_reflns_shell.Rmerge_I_obs                0.27 
_reflns_shell.meanI_over_sigI_gt          ? 
_reflns_shell.meanI_over_uI_all           ? 
_reflns_shell.meanI_over_uI_gt            ? 
_reflns_shell.number_measured_gt          ? 
_reflns_shell.number_unique_gt            ? 
_reflns_shell.percent_possible_gt         ? 
_reflns_shell.Rmerge_F_gt                 ? 
_reflns_shell.Rmerge_I_gt                 ? 
_reflns_shell.pdbx_redundancy             1.6 
_reflns_shell.pdbx_Rsym_value             ? 
_reflns_shell.pdbx_chi_squared            ? 
_reflns_shell.pdbx_netI_over_sigmaI_all   ? 
_reflns_shell.pdbx_netI_over_sigmaI_obs   ? 
_reflns_shell.pdbx_Rrim_I_all             ? 
_reflns_shell.pdbx_Rpim_I_all             ? 
_reflns_shell.pdbx_rejects                ? 
_reflns_shell.pdbx_ordinal                1 
_reflns_shell.pdbx_diffrn_id              1 
_reflns_shell.pdbx_CC_half                0.941 
_reflns_shell.pdbx_R_split                ? 
# 
_refine.pdbx_refine_id                           'X-RAY DIFFRACTION' 
_refine.entry_id                                 5KRG 
_refine.pdbx_diffrn_id                           1 
_refine.pdbx_TLS_residual_ADP_flag               ? 
_refine.ls_number_reflns_obs                     21914 
_refine.ls_number_reflns_all                     ? 
_refine.pdbx_ls_sigma_I                          ? 
_refine.pdbx_ls_sigma_F                          ? 
_refine.pdbx_data_cutoff_high_absF               ? 
_refine.pdbx_data_cutoff_low_absF                ? 
_refine.pdbx_data_cutoff_high_rms_absF           ? 
_refine.ls_d_res_low                             42.258 
_refine.ls_d_res_high                            1.60 
_refine.ls_percent_reflns_obs                    95.47 
_refine.ls_R_factor_obs                          0.20711 
_refine.ls_R_factor_all                          ? 
_refine.ls_R_factor_R_work                       0.20565 
_refine.ls_R_factor_R_free                       0.23384 
_refine.ls_R_factor_R_free_error                 ? 
_refine.ls_R_factor_R_free_error_details         ? 
_refine.ls_percent_reflns_R_free                 5.4 
_refine.ls_number_reflns_R_free                  1242 
_refine.ls_number_parameters                     ? 
_refine.ls_number_restraints                     ? 
_refine.occupancy_min                            ? 
_refine.occupancy_max                            ? 
_refine.correlation_coeff_Fo_to_Fc               0.964 
_refine.correlation_coeff_Fo_to_Fc_free          0.958 
_refine.B_iso_mean                               27.539 
_refine.aniso_B[1][1]                            0.00 
_refine.aniso_B[2][2]                            0.00 
_refine.aniso_B[3][3]                            -0.01 
_refine.aniso_B[1][2]                            0.00 
_refine.aniso_B[1][3]                            0.00 
_refine.aniso_B[2][3]                            0.00 
_refine.solvent_model_details                    MASK 
_refine.solvent_model_param_ksol                 ? 
_refine.solvent_model_param_bsol                 ? 
_refine.pdbx_solvent_vdw_probe_radii             1.20 
_refine.pdbx_solvent_ion_probe_radii             0.80 
_refine.pdbx_solvent_shrinkage_radii             0.80 
_refine.pdbx_ls_cross_valid_method               THROUGHOUT 
_refine.details                                  'HYDROGENS HAVE BEEN ADDED IN THE RIDING POSITIONS' 
_refine.pdbx_starting_model                      4NFO 
_refine.pdbx_method_to_determine_struct          'MOLECULAR REPLACEMENT' 
_refine.pdbx_isotropic_thermal_model             ? 
_refine.pdbx_stereochemistry_target_values       'MAXIMUM LIKELIHOOD' 
_refine.pdbx_stereochem_target_val_spec_case     ? 
_refine.pdbx_R_Free_selection_details            RANDOM 
_refine.pdbx_overall_ESU_R                       0.104 
_refine.pdbx_overall_ESU_R_Free                  0.101 
_refine.overall_SU_ML                            0.071 
_refine.pdbx_overall_phase_error                 ? 
_refine.overall_SU_B                             2.086 
_refine.overall_SU_R_Cruickshank_DPI             ? 
_refine.pdbx_overall_SU_R_free_Cruickshank_DPI   ? 
_refine.pdbx_overall_SU_R_Blow_DPI               ? 
_refine.pdbx_overall_SU_R_free_Blow_DPI          ? 
# 
_refine_hist.pdbx_refine_id                   'X-RAY DIFFRACTION' 
_refine_hist.cycle_id                         LAST 
_refine_hist.pdbx_number_atoms_protein        0 
_refine_hist.pdbx_number_atoms_nucleic_acid   1288 
_refine_hist.pdbx_number_atoms_ligand         116 
_refine_hist.number_atoms_solvent             92 
_refine_hist.number_atoms_total               1496 
_refine_hist.d_res_high                       1.60 
_refine_hist.d_res_low                        42.258 
# 
loop_
_refine_ls_restr.type 
_refine_ls_restr.dev_ideal 
_refine_ls_restr.dev_ideal_target 
_refine_ls_restr.weight 
_refine_ls_restr.number 
_refine_ls_restr.pdbx_refine_id 
_refine_ls_restr.pdbx_restraint_function 
r_bond_refined_d             0.024 0.016  ? 1560 'X-RAY DIFFRACTION' ? 
r_bond_other_d               0.074 0.024  ? 700  'X-RAY DIFFRACTION' ? 
r_angle_refined_deg          2.656 1.858  ? 2416 'X-RAY DIFFRACTION' ? 
r_angle_other_deg            3.922 3.229  ? 1680 'X-RAY DIFFRACTION' ? 
r_dihedral_angle_1_deg       ?     ?      ? ?    'X-RAY DIFFRACTION' ? 
r_dihedral_angle_2_deg       ?     ?      ? ?    'X-RAY DIFFRACTION' ? 
r_dihedral_angle_3_deg       ?     ?      ? ?    'X-RAY DIFFRACTION' ? 
r_dihedral_angle_4_deg       ?     ?      ? ?    'X-RAY DIFFRACTION' ? 
r_chiral_restr               0.122 0.200  ? 272  'X-RAY DIFFRACTION' ? 
r_gen_planes_refined         0.021 0.020  ? 804  'X-RAY DIFFRACTION' ? 
r_gen_planes_other           0.002 0.021  ? 304  'X-RAY DIFFRACTION' ? 
r_nbd_refined                ?     ?      ? ?    'X-RAY DIFFRACTION' ? 
r_nbd_other                  ?     ?      ? ?    'X-RAY DIFFRACTION' ? 
r_nbtor_refined              ?     ?      ? ?    'X-RAY DIFFRACTION' ? 
r_nbtor_other                ?     ?      ? ?    'X-RAY DIFFRACTION' ? 
r_xyhbond_nbd_refined        ?     ?      ? ?    'X-RAY DIFFRACTION' ? 
r_xyhbond_nbd_other          ?     ?      ? ?    'X-RAY DIFFRACTION' ? 
r_metal_ion_refined          ?     ?      ? ?    'X-RAY DIFFRACTION' ? 
r_metal_ion_other            ?     ?      ? ?    'X-RAY DIFFRACTION' ? 
r_symmetry_vdw_refined       ?     ?      ? ?    'X-RAY DIFFRACTION' ? 
r_symmetry_vdw_other         ?     ?      ? ?    'X-RAY DIFFRACTION' ? 
r_symmetry_hbond_refined     ?     ?      ? ?    'X-RAY DIFFRACTION' ? 
r_symmetry_hbond_other       ?     ?      ? ?    'X-RAY DIFFRACTION' ? 
r_symmetry_metal_ion_refined ?     ?      ? ?    'X-RAY DIFFRACTION' ? 
r_symmetry_metal_ion_other   ?     ?      ? ?    'X-RAY DIFFRACTION' ? 
r_mcbond_it                  ?     ?      ? ?    'X-RAY DIFFRACTION' ? 
r_mcbond_other               ?     ?      ? ?    'X-RAY DIFFRACTION' ? 
r_mcangle_it                 ?     ?      ? ?    'X-RAY DIFFRACTION' ? 
r_mcangle_other              ?     ?      ? ?    'X-RAY DIFFRACTION' ? 
r_scbond_it                  2.509 2.859  ? 1560 'X-RAY DIFFRACTION' ? 
r_scbond_other               2.508 2.863  ? 1561 'X-RAY DIFFRACTION' ? 
r_scangle_it                 ?     ?      ? ?    'X-RAY DIFFRACTION' ? 
r_scangle_other              3.573 4.290  ? 2417 'X-RAY DIFFRACTION' ? 
r_long_range_B_refined       3.933 28.171 ? 2284 'X-RAY DIFFRACTION' ? 
r_long_range_B_other         3.918 28.178 ? 2271 'X-RAY DIFFRACTION' ? 
r_rigid_bond_restr           ?     ?      ? ?    'X-RAY DIFFRACTION' ? 
r_sphericity_free            ?     ?      ? ?    'X-RAY DIFFRACTION' ? 
r_sphericity_bonded          ?     ?      ? ?    'X-RAY DIFFRACTION' ? 
# 
_refine_ls_shell.pdbx_refine_id                   'X-RAY DIFFRACTION' 
_refine_ls_shell.pdbx_total_number_of_bins_used   20 
_refine_ls_shell.d_res_high                       1.599 
_refine_ls_shell.d_res_low                        1.641 
_refine_ls_shell.number_reflns_R_work             1129 
_refine_ls_shell.R_factor_R_work                  0.307 
_refine_ls_shell.percent_reflns_obs               66.31 
_refine_ls_shell.R_factor_R_free                  0.315 
_refine_ls_shell.R_factor_R_free_error            ? 
_refine_ls_shell.percent_reflns_R_free            ? 
_refine_ls_shell.number_reflns_R_free             62 
_refine_ls_shell.number_reflns_all                ? 
_refine_ls_shell.R_factor_all                     ? 
_refine_ls_shell.R_factor_obs                     ? 
_refine_ls_shell.number_reflns_obs                ? 
# 
_struct.entry_id                     5KRG 
_struct.title                        'RNA 15mer duplex binding with PZG monomer' 
_struct.pdbx_model_details           ? 
_struct.pdbx_formula_weight          ? 
_struct.pdbx_formula_weight_method   ? 
_struct.pdbx_model_type_details      ? 
_struct.pdbx_CASP_flag               N 
# 
_struct_keywords.entry_id        5KRG 
_struct_keywords.text            RNA 
_struct_keywords.pdbx_keywords   RNA 
# 
loop_
_struct_asym.id 
_struct_asym.pdbx_blank_PDB_chainid_flag 
_struct_asym.pdbx_modified 
_struct_asym.entity_id 
_struct_asym.details 
A N N 1 ? 
B N N 1 ? 
C N N 1 ? 
D N N 1 ? 
E N N 2 ? 
F N N 2 ? 
G N N 2 ? 
H N N 2 ? 
I N N 3 ? 
J N N 3 ? 
K N N 3 ? 
L N N 3 ? 
# 
loop_
_struct_conn.id 
_struct_conn.conn_type_id 
_struct_conn.pdbx_leaving_atom_flag 
_struct_conn.pdbx_PDB_id 
_struct_conn.ptnr1_label_asym_id 
_struct_conn.ptnr1_label_comp_id 
_struct_conn.ptnr1_label_seq_id 
_struct_conn.ptnr1_label_atom_id 
_struct_conn.pdbx_ptnr1_label_alt_id 
_struct_conn.pdbx_ptnr1_PDB_ins_code 
_struct_conn.pdbx_ptnr1_standard_comp_id 
_struct_conn.ptnr1_symmetry 
_struct_conn.ptnr2_label_asym_id 
_struct_conn.ptnr2_label_comp_id 
_struct_conn.ptnr2_label_seq_id 
_struct_conn.ptnr2_label_atom_id 
_struct_conn.pdbx_ptnr2_label_alt_id 
_struct_conn.pdbx_ptnr2_PDB_ins_code 
_struct_conn.ptnr1_auth_asym_id 
_struct_conn.ptnr1_auth_comp_id 
_struct_conn.ptnr1_auth_seq_id 
_struct_conn.ptnr2_auth_asym_id 
_struct_conn.ptnr2_auth_comp_id 
_struct_conn.ptnr2_auth_seq_id 
_struct_conn.ptnr2_symmetry 
_struct_conn.pdbx_ptnr3_label_atom_id 
_struct_conn.pdbx_ptnr3_label_seq_id 
_struct_conn.pdbx_ptnr3_label_comp_id 
_struct_conn.pdbx_ptnr3_label_asym_id 
_struct_conn.pdbx_ptnr3_label_alt_id 
_struct_conn.pdbx_ptnr3_PDB_ins_code 
_struct_conn.details 
_struct_conn.pdbx_dist_value 
_struct_conn.pdbx_value_order 
_struct_conn.pdbx_role 
covale1  covale both ? A LCC 1  "O3'" ? ? ? 1_555 A LCC 2  P  ? ? A LCC 1  A LCC 2  1_555 ? ? ? ? ? ? ?            1.684 ? ? 
covale2  covale both ? A LCC 2  "O3'" ? ? ? 1_555 A LCC 3  P  ? ? A LCC 2  A LCC 3  1_555 ? ? ? ? ? ? ?            1.693 ? ? 
covale3  covale both ? A LCC 3  "O3'" ? ? ? 1_555 A LCG 4  P  ? ? A LCC 3  A LCG 4  1_555 ? ? ? ? ? ? ?            1.656 ? ? 
covale4  covale both ? A LCG 4  "O3'" ? ? ? 1_555 A A   5  P  ? ? A LCG 4  A A   5  1_555 ? ? ? ? ? ? ?            1.583 ? ? 
covale5  covale both ? B LCC 1  "O3'" ? ? ? 1_555 B LCC 2  P  ? ? B LCC 1  B LCC 2  1_555 ? ? ? ? ? ? ?            1.681 ? ? 
covale6  covale both ? B LCC 2  "O3'" ? ? ? 1_555 B LCC 3  P  ? ? B LCC 2  B LCC 3  1_555 ? ? ? ? ? ? ?            1.681 ? ? 
covale7  covale both ? B LCC 3  "O3'" ? ? ? 1_555 B LCG 4  P  ? ? B LCC 3  B LCG 4  1_555 ? ? ? ? ? ? ?            1.701 ? ? 
covale8  covale both ? B LCG 4  "O3'" ? ? ? 1_555 B A   5  P  ? ? B LCG 4  B A   5  1_555 ? ? ? ? ? ? ?            1.524 ? ? 
covale9  covale both ? C LCC 1  "O3'" ? ? ? 1_555 C LCC 2  P  ? ? C LCC 1  C LCC 2  1_555 ? ? ? ? ? ? ?            1.643 ? ? 
covale10 covale both ? C LCC 2  "O3'" ? ? ? 1_555 C LCC 3  P  ? ? C LCC 2  C LCC 3  1_555 ? ? ? ? ? ? ?            1.709 ? ? 
covale11 covale both ? C LCC 3  "O3'" ? ? ? 1_555 C LCG 4  P  ? ? C LCC 3  C LCG 4  1_555 ? ? ? ? ? ? ?            1.666 ? ? 
covale12 covale both ? C LCG 4  "O3'" ? ? ? 1_555 C A   5  P  ? ? C LCG 4  C A   5  1_555 ? ? ? ? ? ? ?            1.592 ? ? 
covale13 covale both ? D LCC 1  "O3'" ? ? ? 1_555 D LCC 2  P  ? ? D LCC 1  D LCC 2  1_555 ? ? ? ? ? ? ?            1.697 ? ? 
covale14 covale both ? D LCC 2  "O3'" ? ? ? 1_555 D LCC 3  P  ? ? D LCC 2  D LCC 3  1_555 ? ? ? ? ? ? ?            1.660 ? ? 
covale15 covale both ? D LCC 3  "O3'" ? ? ? 1_555 D LCG 4  P  ? ? D LCC 3  D LCG 4  1_555 ? ? ? ? ? ? ?            1.669 ? ? 
covale16 covale both ? D LCG 4  "O3'" ? ? ? 1_555 D A   5  P  ? ? D LCG 4  D A   5  1_555 ? ? ? ? ? ? ?            1.547 ? ? 
hydrog1  hydrog ?    ? A LCG 4  N1    ? ? ? 1_555 B C   13 N3 ? ? A LCG 4  B C   13 1_555 ? ? ? ? ? ? WATSON-CRICK ?     ? ? 
hydrog2  hydrog ?    ? A LCG 4  N2    ? ? ? 1_555 B C   13 O2 ? ? A LCG 4  B C   13 1_555 ? ? ? ? ? ? WATSON-CRICK ?     ? ? 
hydrog3  hydrog ?    ? A LCG 4  O6    ? ? ? 1_555 B C   13 N4 ? ? A LCG 4  B C   13 1_555 ? ? ? ? ? ? WATSON-CRICK ?     ? ? 
hydrog4  hydrog ?    ? A A   5  N1    ? ? ? 1_555 B U   12 N3 ? ? A A   5  B U   12 1_555 ? ? ? ? ? ? WATSON-CRICK ?     ? ? 
hydrog5  hydrog ?    ? A A   5  N6    ? ? ? 1_555 B U   12 O4 ? ? A A   5  B U   12 1_555 ? ? ? ? ? ? WATSON-CRICK ?     ? ? 
hydrog6  hydrog ?    ? A C   6  N3    ? ? ? 1_555 B G   11 N1 ? ? A C   6  B G   11 1_555 ? ? ? ? ? ? WATSON-CRICK ?     ? ? 
hydrog7  hydrog ?    ? A C   6  N4    ? ? ? 1_555 B G   11 O6 ? ? A C   6  B G   11 1_555 ? ? ? ? ? ? WATSON-CRICK ?     ? ? 
hydrog8  hydrog ?    ? A C   6  O2    ? ? ? 1_555 B G   11 N2 ? ? A C   6  B G   11 1_555 ? ? ? ? ? ? WATSON-CRICK ?     ? ? 
hydrog9  hydrog ?    ? A U   7  N3    ? ? ? 1_555 B A   10 N1 ? ? A U   7  B A   10 1_555 ? ? ? ? ? ? WATSON-CRICK ?     ? ? 
hydrog10 hydrog ?    ? A U   7  O4    ? ? ? 1_555 B A   10 N6 ? ? A U   7  B A   10 1_555 ? ? ? ? ? ? WATSON-CRICK ?     ? ? 
hydrog11 hydrog ?    ? A U   8  N3    ? ? ? 1_555 B A   9  N1 ? ? A U   8  B A   9  1_555 ? ? ? ? ? ? WATSON-CRICK ?     ? ? 
hydrog12 hydrog ?    ? A U   8  O4    ? ? ? 1_555 B A   9  N6 ? ? A U   8  B A   9  1_555 ? ? ? ? ? ? WATSON-CRICK ?     ? ? 
hydrog13 hydrog ?    ? A A   9  N1    ? ? ? 1_555 B U   8  N3 ? ? A A   9  B U   8  1_555 ? ? ? ? ? ? WATSON-CRICK ?     ? ? 
hydrog14 hydrog ?    ? A A   9  N6    ? ? ? 1_555 B U   8  O4 ? ? A A   9  B U   8  1_555 ? ? ? ? ? ? WATSON-CRICK ?     ? ? 
hydrog15 hydrog ?    ? A A   10 N1    ? ? ? 1_555 B U   7  N3 ? ? A A   10 B U   7  1_555 ? ? ? ? ? ? WATSON-CRICK ?     ? ? 
hydrog16 hydrog ?    ? A A   10 N6    ? ? ? 1_555 B U   7  O4 ? ? A A   10 B U   7  1_555 ? ? ? ? ? ? WATSON-CRICK ?     ? ? 
hydrog17 hydrog ?    ? A G   11 N1    ? ? ? 1_555 B C   6  N3 ? ? A G   11 B C   6  1_555 ? ? ? ? ? ? WATSON-CRICK ?     ? ? 
hydrog18 hydrog ?    ? A G   11 N2    ? ? ? 1_555 B C   6  O2 ? ? A G   11 B C   6  1_555 ? ? ? ? ? ? WATSON-CRICK ?     ? ? 
hydrog19 hydrog ?    ? A G   11 O6    ? ? ? 1_555 B C   6  N4 ? ? A G   11 B C   6  1_555 ? ? ? ? ? ? WATSON-CRICK ?     ? ? 
hydrog20 hydrog ?    ? A U   12 N3    ? ? ? 1_555 B A   5  N1 ? ? A U   12 B A   5  1_555 ? ? ? ? ? ? WATSON-CRICK ?     ? ? 
hydrog21 hydrog ?    ? A U   12 O4    ? ? ? 1_555 B A   5  N6 ? ? A U   12 B A   5  1_555 ? ? ? ? ? ? WATSON-CRICK ?     ? ? 
hydrog22 hydrog ?    ? A C   13 N3    ? ? ? 1_555 B LCG 4  N1 ? ? A C   13 B LCG 4  1_555 ? ? ? ? ? ? WATSON-CRICK ?     ? ? 
hydrog23 hydrog ?    ? A C   13 N4    ? ? ? 1_555 B LCG 4  O6 ? ? A C   13 B LCG 4  1_555 ? ? ? ? ? ? WATSON-CRICK ?     ? ? 
hydrog24 hydrog ?    ? A C   13 O2    ? ? ? 1_555 B LCG 4  N2 ? ? A C   13 B LCG 4  1_555 ? ? ? ? ? ? WATSON-CRICK ?     ? ? 
hydrog25 hydrog ?    ? C LCG 4  N1    ? ? ? 1_555 D C   13 N3 ? ? C LCG 4  D C   13 1_555 ? ? ? ? ? ? WATSON-CRICK ?     ? ? 
hydrog26 hydrog ?    ? C LCG 4  N2    ? ? ? 1_555 D C   13 O2 ? ? C LCG 4  D C   13 1_555 ? ? ? ? ? ? WATSON-CRICK ?     ? ? 
hydrog27 hydrog ?    ? C LCG 4  O6    ? ? ? 1_555 D C   13 N4 ? ? C LCG 4  D C   13 1_555 ? ? ? ? ? ? WATSON-CRICK ?     ? ? 
hydrog28 hydrog ?    ? C A   5  N1    ? ? ? 1_555 D U   12 N3 ? ? C A   5  D U   12 1_555 ? ? ? ? ? ? WATSON-CRICK ?     ? ? 
hydrog29 hydrog ?    ? C A   5  N6    ? ? ? 1_555 D U   12 O4 ? ? C A   5  D U   12 1_555 ? ? ? ? ? ? WATSON-CRICK ?     ? ? 
hydrog30 hydrog ?    ? C C   6  N3    ? ? ? 1_555 D G   11 N1 ? ? C C   6  D G   11 1_555 ? ? ? ? ? ? WATSON-CRICK ?     ? ? 
hydrog31 hydrog ?    ? C C   6  N4    ? ? ? 1_555 D G   11 O6 ? ? C C   6  D G   11 1_555 ? ? ? ? ? ? WATSON-CRICK ?     ? ? 
hydrog32 hydrog ?    ? C C   6  O2    ? ? ? 1_555 D G   11 N2 ? ? C C   6  D G   11 1_555 ? ? ? ? ? ? WATSON-CRICK ?     ? ? 
hydrog33 hydrog ?    ? C U   7  N3    ? ? ? 1_555 D A   10 N1 ? ? C U   7  D A   10 1_555 ? ? ? ? ? ? WATSON-CRICK ?     ? ? 
hydrog34 hydrog ?    ? C U   7  O4    ? ? ? 1_555 D A   10 N6 ? ? C U   7  D A   10 1_555 ? ? ? ? ? ? WATSON-CRICK ?     ? ? 
hydrog35 hydrog ?    ? C U   8  N3    ? ? ? 1_555 D A   9  N1 ? ? C U   8  D A   9  1_555 ? ? ? ? ? ? WATSON-CRICK ?     ? ? 
hydrog36 hydrog ?    ? C U   8  O4    ? ? ? 1_555 D A   9  N6 ? ? C U   8  D A   9  1_555 ? ? ? ? ? ? WATSON-CRICK ?     ? ? 
hydrog37 hydrog ?    ? C A   9  N1    ? ? ? 1_555 D U   8  N3 ? ? C A   9  D U   8  1_555 ? ? ? ? ? ? WATSON-CRICK ?     ? ? 
hydrog38 hydrog ?    ? C A   9  N6    ? ? ? 1_555 D U   8  O4 ? ? C A   9  D U   8  1_555 ? ? ? ? ? ? WATSON-CRICK ?     ? ? 
hydrog39 hydrog ?    ? C A   10 N1    ? ? ? 1_555 D U   7  N3 ? ? C A   10 D U   7  1_555 ? ? ? ? ? ? WATSON-CRICK ?     ? ? 
hydrog40 hydrog ?    ? C A   10 N6    ? ? ? 1_555 D U   7  O4 ? ? C A   10 D U   7  1_555 ? ? ? ? ? ? WATSON-CRICK ?     ? ? 
hydrog41 hydrog ?    ? C G   11 N1    ? ? ? 1_555 D C   6  N3 ? ? C G   11 D C   6  1_555 ? ? ? ? ? ? WATSON-CRICK ?     ? ? 
hydrog42 hydrog ?    ? C G   11 N2    ? ? ? 1_555 D C   6  O2 ? ? C G   11 D C   6  1_555 ? ? ? ? ? ? WATSON-CRICK ?     ? ? 
hydrog43 hydrog ?    ? C G   11 O6    ? ? ? 1_555 D C   6  N4 ? ? C G   11 D C   6  1_555 ? ? ? ? ? ? WATSON-CRICK ?     ? ? 
hydrog44 hydrog ?    ? C U   12 N3    ? ? ? 1_555 D A   5  N1 ? ? C U   12 D A   5  1_555 ? ? ? ? ? ? WATSON-CRICK ?     ? ? 
hydrog45 hydrog ?    ? C U   12 O4    ? ? ? 1_555 D A   5  N6 ? ? C U   12 D A   5  1_555 ? ? ? ? ? ? WATSON-CRICK ?     ? ? 
hydrog46 hydrog ?    ? C C   13 N3    ? ? ? 1_555 D LCG 4  N1 ? ? C C   13 D LCG 4  1_555 ? ? ? ? ? ? WATSON-CRICK ?     ? ? 
hydrog47 hydrog ?    ? C C   13 N4    ? ? ? 1_555 D LCG 4  O6 ? ? C C   13 D LCG 4  1_555 ? ? ? ? ? ? WATSON-CRICK ?     ? ? 
hydrog48 hydrog ?    ? C C   13 O2    ? ? ? 1_555 D LCG 4  N2 ? ? C C   13 D LCG 4  1_555 ? ? ? ? ? ? WATSON-CRICK ?     ? ? 
# 
loop_
_struct_conn_type.id 
_struct_conn_type.criteria 
_struct_conn_type.reference 
covale ? ? 
hydrog ? ? 
# 
loop_
_struct_site.id 
_struct_site.pdbx_evidence_code 
_struct_site.pdbx_auth_asym_id 
_struct_site.pdbx_auth_comp_id 
_struct_site.pdbx_auth_seq_id 
_struct_site.pdbx_auth_ins_code 
_struct_site.pdbx_num_residues 
_struct_site.details 
AC1 Software A PZG 101 ? 5 'binding site for residue PZG A 101' 
AC2 Software A PZG 102 ? 6 'binding site for residue PZG A 102' 
AC3 Software C PZG 101 ? 6 'binding site for residue PZG C 101' 
AC4 Software D PZG 101 ? 8 'binding site for residue PZG D 101' 
# 
loop_
_struct_site_gen.id 
_struct_site_gen.site_id 
_struct_site_gen.pdbx_num_res 
_struct_site_gen.label_comp_id 
_struct_site_gen.label_asym_id 
_struct_site_gen.label_seq_id 
_struct_site_gen.pdbx_auth_ins_code 
_struct_site_gen.auth_comp_id 
_struct_site_gen.auth_asym_id 
_struct_site_gen.auth_seq_id 
_struct_site_gen.label_atom_id 
_struct_site_gen.label_alt_id 
_struct_site_gen.symmetry 
_struct_site_gen.details 
1  AC1 5 LCC A 1  ? LCC A 1   . ? 1_555 ? 
2  AC1 5 LCC C 1  ? LCC C 1   . ? 1_555 ? 
3  AC1 5 LCC C 2  ? LCC C 2   . ? 1_555 ? 
4  AC1 5 G   D 15 ? G   D 15  . ? 1_555 ? 
5  AC1 5 G   D 15 ? G   D 15  . ? 3_675 ? 
6  AC2 6 G   A 15 ? G   A 15  . ? 1_555 ? 
7  AC2 6 G   A 15 ? G   A 15  . ? 3_665 ? 
8  AC2 6 HOH I .  ? HOH A 203 . ? 1_555 ? 
9  AC2 6 LCC B 1  ? LCC B 1   . ? 1_555 ? 
10 AC2 6 LCC B 2  ? LCC B 2   . ? 1_555 ? 
11 AC2 6 LCC D 1  ? LCC D 1   . ? 2_756 ? 
12 AC3 6 LCC A 1  ? LCC A 1   . ? 1_555 ? 
13 AC3 6 LCC A 2  ? LCC A 2   . ? 1_555 ? 
14 AC3 6 G   B 15 ? G   B 15  . ? 1_555 ? 
15 AC3 6 G   B 15 ? G   B 15  . ? 2_655 ? 
16 AC3 6 HOH J .  ? HOH B 102 . ? 1_555 ? 
17 AC3 6 LCC C 1  ? LCC C 1   . ? 1_555 ? 
18 AC4 8 U   A 12 ? U   A 12  . ? 1_554 ? 
19 AC4 8 C   A 13 ? C   A 13  . ? 1_554 ? 
20 AC4 8 LCC B 1  ? LCC B 1   . ? 3_774 ? 
21 AC4 8 G   C 15 ? G   C 15  . ? 1_555 ? 
22 AC4 8 G   C 15 ? G   C 15  . ? 2_765 ? 
23 AC4 8 LCC D 1  ? LCC D 1   . ? 1_555 ? 
24 AC4 8 LCC D 2  ? LCC D 2   . ? 1_555 ? 
25 AC4 8 HOH L .  ? HOH D 203 . ? 1_555 ? 
# 
_atom_sites.entry_id                    5KRG 
_atom_sites.fract_transf_matrix[1][1]   0.00476473 
_atom_sites.fract_transf_matrix[1][2]   0.00611647 
_atom_sites.fract_transf_matrix[1][3]   -0.02504351 
_atom_sites.fract_transf_matrix[2][1]   0.02221734 
_atom_sites.fract_transf_matrix[2][2]   -0.00793493 
_atom_sites.fract_transf_matrix[2][3]   -0.01143264 
_atom_sites.fract_transf_matrix[3][1]   -0.00534035 
_atom_sites.fract_transf_matrix[3][2]   -0.00997768 
_atom_sites.fract_transf_matrix[3][3]   -0.00345293 
_atom_sites.fract_transf_vector[1]      1.038295 
_atom_sites.fract_transf_vector[2]      0.666465 
_atom_sites.fract_transf_vector[3]      0.983876 
# 
loop_
_atom_type.symbol 
C 
N 
O 
P 
# 
loop_
_atom_site.group_PDB 
_atom_site.id 
_atom_site.type_symbol 
_atom_site.label_atom_id 
_atom_site.label_alt_id 
_atom_site.label_comp_id 
_atom_site.label_asym_id 
_atom_site.label_entity_id 
_atom_site.label_seq_id 
_atom_site.pdbx_PDB_ins_code 
_atom_site.Cartn_x 
_atom_site.Cartn_y 
_atom_site.Cartn_z 
_atom_site.occupancy 
_atom_site.B_iso_or_equiv 
_atom_site.pdbx_formal_charge 
_atom_site.auth_seq_id 
_atom_site.auth_comp_id 
_atom_site.auth_asym_id 
_atom_site.auth_atom_id 
_atom_site.pdbx_PDB_model_num 
HETATM 1    O "O5'" . LCC A 1 1  ? 4.497   -6.272  0.139   1.00 42.88  ?  1   LCC A "O5'" 1 
HETATM 2    C "C5'" . LCC A 1 1  ? 5.397   -7.136  0.869   1.00 44.20  ?  1   LCC A "C5'" 1 
HETATM 3    C "C4'" . LCC A 1 1  ? 4.906   -6.999  2.280   1.00 41.97  ?  1   LCC A "C4'" 1 
HETATM 4    O "O4'" . LCC A 1 1  ? 4.672   -5.641  2.742   1.00 45.75  ?  1   LCC A "O4'" 1 
HETATM 5    C "C1'" . LCC A 1 1  ? 3.711   -5.808  3.851   1.00 41.77  ?  1   LCC A "C1'" 1 
HETATM 6    N N1    . LCC A 1 1  ? 2.490   -5.019  3.703   1.00 37.51  ?  1   LCC A N1    1 
HETATM 7    C C6    . LCC A 1 1  ? 2.120   -4.440  2.481   1.00 37.61  ?  1   LCC A C6    1 
HETATM 8    C C5    . LCC A 1 1  ? 0.986   -3.675  2.445   1.00 36.29  ?  1   LCC A C5    1 
HETATM 9    C C5M   . LCC A 1 1  ? 0.603   -3.075  1.233   1.00 38.70  ?  1   LCC A C5M   1 
HETATM 10   C C4    . LCC A 1 1  ? 0.289   -3.520  3.680   1.00 34.26  ?  1   LCC A C4    1 
HETATM 11   N N4    . LCC A 1 1  ? -0.782  -2.771  3.665   1.00 34.18  ?  1   LCC A N4    1 
HETATM 12   N N3    . LCC A 1 1  ? 0.690   -4.095  4.836   1.00 33.16  ?  1   LCC A N3    1 
HETATM 13   C C2    . LCC A 1 1  ? 1.781   -4.826  4.854   1.00 40.30  ?  1   LCC A C2    1 
HETATM 14   O O2    . LCC A 1 1  ? 2.136   -5.361  5.913   1.00 34.96  ?  1   LCC A O2    1 
HETATM 15   C "C3'" . LCC A 1 1  ? 3.546   -7.572  2.455   1.00 41.84  ?  1   LCC A "C3'" 1 
HETATM 16   C "C2'" . LCC A 1 1  ? 3.474   -7.279  3.878   1.00 40.49  ?  1   LCC A "C2'" 1 
HETATM 17   O "O2'" . LCC A 1 1  ? 4.684   -7.901  4.380   1.00 42.51  ?  1   LCC A "O2'" 1 
HETATM 18   O "O3'" . LCC A 1 1  ? 3.617   -8.985  2.386   1.00 41.86  ?  1   LCC A "O3'" 1 
HETATM 19   C "C6'" . LCC A 1 1  ? 5.767   -7.740  3.330   1.00 46.41  ?  1   LCC A "C6'" 1 
HETATM 20   O "O5'" . LCC A 1 2  ? 1.395   -9.738  3.111   1.00 31.46  ?  2   LCC A "O5'" 1 
HETATM 21   C "C5'" . LCC A 1 2  ? 1.753   -10.567 4.220   1.00 28.60  ?  2   LCC A "C5'" 1 
HETATM 22   C "C4'" . LCC A 1 2  ? 0.799   -9.988  5.276   1.00 27.36  ?  2   LCC A "C4'" 1 
HETATM 23   O "O4'" . LCC A 1 2  ? 0.783   -8.528  5.435   1.00 30.93  ?  2   LCC A "O4'" 1 
HETATM 24   C "C1'" . LCC A 1 2  ? -0.452  -8.152  6.026   1.00 26.24  ?  2   LCC A "C1'" 1 
HETATM 25   N N1    . LCC A 1 2  ? -1.137  -7.307  5.059   1.00 28.95  ?  2   LCC A N1    1 
HETATM 26   C C6    . LCC A 1 2  ? -0.786  -7.238  3.689   1.00 27.38  ?  2   LCC A C6    1 
HETATM 27   C C5    . LCC A 1 2  ? -1.511  -6.378  2.907   1.00 28.24  ?  2   LCC A C5    1 
HETATM 28   C C5M   . LCC A 1 2  ? -1.237  -6.261  1.523   1.00 29.42  ?  2   LCC A C5M   1 
HETATM 29   C C4    . LCC A 1 2  ? -2.537  -5.623  3.498   1.00 27.32  ?  2   LCC A C4    1 
HETATM 30   N N4    . LCC A 1 2  ? -3.217  -4.856  2.675   1.00 28.89  ?  2   LCC A N4    1 
HETATM 31   N N3    . LCC A 1 2  ? -2.893  -5.740  4.798   1.00 27.58  ?  2   LCC A N3    1 
HETATM 32   C C2    . LCC A 1 2  ? -2.184  -6.569  5.540   1.00 27.20  ?  2   LCC A C2    1 
HETATM 33   O O2    . LCC A 1 2  ? -2.467  -6.631  6.739   1.00 26.86  ?  2   LCC A O2    1 
HETATM 34   C "C3'" . LCC A 1 2  ? -0.587  -10.209 4.954   1.00 28.27  ?  2   LCC A "C3'" 1 
HETATM 35   C "C2'" . LCC A 1 2  ? -1.114  -9.499  6.189   1.00 27.58  ?  2   LCC A "C2'" 1 
HETATM 36   O "O2'" . LCC A 1 2  ? -0.408  -10.138 7.266   1.00 29.25  ?  2   LCC A "O2'" 1 
HETATM 37   O "O3'" . LCC A 1 2  ? -0.779  -11.568 5.083   1.00 34.08  ?  2   LCC A "O3'" 1 
HETATM 38   C "C6'" . LCC A 1 2  ? 0.975   -10.611 6.654   1.00 29.71  ?  2   LCC A "C6'" 1 
HETATM 39   P P     . LCC A 1 2  ? 2.339   -9.819  1.674   1.00 35.23  ?  2   LCC A P     1 
HETATM 40   O O1P   . LCC A 1 2  ? 2.832   -11.224 1.590   1.00 35.93  ?  2   LCC A O1P   1 
HETATM 41   O O2P   . LCC A 1 2  ? 1.442   -9.131  0.504   1.00 29.69  -1 2   LCC A O2P   1 
HETATM 42   O "O5'" . LCC A 1 3  ? -3.476  -11.782 5.468   1.00 25.71  ?  3   LCC A "O5'" 1 
HETATM 43   C "C5'" . LCC A 1 3  ? -3.519  -12.207 6.797   1.00 23.57  ?  3   LCC A "C5'" 1 
HETATM 44   C "C4'" . LCC A 1 3  ? -4.618  -11.316 7.390   1.00 22.18  ?  3   LCC A "C4'" 1 
HETATM 45   O "O4'" . LCC A 1 3  ? -4.409  -9.853  7.285   1.00 24.72  ?  3   LCC A "O4'" 1 
HETATM 46   C "C1'" . LCC A 1 3  ? -5.744  -9.302  7.327   1.00 22.90  ?  3   LCC A "C1'" 1 
HETATM 47   N N1    . LCC A 1 3  ? -5.942  -8.574  6.066   1.00 23.09  ?  3   LCC A N1    1 
HETATM 48   C C6    . LCC A 1 3  ? -5.171  -8.779  4.940   1.00 22.58  ?  3   LCC A C6    1 
HETATM 49   C C5    . LCC A 1 3  ? -5.321  -8.044  3.807   1.00 23.89  ?  3   LCC A C5    1 
HETATM 50   C C5M   . LCC A 1 3  ? -4.508  -8.354  2.682   1.00 23.16  ?  3   LCC A C5M   1 
HETATM 51   C C4    . LCC A 1 3  ? -6.385  -7.085  3.831   1.00 23.23  ?  3   LCC A C4    1 
HETATM 52   N N4    . LCC A 1 3  ? -6.573  -6.307  2.745   1.00 23.05  ?  3   LCC A N4    1 
HETATM 53   N N3    . LCC A 1 3  ? -7.128  -6.919  4.960   1.00 21.82  ?  3   LCC A N3    1 
HETATM 54   C C2    . LCC A 1 3  ? -6.947  -7.680  6.039   1.00 22.98  ?  3   LCC A C2    1 
HETATM 55   O O2    . LCC A 1 3  ? -7.693  -7.509  7.024   1.00 21.43  ?  3   LCC A O2    1 
HETATM 56   C "C3'" . LCC A 1 3  ? -5.923  -11.483 6.801   1.00 23.11  ?  3   LCC A "C3'" 1 
HETATM 57   C "C2'" . LCC A 1 3  ? -6.587  -10.490 7.579   1.00 21.51  ?  3   LCC A "C2'" 1 
HETATM 58   O "O2'" . LCC A 1 3  ? -6.252  -10.850 8.932   1.00 24.51  ?  3   LCC A "O2'" 1 
HETATM 59   O "O3'" . LCC A 1 3  ? -6.428  -12.833 7.107   1.00 25.27  ?  3   LCC A "O3'" 1 
HETATM 60   C "C6'" . LCC A 1 3  ? -4.881  -11.537 8.819   1.00 23.81  ?  3   LCC A "C6'" 1 
HETATM 61   P P     . LCC A 1 3  ? -2.232  -12.238 4.530   1.00 29.22  ?  3   LCC A P     1 
HETATM 62   O O1P   . LCC A 1 3  ? -2.136  -13.747 4.712   1.00 27.73  ?  3   LCC A O1P   1 
HETATM 63   O O2P   . LCC A 1 3  ? -2.637  -11.651 3.161   1.00 27.94  -1 3   LCC A O2P   1 
HETATM 64   P P     . LCG A 1 4  ? -7.412  -13.607 6.023   1.00 27.29  ?  4   LCG A P     1 
HETATM 65   O OP1   . LCG A 1 4  ? -7.523  -14.940 6.660   1.00 26.65  ?  4   LCG A OP1   1 
HETATM 66   O "O5'" . LCG A 1 4  ? -8.809  -12.788 6.165   1.00 24.16  ?  4   LCG A "O5'" 1 
HETATM 67   C "C5'" . LCG A 1 4  ? -9.461  -12.734 7.393   1.00 21.72  ?  4   LCG A "C5'" 1 
HETATM 68   C "C3'" . LCG A 1 4  ? -11.453 -11.902 5.987   1.00 22.60  ?  4   LCG A "C3'" 1 
HETATM 69   C "C6'" . LCG A 1 4  ? -11.596 -11.677 8.353   1.00 24.10  ?  4   LCG A "C6'" 1 
HETATM 70   N N9    . LCG A 1 4  ? -10.613 -9.185  5.189   1.00 22.10  ?  4   LCG A N9    1 
HETATM 71   C C8    . LCG A 1 4  ? -9.469  -9.601  4.542   1.00 21.35  ?  4   LCG A C8    1 
HETATM 72   C C4    . LCG A 1 4  ? -11.182 -8.190  4.483   1.00 21.27  ?  4   LCG A C4    1 
HETATM 73   N N7    . LCG A 1 4  ? -9.361  -8.882  3.439   1.00 22.48  ?  4   LCG A N7    1 
HETATM 74   C C5    . LCG A 1 4  ? -10.380 -7.989  3.398   1.00 21.70  ?  4   LCG A C5    1 
HETATM 75   C C6    . LCG A 1 4  ? -10.672 -7.031  2.472   1.00 23.91  ?  4   LCG A C6    1 
HETATM 76   C "C2'" . LCG A 1 4  ? -12.281 -10.676 6.314   1.00 22.37  ?  4   LCG A "C2'" 1 
HETATM 77   O O6    . LCG A 1 4  ? -10.017 -6.794  1.453   1.00 22.65  ?  4   LCG A O6    1 
HETATM 78   C "C4'" . LCG A 1 4  ? -10.621 -11.775 7.178   1.00 23.42  ?  4   LCG A "C4'" 1 
HETATM 79   C "C1'" . LCG A 1 4  ? -11.134 -9.694  6.410   1.00 23.96  ?  4   LCG A "C1'" 1 
HETATM 80   C C2    . LCG A 1 4  ? -12.604 -6.517  3.768   1.00 22.66  ?  4   LCG A C2    1 
HETATM 81   N N1    . LCG A 1 4  ? -11.778 -6.312  2.696   1.00 23.29  ?  4   LCG A N1    1 
HETATM 82   O "O4'" . LCG A 1 4  ? -10.011 -10.463 7.002   1.00 24.84  ?  4   LCG A "O4'" 1 
HETATM 83   O OP2   . LCG A 1 4  ? -6.961  -13.455 4.598   1.00 25.80  -1 4   LCG A OP2   1 
HETATM 84   N N2    . LCG A 1 4  ? -13.699 -5.741  3.876   1.00 24.62  ?  4   LCG A N2    1 
HETATM 85   N N3    . LCG A 1 4  ? -12.351 -7.493  4.714   1.00 22.89  ?  4   LCG A N3    1 
HETATM 86   O "O2'" . LCG A 1 4  ? -12.756 -10.971 7.704   1.00 24.88  ?  4   LCG A "O2'" 1 
HETATM 87   O "O3'" . LCG A 1 4  ? -12.177 -13.154 6.022   1.00 22.45  ?  4   LCG A "O3'" 1 
ATOM   88   P P     . A   A 1 5  ? -12.702 -13.898 4.727   1.00 23.52  ?  5   A   A P     1 
ATOM   89   O OP1   . A   A 1 5  ? -13.142 -15.268 5.181   1.00 24.12  ?  5   A   A OP1   1 
ATOM   90   O OP2   . A   A 1 5  ? -11.766 -13.800 3.579   1.00 26.20  -1 5   A   A OP2   1 
ATOM   91   O "O5'" . A   A 1 5  ? -13.984 -13.048 4.285   1.00 24.32  ?  5   A   A "O5'" 1 
ATOM   92   C "C5'" . A   A 1 5  ? -15.057 -12.846 5.172   1.00 24.86  ?  5   A   A "C5'" 1 
ATOM   93   C "C4'" . A   A 1 5  ? -15.958 -11.725 4.657   1.00 22.59  ?  5   A   A "C4'" 1 
ATOM   94   O "O4'" . A   A 1 5  ? -15.259 -10.451 4.673   1.00 25.10  ?  5   A   A "O4'" 1 
ATOM   95   C "C3'" . A   A 1 5  ? -16.418 -11.852 3.209   1.00 21.32  ?  5   A   A "C3'" 1 
ATOM   96   O "O3'" . A   A 1 5  ? -17.527 -12.723 3.155   1.00 22.18  ?  5   A   A "O3'" 1 
ATOM   97   C "C2'" . A   A 1 5  ? -16.787 -10.399 2.905   1.00 22.21  ?  5   A   A "C2'" 1 
ATOM   98   O "O2'" . A   A 1 5  ? -17.953 -10.115 3.681   1.00 24.71  ?  5   A   A "O2'" 1 
ATOM   99   C "C1'" . A   A 1 5  ? -15.597 -9.674  3.510   1.00 23.66  ?  5   A   A "C1'" 1 
ATOM   100  N N9    . A   A 1 5  ? -14.444 -9.606  2.603   1.00 22.65  ?  5   A   A N9    1 
ATOM   101  C C8    . A   A 1 5  ? -13.353 -10.439 2.512   1.00 22.36  ?  5   A   A C8    1 
ATOM   102  N N7    . A   A 1 5  ? -12.514 -10.108 1.560   1.00 22.85  ?  5   A   A N7    1 
ATOM   103  C C5    . A   A 1 5  ? -13.116 -9.014  0.952   1.00 22.06  ?  5   A   A C5    1 
ATOM   104  C C6    . A   A 1 5  ? -12.683 -8.148  -0.078  1.00 24.37  ?  5   A   A C6    1 
ATOM   105  N N6    . A   A 1 5  ? -11.570 -8.348  -0.791  1.00 21.97  ?  5   A   A N6    1 
ATOM   106  N N1    . A   A 1 5  ? -13.499 -7.134  -0.430  1.00 22.78  ?  5   A   A N1    1 
ATOM   107  C C2    . A   A 1 5  ? -14.619 -6.951  0.274   1.00 22.12  ?  5   A   A C2    1 
ATOM   108  N N3    . A   A 1 5  ? -15.112 -7.670  1.290   1.00 25.28  ?  5   A   A N3    1 
ATOM   109  C C4    . A   A 1 5  ? -14.285 -8.677  1.603   1.00 23.16  ?  5   A   A C4    1 
ATOM   110  P P     . C   A 1 6  ? -17.852 -13.606 1.862   1.00 25.91  ?  6   C   A P     1 
ATOM   111  O OP1   . C   A 1 6  ? -18.937 -14.570 2.268   1.00 24.74  ?  6   C   A OP1   1 
ATOM   112  O OP2   . C   A 1 6  ? -16.584 -14.123 1.250   1.00 27.27  -1 6   C   A OP2   1 
ATOM   113  O "O5'" . C   A 1 6  ? -18.400 -12.533 0.804   1.00 26.05  ?  6   C   A "O5'" 1 
ATOM   114  C "C5'" . C   A 1 6  ? -19.611 -11.788 1.058   1.00 25.79  ?  6   C   A "C5'" 1 
ATOM   115  C "C4'" . C   A 1 6  ? -19.665 -10.544 0.204   1.00 26.65  ?  6   C   A "C4'" 1 
ATOM   116  O "O4'" . C   A 1 6  ? -18.481 -9.745  0.400   1.00 26.68  ?  6   C   A "O4'" 1 
ATOM   117  C "C3'" . C   A 1 6  ? -19.659 -10.795 -1.303  1.00 24.99  ?  6   C   A "C3'" 1 
ATOM   118  O "O3'" . C   A 1 6  ? -20.946 -11.202 -1.736  1.00 28.04  ?  6   C   A "O3'" 1 
ATOM   119  C "C2'" . C   A 1 6  ? -19.187 -9.459  -1.819  1.00 25.26  ?  6   C   A "C2'" 1 
ATOM   120  O "O2'" . C   A 1 6  ? -20.188 -8.480  -1.804  1.00 28.05  ?  6   C   A "O2'" 1 
ATOM   121  C "C1'" . C   A 1 6  ? -18.080 -9.141  -0.816  1.00 24.98  ?  6   C   A "C1'" 1 
ATOM   122  N N1    . C   A 1 6  ? -16.734 -9.651  -1.207  1.00 23.03  ?  6   C   A N1    1 
ATOM   123  C C2    . C   A 1 6  ? -16.014 -8.899  -2.144  1.00 23.92  ?  6   C   A C2    1 
ATOM   124  O O2    . C   A 1 6  ? -16.514 -7.853  -2.585  1.00 23.08  ?  6   C   A O2    1 
ATOM   125  N N3    . C   A 1 6  ? -14.775 -9.285  -2.489  1.00 22.68  ?  6   C   A N3    1 
ATOM   126  C C4    . C   A 1 6  ? -14.266 -10.415 -1.998  1.00 25.71  ?  6   C   A C4    1 
ATOM   127  N N4    . C   A 1 6  ? -13.052 -10.770 -2.394  1.00 23.14  ?  6   C   A N4    1 
ATOM   128  C C5    . C   A 1 6  ? -14.983 -11.223 -1.063  1.00 24.51  ?  6   C   A C5    1 
ATOM   129  C C6    . C   A 1 6  ? -16.208 -10.805 -0.700  1.00 23.82  ?  6   C   A C6    1 
ATOM   130  P P     . U   A 1 7  ? -21.118 -11.997 -3.099  1.00 27.72  ?  7   U   A P     1 
ATOM   131  O OP1   . U   A 1 7  ? -22.584 -12.301 -3.208  1.00 30.13  ?  7   U   A OP1   1 
ATOM   132  O OP2   . U   A 1 7  ? -20.149 -13.106 -3.170  1.00 26.75  -1 7   U   A OP2   1 
ATOM   133  O "O5'" . U   A 1 7  ? -20.686 -10.981 -4.230  1.00 27.34  ?  7   U   A "O5'" 1 
ATOM   134  C "C5'" . U   A 1 7  ? -21.457 -9.835  -4.552  1.00 25.66  ?  7   U   A "C5'" 1 
ATOM   135  C "C4'" . U   A 1 7  ? -20.836 -9.083  -5.706  1.00 26.14  ?  7   U   A "C4'" 1 
ATOM   136  O "O4'" . U   A 1 7  ? -19.522 -8.569  -5.354  1.00 25.05  ?  7   U   A "O4'" 1 
ATOM   137  C "C3'" . U   A 1 7  ? -20.597 -9.876  -6.978  1.00 25.03  ?  7   U   A "C3'" 1 
ATOM   138  O "O3'" . U   A 1 7  ? -21.784 -9.988  -7.774  1.00 26.18  ?  7   U   A "O3'" 1 
ATOM   139  C "C2'" . U   A 1 7  ? -19.561 -9.020  -7.676  1.00 23.32  ?  7   U   A "C2'" 1 
ATOM   140  O "O2'" . U   A 1 7  ? -20.103 -7.863  -8.235  1.00 25.36  ?  7   U   A "O2'" 1 
ATOM   141  C "C1'" . U   A 1 7  ? -18.672 -8.646  -6.503  1.00 23.65  ?  7   U   A "C1'" 1 
ATOM   142  N N1    . U   A 1 7  ? -17.581 -9.571  -6.195  1.00 20.74  ?  7   U   A N1    1 
ATOM   143  C C2    . U   A 1 7  ? -16.442 -9.428  -6.959  1.00 21.03  ?  7   U   A C2    1 
ATOM   144  O O2    . U   A 1 7  ? -16.403 -8.736  -7.941  1.00 24.11  ?  7   U   A O2    1 
ATOM   145  N N3    . U   A 1 7  ? -15.384 -10.210 -6.575  1.00 20.57  ?  7   U   A N3    1 
ATOM   146  C C4    . U   A 1 7  ? -15.314 -11.039 -5.497  1.00 22.87  ?  7   U   A C4    1 
ATOM   147  O O4    . U   A 1 7  ? -14.271 -11.651 -5.287  1.00 22.90  ?  7   U   A O4    1 
ATOM   148  C C5    . U   A 1 7  ? -16.533 -11.150 -4.751  1.00 23.56  ?  7   U   A C5    1 
ATOM   149  C C6    . U   A 1 7  ? -17.585 -10.397 -5.092  1.00 23.01  ?  7   U   A C6    1 
ATOM   150  P P     . U   A 1 8  ? -22.172 -11.358 -8.393  1.00 26.72  ?  8   U   A P     1 
ATOM   151  O OP1   . U   A 1 8  ? -23.563 -11.193 -8.962  1.00 28.65  ?  8   U   A OP1   1 
ATOM   152  O OP2   . U   A 1 8  ? -21.878 -12.466 -7.478  1.00 25.41  -1 8   U   A OP2   1 
ATOM   153  O "O5'" . U   A 1 8  ? -21.115 -11.510 -9.587  1.00 25.83  ?  8   U   A "O5'" 1 
ATOM   154  C "C5'" . U   A 1 8  ? -21.324 -10.628 -10.713 1.00 25.70  ?  8   U   A "C5'" 1 
ATOM   155  C "C4'" . U   A 1 8  ? -20.163 -10.704 -11.659 1.00 24.02  ?  8   U   A "C4'" 1 
ATOM   156  O "O4'" . U   A 1 8  ? -19.000 -10.097 -11.074 1.00 25.04  ?  8   U   A "O4'" 1 
ATOM   157  C "C3'" . U   A 1 8  ? -19.707 -12.099 -12.020 1.00 22.63  ?  8   U   A "C3'" 1 
ATOM   158  O "O3'" . U   A 1 8  ? -20.604 -12.710 -12.978 1.00 24.00  ?  8   U   A "O3'" 1 
ATOM   159  C "C2'" . U   A 1 8  ? -18.325 -11.782 -12.571 1.00 22.46  ?  8   U   A "C2'" 1 
ATOM   160  O "O2'" . U   A 1 8  ? -18.413 -11.115 -13.829 1.00 27.09  ?  8   U   A "O2'" 1 
ATOM   161  C "C1'" . U   A 1 8  ? -17.831 -10.751 -11.564 1.00 22.84  ?  8   U   A "C1'" 1 
ATOM   162  N N1    . U   A 1 8  ? -17.154 -11.456 -10.450 1.00 22.80  ?  8   U   A N1    1 
ATOM   163  C C2    . U   A 1 8  ? -15.839 -11.795 -10.673 1.00 23.11  ?  8   U   A C2    1 
ATOM   164  O O2    . U   A 1 8  ? -15.232 -11.458 -11.656 1.00 26.05  ?  8   U   A O2    1 
ATOM   165  N N3    . U   A 1 8  ? -15.239 -12.480 -9.657  1.00 22.38  ?  8   U   A N3    1 
ATOM   166  C C4    . U   A 1 8  ? -15.800 -12.891 -8.476  1.00 24.90  ?  8   U   A C4    1 
ATOM   167  O O4    . U   A 1 8  ? -15.113 -13.531 -7.681  1.00 23.07  ?  8   U   A O4    1 
ATOM   168  C C5    . U   A 1 8  ? -17.177 -12.554 -8.326  1.00 23.35  ?  8   U   A C5    1 
ATOM   169  C C6    . U   A 1 8  ? -17.798 -11.858 -9.301  1.00 24.40  ?  8   U   A C6    1 
ATOM   170  P P     . A   A 1 9  ? -20.827 -14.242 -13.106 1.00 25.36  ?  9   A   A P     1 
ATOM   171  O OP1   . A   A 1 9  ? -21.918 -14.495 -14.153 1.00 27.08  ?  9   A   A OP1   1 
ATOM   172  O OP2   . A   A 1 9  ? -20.918 -14.886 -11.778 1.00 27.14  -1 9   A   A OP2   1 
ATOM   173  O "O5'" . A   A 1 9  ? -19.446 -14.817 -13.663 1.00 24.79  ?  9   A   A "O5'" 1 
ATOM   174  C "C5'" . A   A 1 9  ? -19.053 -14.464 -14.987 1.00 23.25  ?  9   A   A "C5'" 1 
ATOM   175  C "C4'" . A   A 1 9  ? -17.631 -14.910 -15.207 1.00 23.78  ?  9   A   A "C4'" 1 
ATOM   176  O "O4'" . A   A 1 9  ? -16.767 -14.228 -14.284 1.00 25.03  ?  9   A   A "O4'" 1 
ATOM   177  C "C3'" . A   A 1 9  ? -17.314 -16.377 -14.977 1.00 24.30  ?  9   A   A "C3'" 1 
ATOM   178  O "O3'" . A   A 1 9  ? -17.650 -17.153 -16.128 1.00 23.71  ?  9   A   A "O3'" 1 
ATOM   179  C "C2'" . A   A 1 9  ? -15.801 -16.316 -14.838 1.00 22.76  ?  9   A   A "C2'" 1 
ATOM   180  O "O2'" . A   A 1 9  ? -15.177 -16.010 -16.066 1.00 24.99  ?  9   A   A "O2'" 1 
ATOM   181  C "C1'" . A   A 1 9  ? -15.660 -15.065 -13.974 1.00 23.14  ?  9   A   A "C1'" 1 
ATOM   182  N N9    . A   A 1 9  ? -15.721 -15.378 -12.558 1.00 22.43  ?  9   A   A N9    1 
ATOM   183  C C8    . A   A 1 9  ? -16.716 -15.169 -11.638 1.00 22.69  ?  9   A   A C8    1 
ATOM   184  N N7    . A   A 1 9  ? -16.395 -15.559 -10.423 1.00 23.67  ?  9   A   A N7    1 
ATOM   185  C C5    . A   A 1 9  ? -15.062 -15.931 -10.540 1.00 20.87  ?  9   A   A C5    1 
ATOM   186  C C6    . A   A 1 9  ? -14.105 -16.338 -9.593  1.00 20.81  ?  9   A   A C6    1 
ATOM   187  N N6    . A   A 1 9  ? -14.374 -16.491 -8.310  1.00 22.33  ?  9   A   A N6    1 
ATOM   188  N N1    . A   A 1 9  ? -12.864 -16.635 -10.038 1.00 22.35  ?  9   A   A N1    1 
ATOM   189  C C2    . A   A 1 9  ? -12.620 -16.522 -11.351 1.00 20.56  ?  9   A   A C2    1 
ATOM   190  N N3    . A   A 1 9  ? -13.403 -16.058 -12.315 1.00 24.71  ?  9   A   A N3    1 
ATOM   191  C C4    . A   A 1 9  ? -14.628 -15.787 -11.839 1.00 22.44  ?  9   A   A C4    1 
ATOM   192  P P     . A   A 1 10 ? -17.946 -18.682 -16.023 1.00 24.92  ?  10  A   A P     1 
ATOM   193  O OP1   . A   A 1 10 ? -18.467 -19.151 -17.332 1.00 24.87  ?  10  A   A OP1   1 
ATOM   194  O OP2   . A   A 1 10 ? -18.761 -18.966 -14.810 1.00 24.62  -1 10  A   A OP2   1 
ATOM   195  O "O5'" . A   A 1 10 ? -16.526 -19.347 -15.708 1.00 23.88  ?  10  A   A "O5'" 1 
ATOM   196  C "C5'" . A   A 1 10 ? -15.583 -19.509 -16.768 1.00 23.10  ?  10  A   A "C5'" 1 
ATOM   197  C "C4'" . A   A 1 10 ? -14.296 -20.072 -16.226 1.00 22.83  ?  10  A   A "C4'" 1 
ATOM   198  O "O4'" . A   A 1 10 ? -13.731 -19.164 -15.256 1.00 23.27  ?  10  A   A "O4'" 1 
ATOM   199  C "C3'" . A   A 1 10 ? -14.370 -21.383 -15.453 1.00 23.83  ?  10  A   A "C3'" 1 
ATOM   200  O "O3'" . A   A 1 10 ? -14.448 -22.453 -16.344 1.00 25.66  ?  10  A   A "O3'" 1 
ATOM   201  C "C2'" . A   A 1 10 ? -13.040 -21.349 -14.718 1.00 25.18  ?  10  A   A "C2'" 1 
ATOM   202  O "O2'" . A   A 1 10 ? -11.960 -21.532 -15.612 1.00 26.07  ?  10  A   A "O2'" 1 
ATOM   203  C "C1'" . A   A 1 10 ? -13.032 -19.903 -14.253 1.00 26.23  ?  10  A   A "C1'" 1 
ATOM   204  N N9    . A   A 1 10 ? -13.734 -19.738 -12.987 1.00 24.13  ?  10  A   A N9    1 
ATOM   205  C C8    . A   A 1 10 ? -15.026 -19.334 -12.725 1.00 25.07  ?  10  A   A C8    1 
ATOM   206  N N7    . A   A 1 10 ? -15.335 -19.347 -11.447 1.00 23.84  ?  10  A   A N7    1 
ATOM   207  C C5    . A   A 1 10 ? -14.155 -19.744 -10.828 1.00 25.36  ?  10  A   A C5    1 
ATOM   208  C C6    . A   A 1 10 ? -13.804 -19.930 -9.475  1.00 23.60  ?  10  A   A C6    1 
ATOM   209  N N6    . A   A 1 10 ? -14.631 -19.721 -8.455  1.00 24.65  ?  10  A   A N6    1 
ATOM   210  N N1    . A   A 1 10 ? -12.554 -20.368 -9.207  1.00 23.56  ?  10  A   A N1    1 
ATOM   211  C C2    . A   A 1 10 ? -11.716 -20.586 -10.226 1.00 23.53  ?  10  A   A C2    1 
ATOM   212  N N3    . A   A 1 10 ? -11.928 -20.459 -11.531 1.00 24.90  ?  10  A   A N3    1 
ATOM   213  C C4    . A   A 1 10 ? -13.183 -20.035 -11.768 1.00 24.89  ?  10  A   A C4    1 
ATOM   214  P P     . G   A 1 11 ? -15.169 -23.822 -15.870 1.00 29.48  ?  11  G   A P     1 
ATOM   215  O OP1   . G   A 1 11 ? -15.328 -24.693 -17.060 1.00 29.74  ?  11  G   A OP1   1 
ATOM   216  O OP2   . G   A 1 11 ? -16.301 -23.498 -14.946 1.00 29.14  -1 11  G   A OP2   1 
ATOM   217  O "O5'" . G   A 1 11 ? -14.142 -24.441 -14.849 1.00 27.06  ?  11  G   A "O5'" 1 
ATOM   218  C "C5'" . G   A 1 11 ? -12.839 -24.879 -15.294 1.00 29.58  ?  11  G   A "C5'" 1 
ATOM   219  C "C4'" . G   A 1 11 ? -11.974 -25.216 -14.123 1.00 30.39  ?  11  G   A "C4'" 1 
ATOM   220  O "O4'" . G   A 1 11 ? -11.840 -24.070 -13.229 1.00 29.57  ?  11  G   A "O4'" 1 
ATOM   221  C "C3'" . G   A 1 11 ? -12.520 -26.288 -13.203 1.00 29.34  ?  11  G   A "C3'" 1 
ATOM   222  O "O3'" . G   A 1 11 ? -12.336 -27.579 -13.757 1.00 33.51  ?  11  G   A "O3'" 1 
ATOM   223  C "C2'" . G   A 1 11 ? -11.664 -26.047 -11.983 1.00 27.21  ?  11  G   A "C2'" 1 
ATOM   224  O "O2'" . G   A 1 11 ? -10.304 -26.394 -12.176 1.00 30.28  ?  11  G   A "O2'" 1 
ATOM   225  C "C1'" . G   A 1 11 ? -11.751 -24.532 -11.886 1.00 27.45  ?  11  G   A "C1'" 1 
ATOM   226  N N9    . G   A 1 11 ? -12.891 -24.034 -11.106 1.00 25.68  ?  11  G   A N9    1 
ATOM   227  C C8    . G   A 1 11 ? -14.072 -23.494 -11.543 1.00 24.95  ?  11  G   A C8    1 
ATOM   228  N N7    . G   A 1 11 ? -14.849 -23.112 -10.568 1.00 26.14  ?  11  G   A N7    1 
ATOM   229  C C5    . G   A 1 11 ? -14.129 -23.407 -9.416  1.00 25.42  ?  11  G   A C5    1 
ATOM   230  C C6    . G   A 1 11 ? -14.472 -23.242 -8.057  1.00 24.36  ?  11  G   A C6    1 
ATOM   231  O O6    . G   A 1 11 ? -15.499 -22.760 -7.583  1.00 26.50  ?  11  G   A O6    1 
ATOM   232  N N1    . G   A 1 11 ? -13.464 -23.693 -7.215  1.00 26.53  ?  11  G   A N1    1 
ATOM   233  C C2    . G   A 1 11 ? -12.277 -24.252 -7.633  1.00 28.63  ?  11  G   A C2    1 
ATOM   234  N N2    . G   A 1 11 ? -11.429 -24.643 -6.674  1.00 29.75  ?  11  G   A N2    1 
ATOM   235  N N3    . G   A 1 11 ? -11.939 -24.393 -8.905  1.00 28.89  ?  11  G   A N3    1 
ATOM   236  C C4    . G   A 1 11 ? -12.922 -23.982 -9.732  1.00 24.26  ?  11  G   A C4    1 
ATOM   237  P P     . U   A 1 12 ? -13.246 -28.774 -13.329 1.00 31.74  ?  12  U   A P     1 
ATOM   238  O OP1   . U   A 1 12 ? -12.896 -29.987 -14.191 1.00 33.01  ?  12  U   A OP1   1 
ATOM   239  O OP2   . U   A 1 12 ? -14.669 -28.378 -13.301 1.00 31.79  -1 12  U   A OP2   1 
ATOM   240  O "O5'" . U   A 1 12 ? -12.813 -29.111 -11.837 1.00 30.60  ?  12  U   A "O5'" 1 
ATOM   241  C "C5'" . U   A 1 12 ? -11.530 -29.668 -11.531 1.00 29.48  ?  12  U   A "C5'" 1 
ATOM   242  C "C4'" . U   A 1 12 ? -11.343 -29.729 -10.046 1.00 31.92  ?  12  U   A "C4'" 1 
ATOM   243  O "O4'" . U   A 1 12 ? -11.398 -28.386 -9.483  1.00 31.11  ?  12  U   A "O4'" 1 
ATOM   244  C "C3'" . U   A 1 12 ? -12.414 -30.472 -9.260  1.00 31.61  ?  12  U   A "C3'" 1 
ATOM   245  O "O3'" . U   A 1 12 ? -12.170 -31.876 -9.323  1.00 32.30  ?  12  U   A "O3'" 1 
ATOM   246  C "C2'" . U   A 1 12 ? -12.162 -29.924 -7.862  1.00 29.40  ?  12  U   A "C2'" 1 
ATOM   247  O "O2'" . U   A 1 12 ? -10.965 -30.380 -7.302  1.00 29.82  ?  12  U   A "O2'" 1 
ATOM   248  C "C1'" . U   A 1 12 ? -11.958 -28.443 -8.163  1.00 29.11  ?  12  U   A "C1'" 1 
ATOM   249  N N1    . U   A 1 12 ? -13.229 -27.698 -8.144  1.00 26.63  ?  12  U   A N1    1 
ATOM   250  C C2    . U   A 1 12 ? -13.730 -27.351 -6.907  1.00 26.76  ?  12  U   A C2    1 
ATOM   251  O O2    . U   A 1 12 ? -13.164 -27.627 -5.865  1.00 25.82  ?  12  U   A O2    1 
ATOM   252  N N3    . U   A 1 12 ? -14.920 -26.668 -6.938  1.00 28.05  ?  12  U   A N3    1 
ATOM   253  C C4    . U   A 1 12 ? -15.647 -26.313 -8.048  1.00 26.04  ?  12  U   A C4    1 
ATOM   254  O O4    . U   A 1 12 ? -16.690 -25.686 -7.908  1.00 27.04  ?  12  U   A O4    1 
ATOM   255  C C5    . U   A 1 12 ? -15.081 -26.744 -9.295  1.00 26.61  ?  12  U   A C5    1 
ATOM   256  C C6    . U   A 1 12 ? -13.921 -27.403 -9.297  1.00 28.03  ?  12  U   A C6    1 
ATOM   257  P P     . C   A 1 13 ? -13.338 -32.884 -9.159  1.00 33.61  ?  13  C   A P     1 
ATOM   258  O OP1   . C   A 1 13 ? -12.733 -34.250 -9.355  1.00 38.10  ?  13  C   A OP1   1 
ATOM   259  O OP2   . C   A 1 13 ? -14.543 -32.437 -9.869  1.00 31.56  -1 13  C   A OP2   1 
ATOM   260  O "O5'" . C   A 1 13 ? -13.746 -32.790 -7.605  1.00 27.20  ?  13  C   A "O5'" 1 
ATOM   261  C "C5'" . C   A 1 13 ? -12.756 -33.185 -6.632  1.00 28.87  ?  13  C   A "C5'" 1 
ATOM   262  C "C4'" . C   A 1 13 ? -13.218 -32.760 -5.265  1.00 29.52  ?  13  C   A "C4'" 1 
ATOM   263  O "O4'" . C   A 1 13 ? -13.356 -31.310 -5.205  1.00 26.61  ?  13  C   A "O4'" 1 
ATOM   264  C "C3'" . C   A 1 13 ? -14.603 -33.228 -4.873  1.00 27.72  ?  13  C   A "C3'" 1 
ATOM   265  O "O3'" . C   A 1 13 ? -14.580 -34.553 -4.431  1.00 28.45  ?  13  C   A "O3'" 1 
ATOM   266  C "C2'" . C   A 1 13 ? -14.886 -32.285 -3.722  1.00 24.61  ?  13  C   A "C2'" 1 
ATOM   267  O "O2'" . C   A 1 13 ? -14.048 -32.483 -2.598  1.00 25.21  ?  13  C   A "O2'" 1 
ATOM   268  C "C1'" . C   A 1 13 ? -14.416 -30.977 -4.322  1.00 23.68  ?  13  C   A "C1'" 1 
ATOM   269  N N1    . C   A 1 13 ? -15.478 -30.296 -5.051  1.00 23.19  ?  13  C   A N1    1 
ATOM   270  C C2    . C   A 1 13 ? -16.352 -29.507 -4.299  1.00 24.68  ?  13  C   A C2    1 
ATOM   271  O O2    . C   A 1 13 ? -16.211 -29.474 -3.068  1.00 22.46  ?  13  C   A O2    1 
ATOM   272  N N3    . C   A 1 13 ? -17.349 -28.844 -4.926  1.00 23.76  ?  13  C   A N3    1 
ATOM   273  C C4    . C   A 1 13 ? -17.479 -28.940 -6.255  1.00 25.22  ?  13  C   A C4    1 
ATOM   274  N N4    . C   A 1 13 ? -18.456 -28.256 -6.841  1.00 25.58  ?  13  C   A N4    1 
ATOM   275  C C5    . C   A 1 13 ? -16.588 -29.723 -7.047  1.00 24.93  ?  13  C   A C5    1 
ATOM   276  C C6    . C   A 1 13 ? -15.602 -30.365 -6.408  1.00 24.08  ?  13  C   A C6    1 
ATOM   277  P P     . G   A 1 14 ? -15.839 -35.483 -4.671  1.00 28.44  ?  14  G   A P     1 
ATOM   278  O OP1   . G   A 1 14 ? -15.451 -36.821 -4.156  1.00 29.16  ?  14  G   A OP1   1 
ATOM   279  O OP2   . G   A 1 14 ? -16.417 -35.306 -6.009  1.00 28.73  -1 14  G   A OP2   1 
ATOM   280  O "O5'" . G   A 1 14 ? -16.949 -34.908 -3.706  1.00 25.88  ?  14  G   A "O5'" 1 
ATOM   281  C "C5'" . G   A 1 14 ? -16.771 -35.013 -2.298  1.00 27.35  ?  14  G   A "C5'" 1 
ATOM   282  C "C4'" . G   A 1 14 ? -17.795 -34.176 -1.599  1.00 26.02  ?  14  G   A "C4'" 1 
ATOM   283  O "O4'" . G   A 1 14 ? -17.695 -32.752 -1.928  1.00 24.71  ?  14  G   A "O4'" 1 
ATOM   284  C "C3'" . G   A 1 14 ? -19.247 -34.486 -1.889  1.00 26.24  ?  14  G   A "C3'" 1 
ATOM   285  O "O3'" . G   A 1 14 ? -19.552 -35.729 -1.289  1.00 29.40  ?  14  G   A "O3'" 1 
ATOM   286  C "C2'" . G   A 1 14 ? -19.914 -33.277 -1.257  1.00 24.22  ?  14  G   A "C2'" 1 
ATOM   287  O "O2'" . G   A 1 14 ? -19.963 -33.371 0.160   1.00 24.79  ?  14  G   A "O2'" 1 
ATOM   288  C "C1'" . G   A 1 14 ? -18.977 -32.162 -1.726  1.00 24.84  ?  14  G   A "C1'" 1 
ATOM   289  N N9    . G   A 1 14 ? -19.431 -31.558 -2.980  1.00 22.69  ?  14  G   A N9    1 
ATOM   290  C C8    . G   A 1 14 ? -18.978 -31.751 -4.264  1.00 23.88  ?  14  G   A C8    1 
ATOM   291  N N7    . G   A 1 14 ? -19.649 -31.060 -5.149  1.00 23.74  ?  14  G   A N7    1 
ATOM   292  C C5    . G   A 1 14 ? -20.627 -30.412 -4.407  1.00 23.48  ?  14  G   A C5    1 
ATOM   293  C C6    . G   A 1 14 ? -21.576 -29.441 -4.799  1.00 23.91  ?  14  G   A C6    1 
ATOM   294  O O6    . G   A 1 14 ? -21.890 -29.092 -5.938  1.00 26.27  ?  14  G   A O6    1 
ATOM   295  N N1    . G   A 1 14 ? -22.320 -28.988 -3.707  1.00 24.73  ?  14  G   A N1    1 
ATOM   296  C C2    . G   A 1 14 ? -22.115 -29.351 -2.406  1.00 21.77  ?  14  G   A C2    1 
ATOM   297  N N2    . G   A 1 14 ? -22.939 -28.803 -1.489  1.00 24.68  ?  14  G   A N2    1 
ATOM   298  N N3    . G   A 1 14 ? -21.188 -30.202 -2.019  1.00 21.83  ?  14  G   A N3    1 
ATOM   299  C C4    . G   A 1 14 ? -20.474 -30.676 -3.063  1.00 22.33  ?  14  G   A C4    1 
ATOM   300  P P     . G   A 1 15 ? -20.771 -36.588 -1.803  1.00 29.09  ?  15  G   A P     1 
ATOM   301  O OP1   . G   A 1 15 ? -20.679 -37.895 -1.128  1.00 33.12  ?  15  G   A OP1   1 
ATOM   302  O OP2   . G   A 1 15 ? -20.875 -36.529 -3.288  1.00 29.56  -1 15  G   A OP2   1 
ATOM   303  O "O5'" . G   A 1 15 ? -21.986 -35.795 -1.145  1.00 32.25  ?  15  G   A "O5'" 1 
ATOM   304  C "C5'" . G   A 1 15 ? -23.180 -35.603 -1.780  1.00 34.05  ?  15  G   A "C5'" 1 
ATOM   305  C "C4'" . G   A 1 15 ? -23.890 -34.543 -1.014  1.00 32.42  ?  15  G   A "C4'" 1 
ATOM   306  O "O4'" . G   A 1 15 ? -23.294 -33.257 -1.336  1.00 29.74  ?  15  G   A "O4'" 1 
ATOM   307  C "C3'" . G   A 1 15 ? -25.362 -34.445 -1.340  1.00 29.70  ?  15  G   A "C3'" 1 
ATOM   308  O "O3'" . G   A 1 15 ? -25.991 -35.324 -0.422  1.00 28.63  ?  15  G   A "O3'" 1 
ATOM   309  C "C2'" . G   A 1 15 ? -25.633 -32.950 -1.195  1.00 28.11  ?  15  G   A "C2'" 1 
ATOM   310  O "O2'" . G   A 1 15 ? -25.846 -32.692 0.168   1.00 26.72  ?  15  G   A "O2'" 1 
ATOM   311  C "C1'" . G   A 1 15 ? -24.317 -32.358 -1.695  1.00 26.04  ?  15  G   A "C1'" 1 
ATOM   312  N N9    . G   A 1 15 ? -24.246 -32.057 -3.115  1.00 24.05  ?  15  G   A N9    1 
ATOM   313  C C8    . G   A 1 15 ? -23.373 -32.532 -4.069  1.00 26.22  ?  15  G   A C8    1 
ATOM   314  N N7    . G   A 1 15 ? -23.571 -32.008 -5.249  1.00 25.70  ?  15  G   A N7    1 
ATOM   315  C C5    . G   A 1 15 ? -24.613 -31.110 -5.050  1.00 24.00  ?  15  G   A C5    1 
ATOM   316  C C6    . G   A 1 15 ? -25.289 -30.290 -5.967  1.00 26.72  ?  15  G   A C6    1 
ATOM   317  O O6    . G   A 1 15 ? -25.038 -30.115 -7.156  1.00 27.31  ?  15  G   A O6    1 
ATOM   318  N N1    . G   A 1 15 ? -26.289 -29.544 -5.348  1.00 24.88  ?  15  G   A N1    1 
ATOM   319  C C2    . G   A 1 15 ? -26.633 -29.637 -4.017  1.00 21.06  ?  15  G   A C2    1 
ATOM   320  N N2    . G   A 1 15 ? -27.635 -28.859 -3.594  1.00 22.78  ?  15  G   A N2    1 
ATOM   321  N N3    . G   A 1 15 ? -26.015 -30.422 -3.151  1.00 22.05  ?  15  G   A N3    1 
ATOM   322  C C4    . G   A 1 15 ? -25.025 -31.123 -3.732  1.00 22.21  ?  15  G   A C4    1 
HETATM 323  O "O5'" . LCC B 1 1  ? -32.142 -23.689 -14.820 1.00 37.36  ?  1   LCC B "O5'" 1 
HETATM 324  C "C5'" . LCC B 1 1  ? -33.305 -23.459 -14.019 1.00 35.83  ?  1   LCC B "C5'" 1 
HETATM 325  C "C4'" . LCC B 1 1  ? -33.050 -24.352 -12.826 1.00 30.26  ?  1   LCC B "C4'" 1 
HETATM 326  O "O4'" . LCC B 1 1  ? -32.719 -25.717 -13.065 1.00 31.89  ?  1   LCC B "O4'" 1 
HETATM 327  C "C1'" . LCC B 1 1  ? -32.272 -26.260 -11.808 1.00 30.14  ?  1   LCC B "C1'" 1 
HETATM 328  N N1    . LCC B 1 1  ? -31.036 -26.993 -12.019 1.00 28.32  ?  1   LCC B N1    1 
HETATM 329  C C6    . LCC B 1 1  ? -30.358 -26.850 -13.228 1.00 32.71  ?  1   LCC B C6    1 
HETATM 330  C C5    . LCC B 1 1  ? -29.211 -27.575 -13.428 1.00 30.41  ?  1   LCC B C5    1 
HETATM 331  C C5M   . LCC B 1 1  ? -28.513 -27.436 -14.625 1.00 35.01  ?  1   LCC B C5M   1 
HETATM 332  C C4    . LCC B 1 1  ? -28.792 -28.426 -12.432 1.00 32.12  ?  1   LCC B C4    1 
HETATM 333  N N4    . LCC B 1 1  ? -27.707 -29.138 -12.637 1.00 32.85  ?  1   LCC B N4    1 
HETATM 334  N N3    . LCC B 1 1  ? -29.450 -28.535 -11.285 1.00 29.14  ?  1   LCC B N3    1 
HETATM 335  C C2    . LCC B 1 1  ? -30.551 -27.818 -11.092 1.00 24.56  ?  1   LCC B C2    1 
HETATM 336  O O2    . LCC B 1 1  ? -31.157 -27.970 -10.039 1.00 30.43  ?  1   LCC B O2    1 
HETATM 337  C "C3'" . LCC B 1 1  ? -31.847 -24.048 -12.024 1.00 29.04  ?  1   LCC B "C3'" 1 
HETATM 338  C "C2'" . LCC B 1 1  ? -32.167 -25.066 -10.984 1.00 30.10  ?  1   LCC B "C2'" 1 
HETATM 339  O "O2'" . LCC B 1 1  ? -33.541 -24.785 -10.661 1.00 32.58  ?  1   LCC B "O2'" 1 
HETATM 340  O "O3'" . LCC B 1 1  ? -32.004 -22.758 -11.560 1.00 33.59  ?  1   LCC B "O3'" 1 
HETATM 341  C "C6'" . LCC B 1 1  ? -34.201 -24.171 -11.843 1.00 32.60  ?  1   LCC B "C6'" 1 
HETATM 342  O "O5'" . LCC B 1 2  ? -30.690 -22.648 -9.266  1.00 28.41  ?  2   LCC B "O5'" 1 
HETATM 343  C "C5'" . LCC B 1 2  ? -31.779 -22.497 -8.336  1.00 25.56  ?  2   LCC B "C5'" 1 
HETATM 344  C "C4'" . LCC B 1 2  ? -31.464 -23.437 -7.217  1.00 27.37  ?  2   LCC B "C4'" 1 
HETATM 345  O "O4'" . LCC B 1 2  ? -31.330 -24.792 -7.594  1.00 29.48  ?  2   LCC B "O4'" 1 
HETATM 346  C "C1'" . LCC B 1 2  ? -30.652 -25.501 -6.535  1.00 27.04  ?  2   LCC B "C1'" 1 
HETATM 347  N N1    . LCC B 1 2  ? -29.476 -26.089 -7.141  1.00 25.23  ?  2   LCC B N1    1 
HETATM 348  C C6    . LCC B 1 2  ? -29.005 -25.723 -8.440  1.00 26.13  ?  2   LCC B C6    1 
HETATM 349  C C5    . LCC B 1 2  ? -27.890 -26.326 -8.983  1.00 23.63  ?  2   LCC B C5    1 
HETATM 350  C C5M   . LCC B 1 2  ? -27.468 -25.934 -10.289 1.00 24.70  ?  2   LCC B C5M   1 
HETATM 351  C C4    . LCC B 1 2  ? -27.271 -27.325 -8.244  1.00 25.55  ?  2   LCC B C4    1 
HETATM 352  N N4    . LCC B 1 2  ? -26.168 -27.935 -8.761  1.00 27.25  ?  2   LCC B N4    1 
HETATM 353  N N3    . LCC B 1 2  ? -27.711 -27.650 -7.011  1.00 22.07  ?  2   LCC B N3    1 
HETATM 354  C C2    . LCC B 1 2  ? -28.818 -27.052 -6.486  1.00 25.20  ?  2   LCC B C2    1 
HETATM 355  O O2    . LCC B 1 2  ? -29.226 -27.382 -5.368  1.00 24.99  ?  2   LCC B O2    1 
HETATM 356  C "C3'" . LCC B 1 2  ? -30.173 -23.242 -6.549  1.00 28.03  ?  2   LCC B "C3'" 1 
HETATM 357  C "C2'" . LCC B 1 2  ? -30.369 -24.408 -5.564  1.00 26.78  ?  2   LCC B "C2'" 1 
HETATM 358  O "O2'" . LCC B 1 2  ? -31.641 -24.033 -4.934  1.00 27.65  ?  2   LCC B "O2'" 1 
HETATM 359  O "O3'" . LCC B 1 2  ? -30.160 -21.995 -5.876  1.00 30.14  ?  2   LCC B "O3'" 1 
HETATM 360  C "C6'" . LCC B 1 2  ? -32.501 -23.307 -6.015  1.00 28.71  ?  2   LCC B "C6'" 1 
HETATM 361  P P     . LCC B 1 2  ? -30.730 -22.042 -10.730 1.00 30.60  ?  2   LCC B P     1 
HETATM 362  O O1P   . LCC B 1 2  ? -29.310 -22.493 -11.331 1.00 28.12  -1 2   LCC B O1P   1 
HETATM 363  O O2P   . LCC B 1 2  ? -30.832 -20.527 -10.524 1.00 30.84  ?  2   LCC B O2P   1 
HETATM 364  O "O5'" . LCC B 1 3  ? -28.188 -22.238 -4.241  1.00 25.95  ?  3   LCC B "O5'" 1 
HETATM 365  C "C5'" . LCC B 1 3  ? -28.957 -22.362 -3.031  1.00 24.69  ?  3   LCC B "C5'" 1 
HETATM 366  C "C4'" . LCC B 1 3  ? -28.258 -23.397 -2.206  1.00 24.53  ?  3   LCC B "C4'" 1 
HETATM 367  O "O4'" . LCC B 1 3  ? -28.306 -24.660 -2.802  1.00 24.17  ?  3   LCC B "O4'" 1 
HETATM 368  C "C1'" . LCC B 1 3  ? -27.121 -25.333 -2.299  1.00 23.75  ?  3   LCC B "C1'" 1 
HETATM 369  N N1    . LCC B 1 3  ? -26.155 -25.611 -3.430  1.00 22.29  ?  3   LCC B N1    1 
HETATM 370  C C6    . LCC B 1 3  ? -26.270 -24.974 -4.665  1.00 22.50  ?  3   LCC B C6    1 
HETATM 371  C C5    . LCC B 1 3  ? -25.356 -25.329 -5.617  1.00 21.83  ?  3   LCC B C5    1 
HETATM 372  C C5M   . LCC B 1 3  ? -25.406 -24.668 -6.854  1.00 21.22  ?  3   LCC B C5M   1 
HETATM 373  C C4    . LCC B 1 3  ? -24.448 -26.364 -5.292  1.00 22.92  ?  3   LCC B C4    1 
HETATM 374  N N4    . LCC B 1 3  ? -23.630 -26.765 -6.221  1.00 23.69  ?  3   LCC B N4    1 
HETATM 375  N N3    . LCC B 1 3  ? -24.380 -26.983 -4.121  1.00 20.52  ?  3   LCC B N3    1 
HETATM 376  C C2    . LCC B 1 3  ? -25.272 -26.624 -3.171  1.00 21.33  ?  3   LCC B C2    1 
HETATM 377  O O2    . LCC B 1 3  ? -25.143 -27.128 -2.045  1.00 22.81  ?  3   LCC B O2    1 
HETATM 378  C "C3'" . LCC B 1 3  ? -26.810 -23.181 -1.950  1.00 23.95  ?  3   LCC B "C3'" 1 
HETATM 379  C "C2'" . LCC B 1 3  ? -26.643 -24.427 -1.192  1.00 22.08  ?  3   LCC B "C2'" 1 
HETATM 380  O "O2'" . LCC B 1 3  ? -27.731 -24.357 -0.213  1.00 26.11  ?  3   LCC B "O2'" 1 
HETATM 381  O "O3'" . LCC B 1 3  ? -26.738 -22.049 -1.055  1.00 24.95  ?  3   LCC B "O3'" 1 
HETATM 382  C "C6'" . LCC B 1 3  ? -28.806 -23.551 -0.804  1.00 25.28  ?  3   LCC B "C6'" 1 
HETATM 383  P P     . LCC B 1 3  ? -28.678 -21.338 -5.429  1.00 27.44  ?  3   LCC B P     1 
HETATM 384  O O1P   . LCC B 1 3  ? -27.605 -21.548 -6.487  1.00 26.93  -1 3   LCC B O1P   1 
HETATM 385  O O2P   . LCC B 1 3  ? -28.955 -19.880 -4.997  1.00 30.60  ?  3   LCC B O2P   1 
HETATM 386  P P     . LCG B 1 4  ? -25.357 -21.061 -0.956  1.00 26.18  ?  4   LCG B P     1 
HETATM 387  O OP1   . LCG B 1 4  ? -25.693 -19.888 -0.090  1.00 26.05  ?  4   LCG B OP1   1 
HETATM 388  O "O5'" . LCG B 1 4  ? -24.254 -22.039 -0.430  1.00 25.91  ?  4   LCG B "O5'" 1 
HETATM 389  C "C5'" . LCG B 1 4  ? -24.312 -22.376 1.005   1.00 23.19  ?  4   LCG B "C5'" 1 
HETATM 390  C "C3'" . LCG B 1 4  ? -21.886 -23.034 0.727   1.00 24.32  ?  4   LCG B "C3'" 1 
HETATM 391  C "C6'" . LCG B 1 4  ? -23.115 -23.903 2.588   1.00 24.85  ?  4   LCG B "C6'" 1 
HETATM 392  N N9    . LCG B 1 4  ? -21.865 -25.297 -1.227  1.00 23.16  ?  4   LCG B N9    1 
HETATM 393  C C8    . LCG B 1 4  ? -22.500 -24.664 -2.228  1.00 21.30  ?  4   LCG B C8    1 
HETATM 394  C C4    . LCG B 1 4  ? -20.890 -26.030 -1.816  1.00 22.64  ?  4   LCG B C4    1 
HETATM 395  N N7    . LCG B 1 4  ? -21.933 -24.964 -3.407  1.00 23.24  ?  4   LCG B N7    1 
HETATM 396  C C5    . LCG B 1 4  ? -20.947 -25.848 -3.136  1.00 21.56  ?  4   LCG B C5    1 
HETATM 397  C C6    . LCG B 1 4  ? -20.111 -26.524 -3.974  1.00 24.28  ?  4   LCG B C6    1 
HETATM 398  C "C2'" . LCG B 1 4  ? -21.287 -24.332 1.074   1.00 23.76  ?  4   LCG B "C2'" 1 
HETATM 399  O O6    . LCG B 1 4  ? -20.082 -26.382 -5.210  1.00 25.73  ?  4   LCG B O6    1 
HETATM 400  C "C4'" . LCG B 1 4  ? -23.234 -23.413 1.155   1.00 22.76  ?  4   LCG B "C4'" 1 
HETATM 401  C "C1'" . LCG B 1 4  ? -22.120 -25.270 0.224   1.00 25.35  ?  4   LCG B "C1'" 1 
HETATM 402  C C2    . LCG B 1 4  ? -19.147 -27.496 -1.985  1.00 25.00  ?  4   LCG B C2    1 
HETATM 403  N N1    . LCG B 1 4  ? -19.180 -27.321 -3.372  1.00 24.76  ?  4   LCG B N1    1 
HETATM 404  O "O4'" . LCG B 1 4  ? -23.447 -24.596 0.273   1.00 24.86  ?  4   LCG B "O4'" 1 
HETATM 405  O OP2   . LCG B 1 4  ? -24.881 -20.783 -2.352  1.00 24.10  -1 4   LCG B OP2   1 
HETATM 406  N N2    . LCG B 1 4  ? -18.257 -28.330 -1.387  1.00 24.62  ?  4   LCG B N2    1 
HETATM 407  N N3    . LCG B 1 4  ? -20.001 -26.863 -1.175  1.00 22.07  ?  4   LCG B N3    1 
HETATM 408  O "O2'" . LCG B 1 4  ? -21.695 -24.541 2.451   1.00 25.00  ?  4   LCG B "O2'" 1 
HETATM 409  O "O3'" . LCG B 1 4  ? -21.350 -21.892 1.519   1.00 23.54  ?  4   LCG B "O3'" 1 
ATOM   410  P P     . A   B 1 5  ? -20.273 -20.932 1.029   1.00 25.47  ?  5   A   B P     1 
ATOM   411  O OP1   . A   B 1 5  ? -20.131 -19.854 2.060   1.00 27.87  ?  5   A   B OP1   1 
ATOM   412  O OP2   . A   B 1 5  ? -20.338 -20.549 -0.397  1.00 24.15  -1 5   A   B OP2   1 
ATOM   413  O "O5'" . A   B 1 5  ? -18.981 -21.859 1.196   1.00 24.88  ?  5   A   B "O5'" 1 
ATOM   414  C "C5'" . A   B 1 5  ? -18.547 -22.267 2.474   1.00 25.31  ?  5   A   B "C5'" 1 
ATOM   415  C "C4'" . A   B 1 5  ? -17.400 -23.239 2.249   1.00 23.84  ?  5   A   B "C4'" 1 
ATOM   416  O "O4'" . A   B 1 5  ? -17.847 -24.379 1.463   1.00 23.69  ?  5   A   B "O4'" 1 
ATOM   417  C "C3'" . A   B 1 5  ? -16.178 -22.746 1.489   1.00 26.12  ?  5   A   B "C3'" 1 
ATOM   418  O "O3'" . A   B 1 5  ? -15.364 -22.020 2.396   1.00 26.74  ?  5   A   B "O3'" 1 
ATOM   419  C "C2'" . A   B 1 5  ? -15.541 -24.074 1.090   1.00 24.01  ?  5   A   B "C2'" 1 
ATOM   420  O "O2'" . A   B 1 5  ? -14.900 -24.648 2.231   1.00 25.23  ?  5   A   B "O2'" 1 
ATOM   421  C "C1'" . A   B 1 5  ? -16.788 -24.837 0.623   1.00 23.95  ?  5   A   B "C1'" 1 
ATOM   422  N N9    . A   B 1 5  ? -17.161 -24.538 -0.762  1.00 21.70  ?  5   A   B N9    1 
ATOM   423  C C8    . A   B 1 5  ? -18.140 -23.682 -1.200  1.00 23.73  ?  5   A   B C8    1 
ATOM   424  N N7    . A   B 1 5  ? -18.245 -23.624 -2.504  1.00 22.53  ?  5   A   B N7    1 
ATOM   425  C C5    . A   B 1 5  ? -17.267 -24.494 -2.959  1.00 21.56  ?  5   A   B C5    1 
ATOM   426  C C6    . A   B 1 5  ? -16.897 -24.911 -4.251  1.00 24.43  ?  5   A   B C6    1 
ATOM   427  N N6    . A   B 1 5  ? -17.448 -24.425 -5.368  1.00 25.77  ?  5   A   B N6    1 
ATOM   428  N N1    . A   B 1 5  ? -15.868 -25.782 -4.362  1.00 22.22  ?  5   A   B N1    1 
ATOM   429  C C2    . A   B 1 5  ? -15.311 -26.251 -3.242  1.00 21.89  ?  5   A   B C2    1 
ATOM   430  N N3    . A   B 1 5  ? -15.575 -25.938 -1.969  1.00 21.61  ?  5   A   B N3    1 
ATOM   431  C C4    . A   B 1 5  ? -16.575 -25.044 -1.898  1.00 21.29  ?  5   A   B C4    1 
ATOM   432  P P     . C   B 1 6  ? -14.456 -20.793 1.884   1.00 25.57  ?  6   C   B P     1 
ATOM   433  O OP1   . C   B 1 6  ? -13.927 -20.092 3.113   1.00 25.65  ?  6   C   B OP1   1 
ATOM   434  O OP2   . C   B 1 6  ? -15.172 -20.039 0.782   1.00 26.73  -1 6   C   B OP2   1 
ATOM   435  O "O5'" . C   B 1 6  ? -13.294 -21.523 1.086   1.00 24.58  ?  6   C   B "O5'" 1 
ATOM   436  C "C5'" . C   B 1 6  ? -12.372 -22.401 1.760   1.00 25.27  ?  6   C   B "C5'" 1 
ATOM   437  C "C4'" . C   B 1 6  ? -11.618 -23.234 0.750   1.00 24.91  ?  6   C   B "C4'" 1 
ATOM   438  O "O4'" . C   B 1 6  ? -12.534 -24.037 -0.031  1.00 24.23  ?  6   C   B "O4'" 1 
ATOM   439  C "C3'" . C   B 1 6  ? -10.824 -22.455 -0.276  1.00 25.98  ?  6   C   B "C3'" 1 
ATOM   440  O "O3'" . C   B 1 6  ? -9.592  -22.001 0.267   1.00 28.69  ?  6   C   B "O3'" 1 
ATOM   441  C "C2'" . C   B 1 6  ? -10.662 -23.501 -1.368  1.00 25.87  ?  6   C   B "C2'" 1 
ATOM   442  O "O2'" . C   B 1 6  ? -9.729  -24.532 -1.092  1.00 29.54  ?  6   C   B "O2'" 1 
ATOM   443  C "C1'" . C   B 1 6  ? -12.055 -24.121 -1.370  1.00 25.03  ?  6   C   B "C1'" 1 
ATOM   444  N N1    . C   B 1 6  ? -13.014 -23.433 -2.271  1.00 25.53  ?  6   C   B N1    1 
ATOM   445  C C2    . C   B 1 6  ? -12.997 -23.804 -3.604  1.00 26.64  ?  6   C   B C2    1 
ATOM   446  O O2    . C   B 1 6  ? -12.168 -24.652 -3.963  1.00 28.29  ?  6   C   B O2    1 
ATOM   447  N N3    . C   B 1 6  ? -13.862 -23.215 -4.474  1.00 24.17  ?  6   C   B N3    1 
ATOM   448  C C4    . C   B 1 6  ? -14.744 -22.316 -4.023  1.00 25.16  ?  6   C   B C4    1 
ATOM   449  N N4    . C   B 1 6  ? -15.618 -21.784 -4.891  1.00 26.30  ?  6   C   B N4    1 
ATOM   450  C C5    . C   B 1 6  ? -14.793 -21.936 -2.653  1.00 23.37  ?  6   C   B C5    1 
ATOM   451  C C6    . C   B 1 6  ? -13.913 -22.509 -1.822  1.00 26.58  ?  6   C   B C6    1 
ATOM   452  P P     . U   B 1 7  ? -8.883  -20.690 -0.302  1.00 30.44  ?  7   U   B P     1 
ATOM   453  O OP1   . U   B 1 7  ? -7.718  -20.379 0.579   1.00 31.13  ?  7   U   B OP1   1 
ATOM   454  O OP2   . U   B 1 7  ? -9.890  -19.674 -0.517  1.00 27.95  -1 7   U   B OP2   1 
ATOM   455  O "O5'" . U   B 1 7  ? -8.399  -21.174 -1.723  1.00 29.17  ?  7   U   B "O5'" 1 
ATOM   456  C "C5'" . U   B 1 7  ? -7.320  -22.077 -1.866  1.00 28.95  ?  7   U   B "C5'" 1 
ATOM   457  C "C4'" . U   B 1 7  ? -7.179  -22.383 -3.318  1.00 28.82  ?  7   U   B "C4'" 1 
ATOM   458  O "O4'" . U   B 1 7  ? -8.421  -22.911 -3.831  1.00 30.39  ?  7   U   B "O4'" 1 
ATOM   459  C "C3'" . U   B 1 7  ? -6.942  -21.161 -4.188  1.00 30.28  ?  7   U   B "C3'" 1 
ATOM   460  O "O3'" . U   B 1 7  ? -5.579  -20.739 -4.145  1.00 32.25  ?  7   U   B "O3'" 1 
ATOM   461  C "C2'" . U   B 1 7  ? -7.311  -21.707 -5.543  1.00 28.42  ?  7   U   B "C2'" 1 
ATOM   462  O "O2'" . U   B 1 7  ? -6.282  -22.554 -5.988  1.00 31.62  ?  7   U   B "O2'" 1 
ATOM   463  C "C1'" . U   B 1 7  ? -8.572  -22.490 -5.194  1.00 29.47  ?  7   U   B "C1'" 1 
ATOM   464  N N1    . U   B 1 7  ? -9.804  -21.692 -5.308  1.00 25.13  ?  7   U   B N1    1 
ATOM   465  C C2    . U   B 1 7  ? -10.317 -21.535 -6.584  1.00 24.54  ?  7   U   B C2    1 
ATOM   466  O O2    . U   B 1 7  ? -9.750  -21.937 -7.581  1.00 29.00  ?  7   U   B O2    1 
ATOM   467  N N3    . U   B 1 7  ? -11.502 -20.855 -6.649  1.00 25.08  ?  7   U   B N3    1 
ATOM   468  C C4    . U   B 1 7  ? -12.236 -20.353 -5.606  1.00 23.91  ?  7   U   B C4    1 
ATOM   469  O O4    . U   B 1 7  ? -13.321 -19.800 -5.839  1.00 26.50  ?  7   U   B O4    1 
ATOM   470  C C5    . U   B 1 7  ? -11.651 -20.561 -4.313  1.00 26.00  ?  7   U   B C5    1 
ATOM   471  C C6    . U   B 1 7  ? -10.485 -21.204 -4.211  1.00 26.10  ?  7   U   B C6    1 
ATOM   472  P P     . U   B 1 8  ? -5.197  -19.225 -4.363  1.00 31.78  ?  8   U   B P     1 
ATOM   473  O OP1   . U   B 1 8  ? -3.715  -19.117 -4.119  1.00 34.37  ?  8   U   B OP1   1 
ATOM   474  O OP2   . U   B 1 8  ? -6.078  -18.322 -3.605  1.00 29.00  -1 8   U   B OP2   1 
ATOM   475  O "O5'" . U   B 1 8  ? -5.490  -18.957 -5.905  1.00 29.87  ?  8   U   B "O5'" 1 
ATOM   476  C "C5'" . U   B 1 8  ? -4.707  -19.618 -6.915  1.00 31.73  ?  8   U   B "C5'" 1 
ATOM   477  C "C4'" . U   B 1 8  ? -5.300  -19.385 -8.272  1.00 30.77  ?  8   U   B "C4'" 1 
ATOM   478  O "O4'" . U   B 1 8  ? -6.662  -19.896 -8.330  1.00 28.22  ?  8   U   B "O4'" 1 
ATOM   479  C "C3'" . U   B 1 8  ? -5.474  -17.945 -8.686  1.00 28.05  ?  8   U   B "C3'" 1 
ATOM   480  O "O3'" . U   B 1 8  ? -4.227  -17.372 -8.998  1.00 28.31  ?  8   U   B "O3'" 1 
ATOM   481  C "C2'" . U   B 1 8  ? -6.456  -18.081 -9.834  1.00 27.07  ?  8   U   B "C2'" 1 
ATOM   482  O "O2'" . U   B 1 8  ? -5.934  -18.599 -11.052 1.00 29.45  ?  8   U   B "O2'" 1 
ATOM   483  C "C1'" . U   B 1 8  ? -7.406  -19.116 -9.249  1.00 27.40  ?  8   U   B "C1'" 1 
ATOM   484  N N1    . U   B 1 8  ? -8.520  -18.518 -8.511  1.00 27.01  ?  8   U   B N1    1 
ATOM   485  C C2    . U   B 1 8  ? -9.595  -18.085 -9.268  1.00 24.89  ?  8   U   B C2    1 
ATOM   486  O O2    . U   B 1 8  ? -9.612  -18.164 -10.482 1.00 23.86  ?  8   U   B O2    1 
ATOM   487  N N3    . U   B 1 8  ? -10.665 -17.624 -8.541  1.00 22.49  ?  8   U   B N3    1 
ATOM   488  C C4    . U   B 1 8  ? -10.744 -17.491 -7.164  1.00 25.02  ?  8   U   B C4    1 
ATOM   489  O O4    . U   B 1 8  ? -11.781 -17.053 -6.651  1.00 26.87  ?  8   U   B O4    1 
ATOM   490  C C5    . U   B 1 8  ? -9.568  -17.910 -6.461  1.00 25.28  ?  8   U   B C5    1 
ATOM   491  C C6    . U   B 1 8  ? -8.537  -18.427 -7.141  1.00 24.58  ?  8   U   B C6    1 
ATOM   492  P P     . A   B 1 9  ? -3.947  -15.859 -8.771  1.00 29.65  ?  9   A   B P     1 
ATOM   493  O OP1   . A   B 1 9  ? -2.531  -15.627 -9.181  1.00 34.16  ?  9   A   B OP1   1 
ATOM   494  O OP2   . A   B 1 9  ? -4.443  -15.345 -7.439  1.00 30.60  -1 9   A   B OP2   1 
ATOM   495  O "O5'" . A   B 1 9  ? -4.902  -15.117 -9.816  1.00 25.89  ?  9   A   B "O5'" 1 
ATOM   496  C "C5'" . A   B 1 9  ? -4.528  -15.120 -11.175 1.00 24.18  ?  9   A   B "C5'" 1 
ATOM   497  C "C4'" . A   B 1 9  ? -5.602  -14.426 -11.979 1.00 24.14  ?  9   A   B "C4'" 1 
ATOM   498  O "O4'" . A   B 1 9  ? -6.862  -15.157 -11.971 1.00 25.00  ?  9   A   B "O4'" 1 
ATOM   499  C "C3'" . A   B 1 9  ? -5.993  -13.048 -11.498 1.00 24.59  ?  9   A   B "C3'" 1 
ATOM   500  O "O3'" . A   B 1 9  ? -4.987  -12.089 -11.875 1.00 23.85  ?  9   A   B "O3'" 1 
ATOM   501  C "C2'" . A   B 1 9  ? -7.287  -12.856 -12.258 1.00 23.90  ?  9   A   B "C2'" 1 
ATOM   502  O "O2'" . A   B 1 9  ? -7.077  -12.527 -13.629 1.00 24.27  ?  9   A   B "O2'" 1 
ATOM   503  C "C1'" . A   B 1 9  ? -7.931  -14.229 -12.081 1.00 25.35  ?  9   A   B "C1'" 1 
ATOM   504  N N9    . A   B 1 9  ? -8.717  -14.281 -10.843 1.00 23.71  ?  9   A   B N9    1 
ATOM   505  C C8    . A   B 1 9  ? -8.355  -14.686 -9.589  1.00 23.21  ?  9   A   B C8    1 
ATOM   506  N N7    . A   B 1 9  ? -9.322  -14.597 -8.706  1.00 24.38  ?  9   A   B N7    1 
ATOM   507  C C5    . A   B 1 9  ? -10.376 -14.049 -9.423  1.00 22.49  ?  9   A   B C5    1 
ATOM   508  C C6    . A   B 1 9  ? -11.704 -13.762 -9.079  1.00 22.70  ?  9   A   B C6    1 
ATOM   509  N N6    . A   B 1 9  ? -12.192 -13.903 -7.852  1.00 22.40  ?  9   A   B N6    1 
ATOM   510  N N1    . A   B 1 9  ? -12.508 -13.255 -10.041 1.00 23.52  ?  9   A   B N1    1 
ATOM   511  C C2    . A   B 1 9  ? -12.005 -13.076 -11.264 1.00 24.98  ?  9   A   B C2    1 
ATOM   512  N N3    . A   B 1 9  ? -10.790 -13.348 -11.719 1.00 26.38  ?  9   A   B N3    1 
ATOM   513  C C4    . A   B 1 9  ? -10.015 -13.838 -10.736 1.00 24.31  ?  9   A   B C4    1 
ATOM   514  P P     . A   B 1 10 ? -4.819  -10.718 -11.143 1.00 26.93  ?  10  A   B P     1 
ATOM   515  O OP1   . A   B 1 10 ? -3.635  -10.032 -11.706 1.00 27.30  ?  10  A   B OP1   1 
ATOM   516  O OP2   . A   B 1 10 ? -4.917  -10.907 -9.664  1.00 25.45  -1 10  A   B OP2   1 
ATOM   517  O "O5'" . A   B 1 10 ? -6.130  -9.866  -11.446 1.00 23.94  ?  10  A   B "O5'" 1 
ATOM   518  C "C5'" . A   B 1 10 ? -6.286  -9.235  -12.720 1.00 24.81  ?  10  A   B "C5'" 1 
ATOM   519  C "C4'" . A   B 1 10 ? -7.702  -8.770  -12.889 1.00 25.69  ?  10  A   B "C4'" 1 
ATOM   520  O "O4'" . A   B 1 10 ? -8.619  -9.854  -12.634 1.00 25.41  ?  10  A   B "O4'" 1 
ATOM   521  C "C3'" . A   B 1 10 ? -8.140  -7.632  -11.996 1.00 29.15  ?  10  A   B "C3'" 1 
ATOM   522  O "O3'" . A   B 1 10 ? -7.607  -6.477  -12.665 1.00 31.65  ?  10  A   B "O3'" 1 
ATOM   523  C "C2'" . A   B 1 10 ? -9.661  -7.795  -12.043 1.00 25.57  ?  10  A   B "C2'" 1 
ATOM   524  O "O2'" . A   B 1 10 ? -10.153 -7.161  -13.185 1.00 27.96  ?  10  A   B "O2'" 1 
ATOM   525  C "C1'" . A   B 1 10 ? -9.816  -9.320  -12.075 1.00 28.12  ?  10  A   B "C1'" 1 
ATOM   526  N N9    . A   B 1 10 ? -9.953  -9.875  -10.729 1.00 23.28  ?  10  A   B N9    1 
ATOM   527  C C8    . A   B 1 10 ? -9.012  -10.433 -9.906  1.00 27.26  ?  10  A   B C8    1 
ATOM   528  N N7    . A   B 1 10 ? -9.482  -10.811 -8.744  1.00 24.93  ?  10  A   B N7    1 
ATOM   529  C C5    . A   B 1 10 ? -10.822 -10.454 -8.799  1.00 21.45  ?  10  A   B C5    1 
ATOM   530  C C6    . A   B 1 10 ? -11.846 -10.534 -7.865  1.00 23.90  ?  10  A   B C6    1 
ATOM   531  N N6    . A   B 1 10 ? -11.685 -11.064 -6.659  1.00 23.44  ?  10  A   B N6    1 
ATOM   532  N N1    . A   B 1 10 ? -13.062 -10.059 -8.221  1.00 23.49  ?  10  A   B N1    1 
ATOM   533  C C2    . A   B 1 10 ? -13.213 -9.539  -9.442  1.00 24.29  ?  10  A   B C2    1 
ATOM   534  N N3    . A   B 1 10 ? -12.304 -9.367  -10.397 1.00 23.72  ?  10  A   B N3    1 
ATOM   535  C C4    . A   B 1 10 ? -11.117 -9.846  -10.003 1.00 23.00  ?  10  A   B C4    1 
ATOM   536  P P     . G   B 1 11 ? -7.517  -5.087  -11.941 1.00 35.88  ?  11  G   B P     1 
ATOM   537  O OP1   . G   B 1 11 ? -7.105  -3.991  -12.962 1.00 32.64  ?  11  G   B OP1   1 
ATOM   538  O OP2   . G   B 1 11 ? -6.762  -5.329  -10.667 1.00 31.79  -1 11  G   B OP2   1 
ATOM   539  O "O5'" . G   B 1 11 ? -9.033  -4.860  -11.502 1.00 32.45  ?  11  G   B "O5'" 1 
ATOM   540  C "C5'" . G   B 1 11 ? -9.315  -4.243  -10.285 1.00 28.46  ?  11  G   B "C5'" 1 
ATOM   541  C "C4'" . G   B 1 11 ? -10.822 -4.199  -10.134 1.00 26.64  ?  11  G   B "C4'" 1 
ATOM   542  O "O4'" . G   B 1 11 ? -11.371 -5.554  -10.064 1.00 24.52  ?  11  G   B "O4'" 1 
ATOM   543  C "C3'" . G   B 1 11 ? -11.213 -3.580  -8.806  1.00 25.25  ?  11  G   B "C3'" 1 
ATOM   544  O "O3'" . G   B 1 11 ? -11.259 -2.183  -8.973  1.00 25.42  ?  11  G   B "O3'" 1 
ATOM   545  C "C2'" . G   B 1 11 ? -12.579 -4.177  -8.574  1.00 23.74  ?  11  G   B "C2'" 1 
ATOM   546  O "O2'" . G   B 1 11 ? -13.514 -3.519  -9.400  1.00 25.05  ?  11  G   B "O2'" 1 
ATOM   547  C "C1'" . G   B 1 11 ? -12.341 -5.613  -9.002  1.00 25.59  ?  11  G   B "C1'" 1 
ATOM   548  N N9    . G   B 1 11 ? -11.835 -6.472  -7.925  1.00 22.77  ?  11  G   B N9    1 
ATOM   549  C C8    . G   B 1 11 ? -10.572 -6.983  -7.769  1.00 21.42  ?  11  G   B C8    1 
ATOM   550  N N7    . G   B 1 11 ? -10.451 -7.736  -6.704  1.00 21.98  ?  11  G   B N7    1 
ATOM   551  C C5    . G   B 1 11 ? -11.702 -7.689  -6.111  1.00 20.84  ?  11  G   B C5    1 
ATOM   552  C C6    . G   B 1 11 ? -12.166 -8.282  -4.920  1.00 23.32  ?  11  G   B C6    1 
ATOM   553  O O6    . G   B 1 11 ? -11.588 -9.092  -4.188  1.00 23.90  ?  11  G   B O6    1 
ATOM   554  N N1    . G   B 1 11 ? -13.504 -7.995  -4.699  1.00 22.47  ?  11  G   B N1    1 
ATOM   555  C C2    . G   B 1 11 ? -14.275 -7.175  -5.472  1.00 23.07  ?  11  G   B C2    1 
ATOM   556  N N2    . G   B 1 11 ? -15.546 -7.003  -5.071  1.00 21.98  ?  11  G   B N2    1 
ATOM   557  N N3    . G   B 1 11 ? -13.850 -6.595  -6.580  1.00 22.59  ?  11  G   B N3    1 
ATOM   558  C C4    . G   B 1 11 ? -12.561 -6.898  -6.839  1.00 21.94  ?  11  G   B C4    1 
ATOM   559  P P     . U   B 1 12 ? -10.938 -1.220  -7.738  1.00 28.23  ?  12  U   B P     1 
ATOM   560  O OP1   . U   B 1 12 ? -10.884 0.189   -8.268  1.00 29.23  ?  12  U   B OP1   1 
ATOM   561  O OP2   . U   B 1 12 ? -9.852  -1.823  -6.917  1.00 30.04  -1 12  U   B OP2   1 
ATOM   562  O "O5'" . U   B 1 12 ? -12.171 -1.395  -6.765  1.00 28.22  ?  12  U   B "O5'" 1 
ATOM   563  C "C5'" . U   B 1 12 ? -13.478 -0.910  -7.144  1.00 25.47  ?  12  U   B "C5'" 1 
ATOM   564  C "C4'" . U   B 1 12 ? -14.474 -1.260  -6.075  1.00 26.18  ?  12  U   B "C4'" 1 
ATOM   565  O "O4'" . U   B 1 12 ? -14.652 -2.700  -5.961  1.00 26.20  ?  12  U   B "O4'" 1 
ATOM   566  C "C3'" . U   B 1 12 ? -14.138 -0.841  -4.661  1.00 28.33  ?  12  U   B "C3'" 1 
ATOM   567  O "O3'" . U   B 1 12 ? -14.442 0.541   -4.453  1.00 29.67  ?  12  U   B "O3'" 1 
ATOM   568  C "C2'" . U   B 1 12 ? -15.086 -1.716  -3.876  1.00 24.57  ?  12  U   B "C2'" 1 
ATOM   569  O "O2'" . U   B 1 12 ? -16.470 -1.368  -3.980  1.00 26.93  ?  12  U   B "O2'" 1 
ATOM   570  C "C1'" . U   B 1 12 ? -14.905 -3.035  -4.604  1.00 25.85  ?  12  U   B "C1'" 1 
ATOM   571  N N1    . U   B 1 12 ? -13.779 -3.843  -4.123  1.00 23.13  ?  12  U   B N1    1 
ATOM   572  C C2    . U   B 1 12 ? -14.032 -4.623  -3.026  1.00 20.94  ?  12  U   B C2    1 
ATOM   573  O O2    . U   B 1 12 ? -15.080 -4.567  -2.412  1.00 24.63  ?  12  U   B O2    1 
ATOM   574  N N3    . U   B 1 12 ? -12.981 -5.386  -2.611  1.00 21.39  ?  12  U   B N3    1 
ATOM   575  C C4    . U   B 1 12 ? -11.750 -5.497  -3.201  1.00 22.44  ?  12  U   B C4    1 
ATOM   576  O O4    . U   B 1 12 ? -10.933 -6.279  -2.734  1.00 24.17  ?  12  U   B O4    1 
ATOM   577  C C5    . U   B 1 12 ? -11.551 -4.644  -4.334  1.00 23.23  ?  12  U   B C5    1 
ATOM   578  C C6    . U   B 1 12 ? -12.543 -3.844  -4.728  1.00 23.20  ?  12  U   B C6    1 
ATOM   579  P P     . C   B 1 13 ? -13.714 1.364   -3.301  1.00 30.41  ?  13  C   B P     1 
ATOM   580  O OP1   . C   B 1 13 ? -14.103 2.796   -3.508  1.00 32.24  ?  13  C   B OP1   1 
ATOM   581  O OP2   . C   B 1 13 ? -12.264 1.037   -3.275  1.00 27.64  -1 13  C   B OP2   1 
ATOM   582  O "O5'" . C   B 1 13 ? -14.327 0.796   -1.943  1.00 26.76  ?  13  C   B "O5'" 1 
ATOM   583  C "C5'" . C   B 1 13 ? -15.672 1.043   -1.552  1.00 26.75  ?  13  C   B "C5'" 1 
ATOM   584  C "C4'" . C   B 1 13 ? -16.015 0.118   -0.416  1.00 27.14  ?  13  C   B "C4'" 1 
ATOM   585  O "O4'" . C   B 1 13 ? -15.805 -1.276  -0.781  1.00 28.26  ?  13  C   B "O4'" 1 
ATOM   586  C "C3'" . C   B 1 13 ? -15.177 0.280   0.830   1.00 25.73  ?  13  C   B "C3'" 1 
ATOM   587  O "O3'" . C   B 1 13 ? -15.649 1.404   1.573   1.00 27.07  ?  13  C   B "O3'" 1 
ATOM   588  C "C2'" . C   B 1 13 ? -15.490 -1.019  1.554   1.00 26.49  ?  13  C   B "C2'" 1 
ATOM   589  O "O2'" . C   B 1 13 ? -16.807 -1.099  2.021   1.00 28.00  ?  13  C   B "O2'" 1 
ATOM   590  C "C1'" . C   B 1 13 ? -15.423 -2.007  0.395   1.00 25.74  ?  13  C   B "C1'" 1 
ATOM   591  N N1    . C   B 1 13 ? -14.091 -2.571  0.215   1.00 24.56  ?  13  C   B N1    1 
ATOM   592  C C2    . C   B 1 13 ? -13.725 -3.660  1.022   1.00 23.24  ?  13  C   B C2    1 
ATOM   593  O O2    . C   B 1 13 ? -14.528 -4.068  1.873   1.00 24.29  ?  13  C   B O2    1 
ATOM   594  N N3    . C   B 1 13 ? -12.478 -4.182  0.901   1.00 22.28  ?  13  C   B N3    1 
ATOM   595  C C4    . C   B 1 13 ? -11.624 -3.675  0.008   1.00 24.87  ?  13  C   B C4    1 
ATOM   596  N N4    . C   B 1 13 ? -10.435 -4.272  -0.138  1.00 25.53  ?  13  C   B N4    1 
ATOM   597  C C5    . C   B 1 13 ? -11.984 -2.594  -0.850  1.00 25.51  ?  13  C   B C5    1 
ATOM   598  C C6    . C   B 1 13 ? -13.206 -2.064  -0.700  1.00 25.41  ?  13  C   B C6    1 
ATOM   599  P P     . G   B 1 14 ? -14.625 2.215   2.491   1.00 29.75  ?  14  G   B P     1 
ATOM   600  O OP1   . G   B 1 14 ? -15.405 3.277   3.153   1.00 33.26  ?  14  G   B OP1   1 
ATOM   601  O OP2   . G   B 1 14 ? -13.410 2.523   1.757   1.00 30.86  -1 14  G   B OP2   1 
ATOM   602  O "O5'" . G   B 1 14 ? -14.212 1.171   3.618   1.00 28.02  ?  14  G   B "O5'" 1 
ATOM   603  C "C5'" . G   B 1 14 ? -15.219 0.832   4.544   1.00 25.40  ?  14  G   B "C5'" 1 
ATOM   604  C "C4'" . G   B 1 14 ? -14.711 -0.242  5.468   1.00 25.99  ?  14  G   B "C4'" 1 
ATOM   605  O "O4'" . G   B 1 14 ? -14.421 -1.461  4.739   1.00 24.79  ?  14  G   B "O4'" 1 
ATOM   606  C "C3'" . G   B 1 14 ? -13.378 0.031   6.150   1.00 26.44  ?  14  G   B "C3'" 1 
ATOM   607  O "O3'" . G   B 1 14 ? -13.612 1.035   7.134   1.00 28.37  ?  14  G   B "O3'" 1 
ATOM   608  C "C2'" . G   B 1 14 ? -13.071 -1.362  6.682   1.00 24.93  ?  14  G   B "C2'" 1 
ATOM   609  O "O2'" . G   B 1 14 ? -13.815 -1.720  7.848   1.00 24.90  ?  14  G   B "O2'" 1 
ATOM   610  C "C1'" . G   B 1 14 ? -13.424 -2.193  5.449   1.00 23.31  ?  14  G   B "C1'" 1 
ATOM   611  N N9    . G   B 1 14 ? -12.278 -2.411  4.572   1.00 24.11  ?  14  G   B N9    1 
ATOM   612  C C8    . G   B 1 14 ? -11.922 -1.741  3.422   1.00 24.04  ?  14  G   B C8    1 
ATOM   613  N N7    . G   B 1 14 ? -10.807 -2.182  2.896   1.00 22.59  ?  14  G   B N7    1 
ATOM   614  C C5    . G   B 1 14 ? -10.408 -3.207  3.748   1.00 21.62  ?  14  G   B C5    1 
ATOM   615  C C6    . G   B 1 14 ? -9.283  -4.091  3.686   1.00 23.31  ?  14  G   B C6    1 
ATOM   616  O O6    . G   B 1 14 ? -8.368  -4.133  2.854   1.00 23.26  ?  14  G   B O6    1 
ATOM   617  N N1    . G   B 1 14 ? -9.249  -4.950  4.779   1.00 22.45  ?  14  G   B N1    1 
ATOM   618  C C2    . G   B 1 14 ? -10.167 -4.965  5.797   1.00 23.88  ?  14  G   B C2    1 
ATOM   619  N N2    . G   B 1 14 ? -9.974  -5.883  6.755   1.00 24.56  ?  14  G   B N2    1 
ATOM   620  N N3    . G   B 1 14 ? -11.242 -4.186  5.840   1.00 22.11  ?  14  G   B N3    1 
ATOM   621  C C4    . G   B 1 14 ? -11.293 -3.338  4.799   1.00 22.99  ?  14  G   B C4    1 
ATOM   622  P P     . G   B 1 15 ? -12.394 1.904   7.652   1.00 32.22  ?  15  G   B P     1 
ATOM   623  O OP1   . G   B 1 15 ? -12.965 2.927   8.584   1.00 35.73  ?  15  G   B OP1   1 
ATOM   624  O OP2   . G   B 1 15 ? -11.545 2.315   6.504   1.00 32.85  -1 15  G   B OP2   1 
ATOM   625  O "O5'" . G   B 1 15 ? -11.675 0.823   8.554   1.00 33.85  ?  15  G   B "O5'" 1 
ATOM   626  C "C5'" . G   B 1 15 ? -10.294 0.765   8.718   1.00 35.70  ?  15  G   B "C5'" 1 
ATOM   627  C "C4'" . G   B 1 15 ? -10.006 -0.568  9.336   1.00 33.87  ?  15  G   B "C4'" 1 
ATOM   628  O "O4'" . G   B 1 15 ? -10.145 -1.601  8.301   1.00 30.58  ?  15  G   B "O4'" 1 
ATOM   629  C "C3'" . G   B 1 15 ? -8.592  -0.698  9.871   1.00 33.99  ?  15  G   B "C3'" 1 
ATOM   630  O "O3'" . G   B 1 15 ? -8.544  -0.282  11.240  1.00 34.06  ?  15  G   B "O3'" 1 
ATOM   631  C "C2'" . G   B 1 15 ? -8.301  -2.183  9.681   1.00 29.52  ?  15  G   B "C2'" 1 
ATOM   632  O "O2'" . G   B 1 15 ? -8.765  -2.899  10.805  1.00 30.16  ?  15  G   B "O2'" 1 
ATOM   633  C "C1'" . G   B 1 15 ? -9.065  -2.484  8.383   1.00 28.35  ?  15  G   B "C1'" 1 
ATOM   634  N N9    . G   B 1 15 ? -8.300  -2.330  7.157   1.00 24.68  ?  15  G   B N9    1 
ATOM   635  C C8    . G   B 1 15 ? -8.520  -1.448  6.126   1.00 24.69  ?  15  G   B C8    1 
ATOM   636  N N7    . G   B 1 15 ? -7.675  -1.589  5.146   1.00 24.50  ?  15  G   B N7    1 
ATOM   637  C C5    . G   B 1 15 ? -6.857  -2.637  5.549   1.00 23.96  ?  15  G   B C5    1 
ATOM   638  C C6    . G   B 1 15 ? -5.734  -3.220  4.918   1.00 25.79  ?  15  G   B C6    1 
ATOM   639  O O6    . G   B 1 15 ? -5.248  -2.959  3.822   1.00 27.08  ?  15  G   B O6    1 
ATOM   640  N N1    . G   B 1 15 ? -5.163  -4.215  5.706   1.00 23.29  ?  15  G   B N1    1 
ATOM   641  C C2    . G   B 1 15 ? -5.635  -4.619  6.924   1.00 25.44  ?  15  G   B C2    1 
ATOM   642  N N2    . G   B 1 15 ? -4.954  -5.596  7.527   1.00 23.46  ?  15  G   B N2    1 
ATOM   643  N N3    . G   B 1 15 ? -6.676  -4.077  7.528   1.00 24.92  ?  15  G   B N3    1 
ATOM   644  C C4    . G   B 1 15 ? -7.232  -3.098  6.790   1.00 24.35  ?  15  G   B C4    1 
HETATM 645  O "O5'" . LCC C 1 1  ? -2.046  2.606   6.831   1.00 42.23  ?  1   LCC C "O5'" 1 
HETATM 646  C "C5'" . LCC C 1 1  ? -2.383  2.314   8.201   1.00 40.70  ?  1   LCC C "C5'" 1 
HETATM 647  C "C4'" . LCC C 1 1  ? -1.298  1.358   8.634   1.00 41.01  ?  1   LCC C "C4'" 1 
HETATM 648  O "O4'" . LCC C 1 1  ? -1.231  0.191   7.828   1.00 44.60  ?  1   LCC C "O4'" 1 
HETATM 649  C "C1'" . LCC C 1 1  ? 0.145   -0.314  8.032   1.00 42.69  ?  1   LCC C "C1'" 1 
HETATM 650  N N1    . LCC C 1 1  ? 0.914   -0.408  6.796   1.00 38.48  ?  1   LCC C N1    1 
HETATM 651  C C6    . LCC C 1 1  ? 0.507   0.265   5.662   1.00 38.46  ?  1   LCC C C6    1 
HETATM 652  C C5    . LCC C 1 1  ? 1.236   0.118   4.519   1.00 37.21  ?  1   LCC C C5    1 
HETATM 653  C C5M   . LCC C 1 1  ? 0.779   0.796   3.373   1.00 39.47  ?  1   LCC C C5M   1 
HETATM 654  C C4    . LCC C 1 1  ? 2.379   -0.728  4.587   1.00 32.27  ?  1   LCC C C4    1 
HETATM 655  N N4    . LCC C 1 1  ? 3.071   -0.902  3.458   1.00 31.26  ?  1   LCC C N4    1 
HETATM 656  N N3    . LCC C 1 1  ? 2.722   -1.378  5.708   1.00 33.55  ?  1   LCC C N3    1 
HETATM 657  C C2    . LCC C 1 1  ? 2.012   -1.206  6.808   1.00 39.13  ?  1   LCC C C2    1 
HETATM 658  O O2    . LCC C 1 1  ? 2.327   -1.771  7.850   1.00 38.94  ?  1   LCC C O2    1 
HETATM 659  C "C3'" . LCC C 1 1  ? 0.091   1.885   8.505   1.00 41.11  ?  1   LCC C "C3'" 1 
HETATM 660  C "C2'" . LCC C 1 1  ? 0.725   0.655   8.974   1.00 40.85  ?  1   LCC C "C2'" 1 
HETATM 661  O "O2'" . LCC C 1 1  ? 0.057   0.454   10.227  1.00 44.03  ?  1   LCC C "O2'" 1 
HETATM 662  O "O3'" . LCC C 1 1  ? 0.353   2.849   9.499   1.00 43.41  ?  1   LCC C "O3'" 1 
HETATM 663  C "C6'" . LCC C 1 1  ? -1.387  0.893   10.066  1.00 45.47  ?  1   LCC C "C6'" 1 
HETATM 664  O "O5'" . LCC C 1 2  ? 2.775   3.350   9.401   1.00 33.47  ?  2   LCC C "O5'" 1 
HETATM 665  C "C5'" . LCC C 1 2  ? 3.180   2.814   10.662  1.00 30.09  ?  2   LCC C "C5'" 1 
HETATM 666  C "C4'" . LCC C 1 2  ? 4.352   1.906   10.272  1.00 29.57  ?  2   LCC C "C4'" 1 
HETATM 667  O "O4'" . LCC C 1 2  ? 4.065   0.956   9.186   1.00 31.09  ?  2   LCC C "O4'" 1 
HETATM 668  C "C1'" . LCC C 1 2  ? 5.295   0.531   8.679   1.00 26.34  ?  2   LCC C "C1'" 1 
HETATM 669  N N1    . LCC C 1 2  ? 5.233   0.895   7.258   1.00 28.49  ?  2   LCC C N1    1 
HETATM 670  C C6    . LCC C 1 2  ? 4.272   1.809   6.764   1.00 26.72  ?  2   LCC C C6    1 
HETATM 671  C C5    . LCC C 1 2  ? 4.266   2.083   5.421   1.00 28.01  ?  2   LCC C C5    1 
HETATM 672  C C5M   . LCC C 1 2  ? 3.332   2.994   4.846   1.00 30.29  ?  2   LCC C C5M   1 
HETATM 673  C C4    . LCC C 1 2  ? 5.209   1.426   4.637   1.00 27.99  ?  2   LCC C C4    1 
HETATM 674  N N4    . LCC C 1 2  ? 5.201   1.734   3.351   1.00 29.51  ?  2   LCC C N4    1 
HETATM 675  N N3    . LCC C 1 2  ? 6.147   0.600   5.142   1.00 26.80  ?  2   LCC C N3    1 
HETATM 676  C C2    . LCC C 1 2  ? 6.152   0.343   6.443   1.00 26.87  ?  2   LCC C C2    1 
HETATM 677  O O2    . LCC C 1 2  ? 6.988   -0.473  6.859   1.00 29.00  ?  2   LCC C O2    1 
HETATM 678  C "C3'" . LCC C 1 2  ? 5.459   2.612   9.635   1.00 30.30  ?  2   LCC C "C3'" 1 
HETATM 679  C "C2'" . LCC C 1 2  ? 6.275   1.389   9.425   1.00 28.49  ?  2   LCC C "C2'" 1 
HETATM 680  O "O2'" . LCC C 1 2  ? 6.339   0.784   10.733  1.00 30.02  ?  2   LCC C "O2'" 1 
HETATM 681  O "O3'" . LCC C 1 2  ? 6.007   3.382   10.636  1.00 34.02  ?  2   LCC C "O3'" 1 
HETATM 682  C "C6'" . LCC C 1 2  ? 4.993   1.124   11.419  1.00 32.76  ?  2   LCC C "C6'" 1 
HETATM 683  P P     . LCC C 1 2  ? 1.321   4.134   9.167   1.00 37.44  ?  2   LCC C P     1 
HETATM 684  O O1P   . LCC C 1 2  ? 1.345   4.841   7.762   1.00 31.34  ?  2   LCC C O1P   1 
HETATM 685  O O2P   . LCC C 1 2  ? 1.197   4.906   10.531  1.00 34.22  ?  2   LCC C O2P   1 
HETATM 686  O "O5'" . LCC C 1 3  ? 8.480   3.858   9.737   1.00 25.77  ?  3   LCC C "O5'" 1 
HETATM 687  C "C5'" . LCC C 1 3  ? 9.236   3.059   10.672  1.00 25.29  ?  3   LCC C "C5'" 1 
HETATM 688  C "C4'" . LCC C 1 3  ? 10.279  2.432   9.716   1.00 23.22  ?  3   LCC C "C4'" 1 
HETATM 689  O "O4'" . LCC C 1 3  ? 9.670   1.593   8.690   1.00 25.22  ?  3   LCC C "O4'" 1 
HETATM 690  C "C1'" . LCC C 1 3  ? 10.647  1.510   7.615   1.00 23.57  ?  3   LCC C "C1'" 1 
HETATM 691  N N1    . LCC C 1 3  ? 10.063  2.095   6.407   1.00 24.03  ?  3   LCC C N1    1 
HETATM 692  C C6    . LCC C 1 3  ? 8.920   2.858   6.454   1.00 25.40  ?  3   LCC C C6    1 
HETATM 693  C C5    . LCC C 1 3  ? 8.348   3.344   5.290   1.00 24.11  ?  3   LCC C C5    1 
HETATM 694  C C5M   . LCC C 1 3  ? 7.193   4.155   5.408   1.00 22.57  ?  3   LCC C C5M   1 
HETATM 695  C C4    . LCC C 1 3  ? 8.981   2.981   4.062   1.00 24.62  ?  3   LCC C C4    1 
HETATM 696  N N4    . LCC C 1 3  ? 8.463   3.419   2.919   1.00 25.28  ?  3   LCC C N4    1 
HETATM 697  N N3    . LCC C 1 3  ? 10.124  2.229   4.062   1.00 23.71  ?  3   LCC C N3    1 
HETATM 698  C C2    . LCC C 1 3  ? 10.658  1.809   5.224   1.00 22.99  ?  3   LCC C C2    1 
HETATM 699  O O2    . LCC C 1 3  ? 11.711  1.159   5.167   1.00 23.77  ?  3   LCC C O2    1 
HETATM 700  C "C3'" . LCC C 1 3  ? 11.132  3.298   8.952   1.00 22.92  ?  3   LCC C "C3'" 1 
HETATM 701  C "C2'" . LCC C 1 3  ? 11.814  2.246   8.216   1.00 23.71  ?  3   LCC C "C2'" 1 
HETATM 702  O "O2'" . LCC C 1 3  ? 12.223  1.378   9.311   1.00 26.07  ?  3   LCC C "O2'" 1 
HETATM 703  O "O3'" . LCC C 1 3  ? 12.053  3.992   9.830   1.00 24.56  ?  3   LCC C "O3'" 1 
HETATM 704  C "C6'" . LCC C 1 3  ? 11.204  1.546   10.415  1.00 25.96  ?  3   LCC C "C6'" 1 
HETATM 705  P P     . LCC C 1 3  ? 7.100   4.630   10.224  1.00 29.82  ?  3   LCC C P     1 
HETATM 706  O O1P   . LCC C 1 3  ? 6.672   5.411   8.986   1.00 30.50  ?  3   LCC C O1P   1 
HETATM 707  O O2P   . LCC C 1 3  ? 7.494   5.443   11.446  1.00 27.57  ?  3   LCC C O2P   1 
HETATM 708  P P     . LCG C 1 4  ? 12.540  5.540   9.457   1.00 27.63  ?  4   LCG C P     1 
HETATM 709  O OP1   . LCG C 1 4  ? 13.242  5.888   10.717  1.00 26.46  ?  4   LCG C OP1   1 
HETATM 710  O "O5'" . LCG C 1 4  ? 13.588  5.301   8.234   1.00 23.66  ?  4   LCG C "O5'" 1 
HETATM 711  C "C5'" . LCG C 1 4  ? 14.742  4.516   8.464   1.00 21.66  ?  4   LCG C "C5'" 1 
HETATM 712  C "C3'" . LCG C 1 4  ? 15.489  5.556   6.245   1.00 22.41  ?  4   LCG C "C3'" 1 
HETATM 713  C "C6'" . LCG C 1 4  ? 16.680  3.623   7.089   1.00 23.67  ?  4   LCG C "C6'" 1 
HETATM 714  N N9    . LCG C 1 4  ? 13.702  4.309   4.226   1.00 23.70  ?  4   LCG C N9    1 
HETATM 715  C C8    . LCG C 1 4  ? 12.548  4.769   4.789   1.00 21.91  ?  4   LCG C C8    1 
HETATM 716  C C4    . LCG C 1 4  ? 13.590  4.408   2.896   1.00 22.20  ?  4   LCG C C4    1 
HETATM 717  N N7    . LCG C 1 4  ? 11.740  5.173   3.835   1.00 23.00  ?  4   LCG C N7    1 
HETATM 718  C C5    . LCG C 1 4  ? 12.352  4.885   2.659   1.00 22.38  ?  4   LCG C C5    1 
HETATM 719  C C6    . LCG C 1 4  ? 11.954  5.075   1.375   1.00 24.40  ?  4   LCG C C6    1 
HETATM 720  C "C2'" . LCG C 1 4  ? 16.043  4.771   5.074   1.00 24.13  ?  4   LCG C "C2'" 1 
HETATM 721  O O6    . LCG C 1 4  ? 10.877  5.545   1.058   1.00 23.23  ?  4   LCG C O6    1 
HETATM 722  C "C4'" . LCG C 1 4  ? 15.326  4.333   7.087   1.00 23.35  ?  4   LCG C "C4'" 1 
HETATM 723  C "C1'" . LCG C 1 4  ? 14.863  3.809   4.916   1.00 24.19  ?  4   LCG C "C1'" 1 
HETATM 724  C C2    . LCG C 1 4  ? 14.065  4.245   0.637   1.00 23.61  ?  4   LCG C C2    1 
HETATM 725  N N1    . LCG C 1 4  ? 12.806  4.724   0.379   1.00 23.54  ?  4   LCG C N1    1 
HETATM 726  O "O4'" . LCG C 1 4  ? 14.427  3.494   6.308   1.00 24.33  ?  4   LCG C "O4'" 1 
HETATM 727  O OP2   . LCG C 1 4  ? 11.486  6.392   8.908   1.00 25.68  ?  4   LCG C OP2   1 
HETATM 728  N N2    . LCG C 1 4  ? 14.855  3.961   -0.401  1.00 24.04  ?  4   LCG C N2    1 
HETATM 729  N N3    . LCG C 1 4  ? 14.492  4.063   1.921   1.00 23.95  ?  4   LCG C N3    1 
HETATM 730  O "O2'" . LCG C 1 4  ? 17.166  4.049   5.699   1.00 23.54  ?  4   LCG C "O2'" 1 
HETATM 731  O "O3'" . LCG C 1 4  ? 16.418  6.482   6.889   1.00 22.56  ?  4   LCG C "O3'" 1 
ATOM   732  P P     . A   C 1 5  ? 16.437  8.046   6.593   1.00 23.68  ?  5   A   C P     1 
ATOM   733  O OP1   . A   C 1 5  ? 17.349  8.609   7.633   1.00 26.94  ?  5   A   C OP1   1 
ATOM   734  O OP2   . A   C 1 5  ? 15.072  8.589   6.446   1.00 25.74  ?  5   A   C OP2   1 
ATOM   735  O "O5'" . A   C 1 5  ? 17.072  8.130   5.123   1.00 25.15  ?  5   A   C "O5'" 1 
ATOM   736  C "C5'" . A   C 1 5  ? 18.391  7.694   4.880   1.00 25.81  ?  5   A   C "C5'" 1 
ATOM   737  C "C4'" . A   C 1 5  ? 18.623  7.578   3.377   1.00 22.36  ?  5   A   C "C4'" 1 
ATOM   738  O "O4'" . A   C 1 5  ? 17.729  6.613   2.756   1.00 24.85  ?  5   A   C "O4'" 1 
ATOM   739  C "C3'" . A   C 1 5  ? 18.376  8.854   2.578   1.00 22.58  ?  5   A   C "C3'" 1 
ATOM   740  O "O3'" . A   C 1 5  ? 19.478  9.705   2.736   1.00 23.94  ?  5   A   C "O3'" 1 
ATOM   741  C "C2'" . A   C 1 5  ? 18.186  8.288   1.184   1.00 23.24  ?  5   A   C "C2'" 1 
ATOM   742  O "O2'" . A   C 1 5  ? 19.470  7.857   0.753   1.00 25.34  ?  5   A   C "O2'" 1 
ATOM   743  C "C1'" . A   C 1 5  ? 17.278  7.102   1.478   1.00 23.49  ?  5   A   C "C1'" 1 
ATOM   744  N N9    . A   C 1 5  ? 15.852  7.453   1.569   1.00 22.41  ?  5   A   C N9    1 
ATOM   745  C C8    . A   C 1 5  ? 15.098  7.774   2.676   1.00 22.67  ?  5   A   C C8    1 
ATOM   746  N N7    . A   C 1 5  ? 13.850  8.070   2.396   1.00 22.81  ?  5   A   C N7    1 
ATOM   747  C C5    . A   C 1 5  ? 13.797  8.004   1.010   1.00 22.93  ?  5   A   C C5    1 
ATOM   748  C C6    . A   C 1 5  ? 12.737  8.158   0.101   1.00 25.67  ?  5   A   C C6    1 
ATOM   749  N N6    . A   C 1 5  ? 11.511  8.529   0.461   1.00 22.52  ?  5   A   C N6    1 
ATOM   750  N N1    . A   C 1 5  ? 13.016  8.042   -1.218  1.00 23.42  ?  5   A   C N1    1 
ATOM   751  C C2    . A   C 1 5  ? 14.253  7.688   -1.571  1.00 24.32  ?  5   A   C C2    1 
ATOM   752  N N3    . A   C 1 5  ? 15.316  7.443   -0.801  1.00 26.09  ?  5   A   C N3    1 
ATOM   753  C C4    . A   C 1 5  ? 15.015  7.616   0.492   1.00 22.52  ?  5   A   C C4    1 
ATOM   754  P P     . C   C 1 6  ? 19.353  11.303  2.582   1.00 25.92  ?  6   C   C P     1 
ATOM   755  O OP1   . C   C 1 6  ? 20.696  11.838  2.973   1.00 25.60  ?  6   C   C OP1   1 
ATOM   756  O OP2   . C   C 1 6  ? 18.148  11.780  3.331   1.00 25.87  ?  6   C   C OP2   1 
ATOM   757  O "O5'" . C   C 1 6  ? 19.043  11.573  1.040   1.00 26.75  ?  6   C   C "O5'" 1 
ATOM   758  C "C5'" . C   C 1 6  ? 20.000  11.210  0.045   1.00 28.12  ?  6   C   C "C5'" 1 
ATOM   759  C "C4'" . C   C 1 6  ? 19.323  11.122  -1.294  1.00 26.63  ?  6   C   C "C4'" 1 
ATOM   760  O "O4'" . C   C 1 6  ? 18.202  10.218  -1.228  1.00 26.85  ?  6   C   C "O4'" 1 
ATOM   761  C "C3'" . C   C 1 6  ? 18.672  12.424  -1.745  1.00 25.65  ?  6   C   C "C3'" 1 
ATOM   762  O "O3'" . C   C 1 6  ? 19.649  13.285  -2.278  1.00 28.12  ?  6   C   C "O3'" 1 
ATOM   763  C "C2'" . C   C 1 6  ? 17.682  11.920  -2.759  1.00 24.20  ?  6   C   C "C2'" 1 
ATOM   764  O "O2'" . C   C 1 6  ? 18.315  11.536  -3.957  1.00 26.25  ?  6   C   C "O2'" 1 
ATOM   765  C "C1'" . C   C 1 6  ? 17.132  10.698  -2.030  1.00 24.17  ?  6   C   C "C1'" 1 
ATOM   766  N N1    . C   C 1 6  ? 15.948  10.959  -1.173  1.00 23.05  ?  6   C   C N1    1 
ATOM   767  C C2    . C   C 1 6  ? 14.698  11.020  -1.808  1.00 22.34  ?  6   C   C C2    1 
ATOM   768  O O2    . C   C 1 6  ? 14.643  10.862  -3.041  1.00 24.04  ?  6   C   C O2    1 
ATOM   769  N N3    . C   C 1 6  ? 13.593  11.238  -1.070  1.00 23.48  ?  6   C   C N3    1 
ATOM   770  C C4    . C   C 1 6  ? 13.692  11.373  0.257   1.00 24.28  ?  6   C   C C4    1 
ATOM   771  N N4    . C   C 1 6  ? 12.581  11.592  0.948   1.00 23.59  ?  6   C   C N4    1 
ATOM   772  C C5    . C   C 1 6  ? 14.950  11.343  0.927   1.00 24.50  ?  6   C   C C5    1 
ATOM   773  C C6    . C   C 1 6  ? 16.042  11.120  0.180   1.00 23.81  ?  6   C   C C6    1 
ATOM   774  P P     . U   C 1 7  ? 19.397  14.836  -2.389  1.00 28.07  ?  7   U   C P     1 
ATOM   775  O OP1   . U   C 1 7  ? 20.683  15.441  -2.876  1.00 29.94  ?  7   U   C OP1   1 
ATOM   776  O OP2   . U   C 1 7  ? 18.793  15.343  -1.143  1.00 25.29  ?  7   U   C OP2   1 
ATOM   777  O "O5'" . U   C 1 7  ? 18.236  15.023  -3.454  1.00 28.09  ?  7   U   C "O5'" 1 
ATOM   778  C "C5'" . U   C 1 7  ? 18.419  14.720  -4.830  1.00 24.98  ?  7   U   C "C5'" 1 
ATOM   779  C "C4'" . U   C 1 7  ? 17.150  15.023  -5.583  1.00 26.72  ?  7   U   C "C4'" 1 
ATOM   780  O "O4'" . U   C 1 7  ? 16.080  14.139  -5.160  1.00 25.23  ?  7   U   C "O4'" 1 
ATOM   781  C "C3'" . U   C 1 7  ? 16.556  16.408  -5.413  1.00 25.30  ?  7   U   C "C3'" 1 
ATOM   782  O "O3'" . U   C 1 7  ? 17.226  17.350  -6.254  1.00 25.67  ?  7   U   C "O3'" 1 
ATOM   783  C "C2'" . U   C 1 7  ? 15.133  16.184  -5.897  1.00 23.15  ?  7   U   C "C2'" 1 
ATOM   784  O "O2'" . U   C 1 7  ? 14.995  16.037  -7.290  1.00 25.82  ?  7   U   C "O2'" 1 
ATOM   785  C "C1'" . U   C 1 7  ? 14.840  14.841  -5.239  1.00 24.33  ?  7   U   C "C1'" 1 
ATOM   786  N N1    . U   C 1 7  ? 14.300  14.903  -3.879  1.00 20.56  ?  7   U   C N1    1 
ATOM   787  C C2    . U   C 1 7  ? 12.942  15.065  -3.797  1.00 21.82  ?  7   U   C C2    1 
ATOM   788  O O2    . U   C 1 7  ? 12.277  15.386  -4.747  1.00 23.85  ?  7   U   C O2    1 
ATOM   789  N N3    . U   C 1 7  ? 12.428  15.021  -2.525  1.00 20.56  ?  7   U   C N3    1 
ATOM   790  C C4    . U   C 1 7  ? 13.081  14.676  -1.377  1.00 23.19  ?  7   U   C C4    1 
ATOM   791  O O4    . U   C 1 7  ? 12.454  14.641  -0.321  1.00 23.73  ?  7   U   C O4    1 
ATOM   792  C C5    . U   C 1 7  ? 14.499  14.525  -1.527  1.00 22.48  ?  7   U   C C5    1 
ATOM   793  C C6    . U   C 1 7  ? 15.039  14.583  -2.753  1.00 22.73  ?  7   U   C C6    1 
ATOM   794  P P     . U   C 1 8  ? 17.566  18.760  -5.692  1.00 26.38  ?  8   U   C P     1 
ATOM   795  O OP1   . U   C 1 8  ? 18.437  19.430  -6.743  1.00 29.41  ?  8   U   C OP1   1 
ATOM   796  O OP2   . U   C 1 8  ? 17.998  18.692  -4.282  1.00 27.00  ?  8   U   C OP2   1 
ATOM   797  O "O5'" . U   C 1 8  ? 16.110  19.432  -5.655  1.00 25.28  ?  8   U   C "O5'" 1 
ATOM   798  C "C5'" . U   C 1 8  ? 15.583  19.922  -6.899  1.00 26.90  ?  8   U   C "C5'" 1 
ATOM   799  C "C4'" . U   C 1 8  ? 14.156  20.357  -6.718  1.00 23.98  ?  8   U   C "C4'" 1 
ATOM   800  O "O4'" . U   C 1 8  ? 13.308  19.249  -6.350  1.00 26.64  ?  8   U   C "O4'" 1 
ATOM   801  C "C3'" . U   C 1 8  ? 13.937  21.367  -5.613  1.00 23.69  ?  8   U   C "C3'" 1 
ATOM   802  O "O3'" . U   C 1 8  ? 14.417  22.655  -6.024  1.00 23.82  ?  8   U   C "O3'" 1 
ATOM   803  C "C2'" . U   C 1 8  ? 12.431  21.237  -5.434  1.00 22.66  ?  8   U   C "C2'" 1 
ATOM   804  O "O2'" . U   C 1 8  ? 11.765  21.800  -6.557  1.00 27.36  ?  8   U   C "O2'" 1 
ATOM   805  C "C1'" . U   C 1 8  ? 12.256  19.726  -5.509  1.00 22.88  ?  8   U   C "C1'" 1 
ATOM   806  N N1    . U   C 1 8  ? 12.378  19.129  -4.157  1.00 22.96  ?  8   U   C N1    1 
ATOM   807  C C2    . U   C 1 8  ? 11.244  19.184  -3.378  1.00 22.96  ?  8   U   C C2    1 
ATOM   808  O O2    . U   C 1 8  ? 10.179  19.595  -3.788  1.00 26.50  ?  8   U   C O2    1 
ATOM   809  N N3    . U   C 1 8  ? 11.386  18.672  -2.120  1.00 22.14  ?  8   U   C N3    1 
ATOM   810  C C4    . U   C 1 8  ? 12.526  18.170  -1.539  1.00 25.36  ?  8   U   C C4    1 
ATOM   811  O O4    . U   C 1 8  ? 12.479  17.755  -0.379  1.00 23.94  ?  8   U   C O4    1 
ATOM   812  C C5    . U   C 1 8  ? 13.672  18.180  -2.384  1.00 22.46  ?  8   U   C C5    1 
ATOM   813  C C6    . U   C 1 8  ? 13.569  18.674  -3.631  1.00 24.09  ?  8   U   C C6    1 
ATOM   814  P P     . A   C 1 9  ? 14.907  23.713  -5.028  1.00 26.14  ?  9   A   C P     1 
ATOM   815  O OP1   . A   C 1 9  ? 15.344  24.936  -5.825  1.00 27.64  ?  9   A   C OP1   1 
ATOM   816  O OP2   . A   C 1 9  ? 15.804  23.094  -4.024  1.00 28.29  ?  9   A   C OP2   1 
ATOM   817  O "O5'" . A   C 1 9  ? 13.610  24.107  -4.193  1.00 25.00  ?  9   A   C "O5'" 1 
ATOM   818  C "C5'" . A   C 1 9  ? 12.576  24.851  -4.831  1.00 25.71  ?  9   A   C "C5'" 1 
ATOM   819  C "C4'" . A   C 1 9  ? 11.380  24.916  -3.913  1.00 24.77  ?  9   A   C "C4'" 1 
ATOM   820  O "O4'" . A   C 1 9  ? 10.931  23.580  -3.589  1.00 24.14  ?  9   A   C "O4'" 1 
ATOM   821  C "C3'" . A   C 1 9  ? 11.579  25.553  -2.553  1.00 25.34  ?  9   A   C "C3'" 1 
ATOM   822  O "O3'" . A   C 1 9  ? 11.516  26.979  -2.676  1.00 25.58  ?  9   A   C "O3'" 1 
ATOM   823  C "C2'" . A   C 1 9  ? 10.347  25.034  -1.829  1.00 22.50  ?  9   A   C "C2'" 1 
ATOM   824  O "O2'" . A   C 1 9  ? 9.148   25.604  -2.321  1.00 24.10  ?  9   A   C "O2'" 1 
ATOM   825  C "C1'" . A   C 1 9  ? 10.344  23.590  -2.306  1.00 22.98  ?  9   A   C "C1'" 1 
ATOM   826  N N9    . A   C 1 9  ? 11.118  22.706  -1.464  1.00 22.37  ?  9   A   C N9    1 
ATOM   827  C C8    . A   C 1 9  ? 12.362  22.165  -1.660  1.00 23.25  ?  9   A   C C8    1 
ATOM   828  N N7    . A   C 1 9  ? 12.763  21.401  -0.671  1.00 23.66  ?  9   A   C N7    1 
ATOM   829  C C5    . A   C 1 9  ? 11.676  21.387  0.194   1.00 19.68  ?  9   A   C C5    1 
ATOM   830  C C6    . A   C 1 9  ? 11.426  20.679  1.382   1.00 20.37  ?  9   A   C C6    1 
ATOM   831  N N6    . A   C 1 9  ? 12.308  19.873  1.937   1.00 23.09  ?  9   A   C N6    1 
ATOM   832  N N1    . A   C 1 9  ? 10.246  20.900  2.013   1.00 23.37  ?  9   A   C N1    1 
ATOM   833  C C2    . A   C 1 9  ? 9.365   21.729  1.435   1.00 22.68  ?  9   A   C C2    1 
ATOM   834  N N3    . A   C 1 9  ? 9.469   22.408  0.299   1.00 24.36  ?  9   A   C N3    1 
ATOM   835  C C4    . A   C 1 9  ? 10.651  22.162  -0.295  1.00 22.71  ?  9   A   C C4    1 
ATOM   836  P P     . A   C 1 10 ? 12.192  27.902  -1.612  1.00 24.62  ?  10  A   C P     1 
ATOM   837  O OP1   . A   C 1 10 ? 12.134  29.294  -2.080  1.00 24.68  ?  10  A   C OP1   1 
ATOM   838  O OP2   . A   C 1 10 ? 13.517  27.375  -1.216  1.00 24.65  ?  10  A   C OP2   1 
ATOM   839  O "O5'" . A   C 1 10 ? 11.303  27.761  -0.285  1.00 23.72  ?  10  A   C "O5'" 1 
ATOM   840  C "C5'" . A   C 1 10 ? 10.005  28.348  -0.207  1.00 22.35  ?  10  A   C "C5'" 1 
ATOM   841  C "C4'" . A   C 1 10 ? 9.329   27.979  1.096   1.00 23.17  ?  10  A   C "C4'" 1 
ATOM   842  O "O4'" . A   C 1 10 ? 9.109   26.556  1.130   1.00 22.88  ?  10  A   C "O4'" 1 
ATOM   843  C "C3'" . A   C 1 10 ? 10.086  28.236  2.395   1.00 24.77  ?  10  A   C "C3'" 1 
ATOM   844  O "O3'" . A   C 1 10 ? 10.029  29.584  2.738   1.00 27.83  ?  10  A   C "O3'" 1 
ATOM   845  C "C2'" . A   C 1 10 ? 9.306   27.326  3.342   1.00 23.91  ?  10  A   C "C2'" 1 
ATOM   846  O "O2'" . A   C 1 10 ? 8.030   27.887  3.581   1.00 26.26  ?  10  A   C "O2'" 1 
ATOM   847  C "C1'" . A   C 1 10 ? 9.180   26.081  2.472   1.00 24.95  ?  10  A   C "C1'" 1 
ATOM   848  N N9    . A   C 1 10 ? 10.352  25.211  2.579   1.00 23.01  ?  10  A   C N9    1 
ATOM   849  C C8    . A   C 1 10 ? 11.454  25.085  1.760   1.00 24.63  ?  10  A   C C8    1 
ATOM   850  N N7    . A   C 1 10 ? 12.332  24.207  2.183   1.00 23.66  ?  10  A   C N7    1 
ATOM   851  C C5    . A   C 1 10 ? 11.761  23.706  3.346   1.00 24.25  ?  10  A   C C5    1 
ATOM   852  C C6    . A   C 1 10 ? 12.159  22.691  4.241   1.00 24.53  ?  10  A   C C6    1 
ATOM   853  N N6    . A   C 1 10 ? 13.305  22.016  4.136   1.00 26.50  ?  10  A   C N6    1 
ATOM   854  N N1    . A   C 1 10 ? 11.362  22.452  5.302   1.00 24.44  ?  10  A   C N1    1 
ATOM   855  C C2    . A   C 1 10 ? 10.197  23.108  5.394   1.00 23.61  ?  10  A   C C2    1 
ATOM   856  N N3    . A   C 1 10 ? 9.712   24.075  4.623   1.00 27.03  ?  10  A   C N3    1 
ATOM   857  C C4    . A   C 1 10 ? 10.538  24.309  3.591   1.00 24.65  ?  10  A   C C4    1 
ATOM   858  P P     . G   C 1 11 ? 11.188  30.216  3.659   1.00 29.10  ?  11  G   C P     1 
ATOM   859  O OP1   . G   C 1 11 ? 10.964  31.691  3.650   1.00 30.62  ?  11  G   C OP1   1 
ATOM   860  O OP2   . G   C 1 11 ? 12.514  29.637  3.273   1.00 29.03  ?  11  G   C OP2   1 
ATOM   861  O "O5'" . G   C 1 11 ? 10.940  29.547  5.067   1.00 27.25  ?  11  G   C "O5'" 1 
ATOM   862  C "C5'" . G   C 1 11 ? 9.755   29.822  5.813   1.00 28.30  ?  11  G   C "C5'" 1 
ATOM   863  C "C4'" . G   C 1 11 ? 9.679   28.945  7.025   1.00 28.64  ?  11  G   C "C4'" 1 
ATOM   864  O "O4'" . G   C 1 11 ? 9.669   27.537  6.658   1.00 28.94  ?  11  G   C "O4'" 1 
ATOM   865  C "C3'" . G   C 1 11 ? 10.866  29.047  7.969   1.00 27.99  ?  11  G   C "C3'" 1 
ATOM   866  O "O3'" . G   C 1 11 ? 10.754  30.201  8.793   1.00 30.95  ?  11  G   C "O3'" 1 
ATOM   867  C "C2'" . G   C 1 11 ? 10.696  27.767  8.759   1.00 27.16  ?  11  G   C "C2'" 1 
ATOM   868  O "O2'" . G   C 1 11 ? 9.576   27.809  9.619   1.00 31.34  ?  11  G   C "O2'" 1 
ATOM   869  C "C1'" . G   C 1 11 ? 10.368  26.791  7.646   1.00 27.33  ?  11  G   C "C1'" 1 
ATOM   870  N N9    . G   C 1 11 ? 11.565  26.183  7.060   1.00 26.69  ?  11  G   C N9    1 
ATOM   871  C C8    . G   C 1 11 ? 12.232  26.502  5.908   1.00 25.75  ?  11  G   C C8    1 
ATOM   872  N N7    . G   C 1 11 ? 13.257  25.732  5.684   1.00 26.53  ?  11  G   C N7    1 
ATOM   873  C C5    . G   C 1 11 ? 13.249  24.831  6.741   1.00 26.28  ?  11  G   C C5    1 
ATOM   874  C C6    . G   C 1 11 ? 14.152  23.798  7.064   1.00 24.85  ?  11  G   C C6    1 
ATOM   875  O O6    . G   C 1 11 ? 15.104  23.384  6.403   1.00 25.16  ?  11  G   C O6    1 
ATOM   876  N N1    . G   C 1 11 ? 13.809  23.172  8.256   1.00 26.44  ?  11  G   C N1    1 
ATOM   877  C C2    . G   C 1 11 ? 12.744  23.528  9.054   1.00 28.34  ?  11  G   C C2    1 
ATOM   878  N N2    . G   C 1 11 ? 12.573  22.830  10.173  1.00 28.22  ?  11  G   C N2    1 
ATOM   879  N N3    . G   C 1 11 ? 11.901  24.503  8.763   1.00 28.54  ?  11  G   C N3    1 
ATOM   880  C C4    . G   C 1 11 ? 12.236  25.126  7.620   1.00 23.72  ?  11  G   C C4    1 
ATOM   881  P P     . U   C 1 12 ? 12.017  30.829  9.469   1.00 31.54  ?  12  U   C P     1 
ATOM   882  O OP1   . U   C 1 12 ? 11.648  32.138  10.150  1.00 32.86  ?  12  U   C OP1   1 
ATOM   883  O OP2   . U   C 1 12 ? 13.158  30.858  8.528   1.00 30.92  ?  12  U   C OP2   1 
ATOM   884  O "O5'" . U   C 1 12 ? 12.400  29.754  10.582  1.00 29.54  ?  12  U   C "O5'" 1 
ATOM   885  C "C5'" . U   C 1 12 ? 11.623  29.562  11.766  1.00 29.52  ?  12  U   C "C5'" 1 
ATOM   886  C "C4'" . U   C 1 12 ? 12.198  28.419  12.559  1.00 31.47  ?  12  U   C "C4'" 1 
ATOM   887  O "O4'" . U   C 1 12 ? 12.178  27.184  11.783  1.00 31.96  ?  12  U   C "O4'" 1 
ATOM   888  C "C3'" . U   C 1 12 ? 13.663  28.539  12.967  1.00 32.61  ?  12  U   C "C3'" 1 
ATOM   889  O "O3'" . U   C 1 12 ? 13.754  29.361  14.136  1.00 31.25  ?  12  U   C "O3'" 1 
ATOM   890  C "C2'" . U   C 1 12 ? 13.976  27.089  13.312  1.00 29.55  ?  12  U   C "C2'" 1 
ATOM   891  O "O2'" . U   C 1 12 ? 13.365  26.682  14.507  1.00 29.34  ?  12  U   C "O2'" 1 
ATOM   892  C "C1'" . U   C 1 12 ? 13.295  26.364  12.160  1.00 28.81  ?  12  U   C "C1'" 1 
ATOM   893  N N1    . U   C 1 12 ? 14.199  26.213  11.011  1.00 26.42  ?  12  U   C N1    1 
ATOM   894  C C2    . U   C 1 12 ? 15.119  25.191  11.075  1.00 26.19  ?  12  U   C C2    1 
ATOM   895  O O2    . U   C 1 12 ? 15.180  24.407  12.016  1.00 25.25  ?  12  U   C O2    1 
ATOM   896  N N3    . U   C 1 12 ? 15.939  25.091  9.980   1.00 27.81  ?  12  U   C N3    1 
ATOM   897  C C4    . U   C 1 12 ? 15.939  25.885  8.860   1.00 27.61  ?  12  U   C C4    1 
ATOM   898  O O4    . U   C 1 12 ? 16.727  25.644  7.952   1.00 25.96  ?  12  U   C O4    1 
ATOM   899  C C5    . U   C 1 12 ? 14.984  26.952  8.887   1.00 25.63  ?  12  U   C C5    1 
ATOM   900  C C6    . U   C 1 12 ? 14.180  27.085  9.945   1.00 26.65  ?  12  U   C C6    1 
ATOM   901  P P     . C   C 1 13 ? 15.048  30.155  14.436  1.00 32.72  ?  13  C   C P     1 
ATOM   902  O OP1   . C   C 1 13 ? 14.759  30.992  15.655  1.00 36.28  ?  13  C   C OP1   1 
ATOM   903  O OP2   . C   C 1 13 ? 15.624  30.740  13.219  1.00 31.48  ?  13  C   C OP2   1 
ATOM   904  O "O5'" . C   C 1 13 ? 16.112  29.043  14.878  1.00 28.24  ?  13  C   C "O5'" 1 
ATOM   905  C "C5'" . C   C 1 13 ? 15.828  28.257  16.053  1.00 29.00  ?  13  C   C "C5'" 1 
ATOM   906  C "C4'" . C   C 1 13 ? 16.781  27.097  16.113  1.00 30.90  ?  13  C   C "C4'" 1 
ATOM   907  O "O4'" . C   C 1 13 ? 16.583  26.232  14.958  1.00 26.42  ?  13  C   C "O4'" 1 
ATOM   908  C "C3'" . C   C 1 13 ? 18.253  27.440  16.005  1.00 28.86  ?  13  C   C "C3'" 1 
ATOM   909  O "O3'" . C   C 1 13 ? 18.762  27.929  17.221  1.00 27.54  ?  13  C   C "O3'" 1 
ATOM   910  C "C2'" . C   C 1 13 ? 18.832  26.089  15.646  1.00 25.52  ?  13  C   C "C2'" 1 
ATOM   911  O "O2'" . C   C 1 13 ? 18.756  25.118  16.666  1.00 24.75  ?  13  C   C "O2'" 1 
ATOM   912  C "C1'" . C   C 1 13 ? 17.823  25.632  14.606  1.00 24.94  ?  13  C   C "C1'" 1 
ATOM   913  N N1    . C   C 1 13 ? 18.207  26.042  13.267  1.00 23.69  ?  13  C   C N1    1 
ATOM   914  C C2    . C   C 1 13 ? 19.104  25.216  12.566  1.00 25.06  ?  13  C   C C2    1 
ATOM   915  O O2    . C   C 1 13 ? 19.588  24.230  13.150  1.00 24.26  ?  13  C   C O2    1 
ATOM   916  N N3    . C   C 1 13 ? 19.466  25.553  11.310  1.00 23.71  ?  13  C   C N3    1 
ATOM   917  C C4    . C   C 1 13 ? 18.963  26.660  10.745  1.00 25.70  ?  13  C   C C4    1 
ATOM   918  N N4    . C   C 1 13 ? 19.326  26.954  9.499   1.00 27.25  ?  13  C   C N4    1 
ATOM   919  C C5    . C   C 1 13 ? 18.014  27.489  11.420  1.00 25.74  ?  13  C   C C5    1 
ATOM   920  C C6    . C   C 1 13 ? 17.667  27.140  12.665  1.00 25.20  ?  13  C   C C6    1 
ATOM   921  P P     . G   C 1 14 ? 19.986  28.968  17.200  1.00 29.66  ?  14  G   C P     1 
ATOM   922  O OP1   . G   C 1 14 ? 20.244  29.299  18.621  1.00 30.88  ?  14  G   C OP1   1 
ATOM   923  O OP2   . G   C 1 14 ? 19.761  30.027  16.211  1.00 28.70  ?  14  G   C OP2   1 
ATOM   924  O "O5'" . G   C 1 14 ? 21.220  28.139  16.671  1.00 27.76  ?  14  G   C "O5'" 1 
ATOM   925  C "C5'" . G   C 1 14 ? 21.761  27.076  17.482  1.00 26.11  ?  14  G   C "C5'" 1 
ATOM   926  C "C4'" . G   C 1 14 ? 22.759  26.306  16.676  1.00 25.00  ?  14  G   C "C4'" 1 
ATOM   927  O "O4'" . G   C 1 14 ? 22.148  25.707  15.487  1.00 23.40  ?  14  G   C "O4'" 1 
ATOM   928  C "C3'" . G   C 1 14 ? 23.919  27.086  16.099  1.00 25.32  ?  14  G   C "C3'" 1 
ATOM   929  O "O3'" . G   C 1 14 ? 24.817  27.458  17.120  1.00 28.76  ?  14  G   C "O3'" 1 
ATOM   930  C "C2'" . G   C 1 14 ? 24.467  26.083  15.097  1.00 23.77  ?  14  G   C "C2'" 1 
ATOM   931  O "O2'" . G   C 1 14 ? 25.255  25.098  15.746  1.00 24.38  ?  14  G   C "O2'" 1 
ATOM   932  C "C1'" . G   C 1 14 ? 23.176  25.509  14.519  1.00 22.93  ?  14  G   C "C1'" 1 
ATOM   933  N N9    . G   C 1 14 ? 22.832  26.204  13.276  1.00 21.05  ?  14  G   C N9    1 
ATOM   934  C C8    . G   C 1 14 ? 21.883  27.168  13.052  1.00 23.87  ?  14  G   C C8    1 
ATOM   935  N N7    . G   C 1 14 ? 21.882  27.608  11.822  1.00 26.08  ?  14  G   C N7    1 
ATOM   936  C C5    . G   C 1 14 ? 22.892  26.888  11.198  1.00 23.16  ?  14  G   C C5    1 
ATOM   937  C C6    . G   C 1 14 ? 23.267  26.831  9.834   1.00 25.87  ?  14  G   C C6    1 
ATOM   938  O O6    . G   C 1 14 ? 22.912  27.560  8.912   1.00 27.45  ?  14  G   C O6    1 
ATOM   939  N N1    . G   C 1 14 ? 24.295  25.916  9.626   1.00 24.93  ?  14  G   C N1    1 
ATOM   940  C C2    . G   C 1 14 ? 24.824  25.091  10.580  1.00 22.12  ?  14  G   C C2    1 
ATOM   941  N N2    . G   C 1 14 ? 25.814  24.273  10.174  1.00 24.60  ?  14  G   C N2    1 
ATOM   942  N N3    . G   C 1 14 ? 24.445  25.091  11.844  1.00 22.95  ?  14  G   C N3    1 
ATOM   943  C C4    . G   C 1 14 ? 23.454  25.982  12.072  1.00 21.98  ?  14  G   C C4    1 
ATOM   944  P P     . G   C 1 15 ? 25.781  28.719  16.961  1.00 29.23  ?  15  G   C P     1 
ATOM   945  O OP1   . G   C 1 15 ? 26.444  28.924  18.265  1.00 33.18  ?  15  G   C OP1   1 
ATOM   946  O OP2   . G   C 1 15 ? 25.089  29.834  16.277  1.00 28.23  ?  15  G   C OP2   1 
ATOM   947  O "O5'" . G   C 1 15 ? 26.732  28.403  15.713  1.00 31.58  ?  15  G   C "O5'" 1 
ATOM   948  C "C5'" . G   C 1 15 ? 27.840  27.563  15.800  1.00 33.69  ?  15  G   C "C5'" 1 
ATOM   949  C "C4'" . G   C 1 15 ? 28.327  27.152  14.421  1.00 32.34  ?  15  G   C "C4'" 1 
ATOM   950  O "O4'" . G   C 1 15 ? 27.241  26.910  13.497  1.00 29.19  ?  15  G   C "O4'" 1 
ATOM   951  C "C3'" . G   C 1 15 ? 29.207  28.099  13.619  1.00 28.68  ?  15  G   C "C3'" 1 
ATOM   952  O "O3'" . G   C 1 15 ? 30.511  28.200  14.170  1.00 28.95  ?  15  G   C "O3'" 1 
ATOM   953  C "C2'" . G   C 1 15 ? 29.220  27.373  12.273  1.00 28.48  ?  15  G   C "C2'" 1 
ATOM   954  O "O2'" . G   C 1 15 ? 30.021  26.224  12.390  1.00 26.43  ?  15  G   C "O2'" 1 
ATOM   955  C "C1'" . G   C 1 15 ? 27.761  26.945  12.175  1.00 26.98  ?  15  G   C "C1'" 1 
ATOM   956  N N9    . G   C 1 15 ? 26.951  27.812  11.337  1.00 25.35  ?  15  G   C N9    1 
ATOM   957  C C8    . G   C 1 15 ? 25.894  28.623  11.684  1.00 27.00  ?  15  G   C C8    1 
ATOM   958  N N7    . G   C 1 15 ? 25.367  29.242  10.661  1.00 24.01  ?  15  G   C N7    1 
ATOM   959  C C5    . G   C 1 15 ? 26.115  28.800  9.575   1.00 24.49  ?  15  G   C C5    1 
ATOM   960  C C6    . G   C 1 15 ? 26.043  29.156  8.212   1.00 24.98  ?  15  G   C C6    1 
ATOM   961  O O6    . G   C 1 15 ? 25.214  29.872  7.651   1.00 26.82  ?  15  G   C O6    1 
ATOM   962  N N1    . G   C 1 15 ? 26.990  28.476  7.454   1.00 24.33  ?  15  G   C N1    1 
ATOM   963  C C2    . G   C 1 15 ? 27.932  27.608  7.960   1.00 21.17  ?  15  G   C C2    1 
ATOM   964  N N2    . G   C 1 15 ? 28.776  27.058  7.076   1.00 22.97  ?  15  G   C N2    1 
ATOM   965  N N3    . G   C 1 15 ? 28.029  27.289  9.241   1.00 22.82  ?  15  G   C N3    1 
ATOM   966  C C4    . G   C 1 15 ? 27.075  27.894  9.978   1.00 23.24  ?  15  G   C C4    1 
HETATM 967  O "O5'" . LCC D 1 1  ? 25.994  33.631  -3.958  1.00 37.03  ?  1   LCC D "O5'" 1 
HETATM 968  C "C5'" . LCC D 1 1  ? 27.281  33.148  -4.388  1.00 35.39  ?  1   LCC D "C5'" 1 
HETATM 969  C "C4'" . LCC D 1 1  ? 27.923  32.679  -3.082  1.00 30.40  ?  1   LCC D "C4'" 1 
HETATM 970  O "O4'" . LCC D 1 1  ? 27.883  33.613  -2.003  1.00 32.71  ?  1   LCC D "O4'" 1 
HETATM 971  C "C1'" . LCC D 1 1  ? 28.181  32.890  -0.792  1.00 29.41  ?  1   LCC D "C1'" 1 
HETATM 972  N N1    . LCC D 1 1  ? 27.198  33.204  0.233   1.00 27.84  ?  1   LCC D N1    1 
HETATM 973  C C6    . LCC D 1 1  ? 25.997  33.865  -0.088  1.00 32.75  ?  1   LCC D C6    1 
HETATM 974  C C5    . LCC D 1 1  ? 25.120  34.176  0.943   1.00 29.82  ?  1   LCC D C5    1 
HETATM 975  C C5M   . LCC D 1 1  ? 23.910  34.811  0.687   1.00 35.28  ?  1   LCC D C5M   1 
HETATM 976  C C4    . LCC D 1 1  ? 25.481  33.796  2.212   1.00 31.40  ?  1   LCC D C4    1 
HETATM 977  N N4    . LCC D 1 1  ? 24.662  34.086  3.184   1.00 31.10  ?  1   LCC D N4    1 
HETATM 978  N N3    . LCC D 1 1  ? 26.627  33.149  2.471   1.00 29.50  ?  1   LCC D N3    1 
HETATM 979  C C2    . LCC D 1 1  ? 27.464  32.860  1.486   1.00 24.95  ?  1   LCC D C2    1 
HETATM 980  O O2    . LCC D 1 1  ? 28.540  32.299  1.752   1.00 29.63  ?  1   LCC D O2    1 
HETATM 981  C "C3'" . LCC D 1 1  ? 27.197  31.603  -2.347  1.00 32.38  ?  1   LCC D "C3'" 1 
HETATM 982  C "C2'" . LCC D 1 1  ? 28.207  31.493  -1.285  1.00 31.57  ?  1   LCC D "C2'" 1 
HETATM 983  O "O2'" . LCC D 1 1  ? 29.451  31.380  -2.002  1.00 32.18  ?  1   LCC D "O2'" 1 
HETATM 984  O "O3'" . LCC D 1 1  ? 27.159  30.504  -3.145  1.00 35.27  ?  1   LCC D "O3'" 1 
HETATM 985  C "C6'" . LCC D 1 1  ? 29.327  32.069  -3.322  1.00 32.32  ?  1   LCC D "C6'" 1 
HETATM 986  O "O5'" . LCC D 1 2  ? 27.157  28.285  -1.640  1.00 29.65  ?  2   LCC D "O5'" 1 
HETATM 987  C "C5'" . LCC D 1 2  ? 28.484  27.904  -1.814  1.00 24.59  ?  2   LCC D "C5'" 1 
HETATM 988  C "C4'" . LCC D 1 2  ? 28.986  27.482  -0.472  1.00 26.38  ?  2   LCC D "C4'" 1 
HETATM 989  O "O4'" . LCC D 1 2  ? 29.034  28.554  0.461   1.00 27.04  ?  2   LCC D "O4'" 1 
HETATM 990  C "C1'" . LCC D 1 2  ? 29.166  28.011  1.740   1.00 26.40  ?  2   LCC D "C1'" 1 
HETATM 991  N N1    . LCC D 1 2  ? 27.984  28.534  2.433   1.00 24.64  ?  2   LCC D N1    1 
HETATM 992  C C6    . LCC D 1 2  ? 26.884  29.168  1.792   1.00 26.16  ?  2   LCC D C6    1 
HETATM 993  C C5    . LCC D 1 2  ? 25.852  29.671  2.552   1.00 22.72  ?  2   LCC D C5    1 
HETATM 994  C C5M   . LCC D 1 2  ? 24.758  30.319  1.869   1.00 24.89  ?  2   LCC D C5M   1 
HETATM 995  C C4    . LCC D 1 2  ? 25.936  29.532  3.936   1.00 22.76  ?  2   LCC D C4    1 
HETATM 996  N N4    . LCC D 1 2  ? 24.959  30.001  4.727   1.00 24.89  ?  2   LCC D N4    1 
HETATM 997  N N3    . LCC D 1 2  ? 26.973  28.914  4.533   1.00 22.30  ?  2   LCC D N3    1 
HETATM 998  C C2    . LCC D 1 2  ? 27.964  28.428  3.759   1.00 24.30  ?  2   LCC D C2    1 
HETATM 999  O O2    . LCC D 1 2  ? 28.930  27.907  4.329   1.00 24.46  ?  2   LCC D O2    1 
HETATM 1000 C "C3'" . LCC D 1 2  ? 28.162  26.549  0.268   1.00 26.99  ?  2   LCC D "C3'" 1 
HETATM 1001 C "C2'" . LCC D 1 2  ? 29.119  26.553  1.453   1.00 26.86  ?  2   LCC D "C2'" 1 
HETATM 1002 O "O2'" . LCC D 1 2  ? 30.388  26.158  0.843   1.00 28.30  ?  2   LCC D "O2'" 1 
HETATM 1003 O "O3'" . LCC D 1 2  ? 28.151  25.280  -0.343  1.00 30.02  ?  2   LCC D "O3'" 1 
HETATM 1004 C "C6'" . LCC D 1 2  ? 30.390  26.718  -0.582  1.00 28.56  ?  2   LCC D "C6'" 1 
HETATM 1005 P P     . LCC D 1 2  ? 26.349  29.069  -2.739  1.00 30.81  ?  2   LCC D P     1 
HETATM 1006 O O1P   . LCC D 1 2  ? 26.297  28.125  -3.978  1.00 30.83  ?  2   LCC D O1P   1 
HETATM 1007 O O2P   . LCC D 1 2  ? 25.015  29.481  -2.038  1.00 29.43  ?  2   LCC D O2P   1 
HETATM 1008 O "O5'" . LCC D 1 3  ? 27.269  23.711  1.496   1.00 26.18  ?  3   LCC D "O5'" 1 
HETATM 1009 C "C5'" . LCC D 1 3  ? 28.573  23.126  1.815   1.00 24.45  ?  3   LCC D "C5'" 1 
HETATM 1010 C "C4'" . LCC D 1 3  ? 28.656  22.859  3.267   1.00 25.12  ?  3   LCC D "C4'" 1 
HETATM 1011 O "O4'" . LCC D 1 3  ? 28.722  24.064  3.904   1.00 25.27  ?  3   LCC D "O4'" 1 
HETATM 1012 C "C1'" . LCC D 1 3  ? 28.102  23.851  5.222   1.00 24.53  ?  3   LCC D "C1'" 1 
HETATM 1013 N N1    . LCC D 1 3  ? 26.817  24.615  5.424   1.00 23.08  ?  3   LCC D N1    1 
HETATM 1014 C C6    . LCC D 1 3  ? 26.171  25.215  4.336   1.00 22.78  ?  3   LCC D C6    1 
HETATM 1015 C C5    . LCC D 1 3  ? 25.005  25.905  4.580   1.00 22.34  ?  3   LCC D C5    1 
HETATM 1016 C C5M   . LCC D 1 3  ? 24.317  26.482  3.515   1.00 23.01  ?  3   LCC D C5M   1 
HETATM 1017 C C4    . LCC D 1 3  ? 24.665  26.105  5.938   1.00 23.02  ?  3   LCC D C4    1 
HETATM 1018 N N4    . LCC D 1 3  ? 23.614  26.822  6.204   1.00 23.55  ?  3   LCC D N4    1 
HETATM 1019 N N3    . LCC D 1 3  ? 25.315  25.552  6.973   1.00 21.03  ?  3   LCC D N3    1 
HETATM 1020 C C2    . LCC D 1 3  ? 26.453  24.845  6.699   1.00 20.45  ?  3   LCC D C2    1 
HETATM 1021 O O2    . LCC D 1 3  ? 27.004  24.230  7.666   1.00 21.52  ?  3   LCC D O2    1 
HETATM 1022 C "C3'" . LCC D 1 3  ? 27.493  22.184  3.902   1.00 23.25  ?  3   LCC D "C3'" 1 
HETATM 1023 C "C2'" . LCC D 1 3  ? 28.004  22.335  5.245   1.00 23.10  ?  3   LCC D "C2'" 1 
HETATM 1024 O "O2'" . LCC D 1 3  ? 29.374  21.800  5.068   1.00 27.25  ?  3   LCC D "O2'" 1 
HETATM 1025 O "O3'" . LCC D 1 3  ? 27.547  20.796  3.543   1.00 24.74  ?  3   LCC D "O3'" 1 
HETATM 1026 C "C6'" . LCC D 1 3  ? 29.811  22.022  3.719   1.00 27.01  ?  3   LCC D "C6'" 1 
HETATM 1027 P P     . LCC D 1 3  ? 26.988  24.152  0.017   1.00 27.63  ?  3   LCC D P     1 
HETATM 1028 O O1P   . LCC D 1 3  ? 27.110  22.953  -0.969  1.00 27.61  ?  3   LCC D O1P   1 
HETATM 1029 O O2P   . LCC D 1 3  ? 25.586  24.713  0.183   1.00 25.51  ?  3   LCC D O2P   1 
HETATM 1030 P P     . LCG D 1 4  ? 26.214  19.797  3.428   1.00 25.23  ?  4   LCG D P     1 
HETATM 1031 O OP1   . LCG D 1 4  ? 26.583  18.473  2.821   1.00 25.72  ?  4   LCG D OP1   1 
HETATM 1032 O "O5'" . LCG D 1 4  ? 25.822  19.741  4.989   1.00 26.09  ?  4   LCG D "O5'" 1 
HETATM 1033 C "C5'" . LCG D 1 4  ? 26.585  18.829  5.779   1.00 23.41  ?  4   LCG D "C5'" 1 
HETATM 1034 C "C3'" . LCG D 1 4  ? 24.583  18.860  7.296   1.00 22.97  ?  4   LCG D "C3'" 1 
HETATM 1035 C "C6'" . LCG D 1 4  ? 26.734  18.315  8.245   1.00 25.31  ?  4   LCG D "C6'" 1 
HETATM 1036 N N9    . LCG D 1 4  ? 24.188  21.657  8.156   1.00 22.81  ?  4   LCG D N9    1 
HETATM 1037 C C8    . LCG D 1 4  ? 24.061  22.200  6.935   1.00 22.51  ?  4   LCG D C8    1 
HETATM 1038 C C4    . LCG D 1 4  ? 23.303  22.315  8.937   1.00 24.26  ?  4   LCG D C4    1 
HETATM 1039 N N7    . LCG D 1 4  ? 23.142  23.126  6.934   1.00 24.14  ?  4   LCG D N7    1 
HETATM 1040 C C5    . LCG D 1 4  ? 22.645  23.214  8.191   1.00 22.25  ?  4   LCG D C5    1 
HETATM 1041 C C6    . LCG D 1 4  ? 21.701  24.034  8.756   1.00 23.32  ?  4   LCG D C6    1 
HETATM 1042 C "C2'" . LCG D 1 4  ? 24.552  19.229  8.757   1.00 22.68  ?  4   LCG D "C2'" 1 
HETATM 1043 O O6    . LCG D 1 4  ? 21.028  24.897  8.141   1.00 24.90  ?  4   LCG D O6    1 
HETATM 1044 C "C4'" . LCG D 1 4  ? 26.026  19.118  7.175   1.00 21.66  ?  4   LCG D "C4'" 1 
HETATM 1045 C "C1'" . LCG D 1 4  ? 25.092  20.634  8.685   1.00 23.87  ?  4   LCG D "C1'" 1 
HETATM 1046 C C2    . LCG D 1 4  ? 22.119  22.895  10.832  1.00 24.75  ?  4   LCG D C2    1 
HETATM 1047 N N1    . LCG D 1 4  ? 21.426  23.835  10.050  1.00 23.56  ?  4   LCG D N1    1 
HETATM 1048 O "O4'" . LCG D 1 4  ? 26.105  20.531  7.577   1.00 24.78  ?  4   LCG D "O4'" 1 
HETATM 1049 O OP2   . LCG D 1 4  ? 25.067  20.559  2.797   1.00 23.45  ?  4   LCG D OP2   1 
HETATM 1050 N N2    . LCG D 1 4  ? 21.825  22.746  12.148  1.00 24.81  ?  4   LCG D N2    1 
HETATM 1051 N N3    . LCG D 1 4  ? 23.058  22.134  10.271  1.00 23.30  ?  4   LCG D N3    1 
HETATM 1052 O "O2'" . LCG D 1 4  ? 25.649  18.446  9.344   1.00 25.50  ?  4   LCG D "O2'" 1 
HETATM 1053 O "O3'" . LCG D 1 4  ? 24.254  17.433  7.051   1.00 22.21  ?  4   LCG D "O3'" 1 
ATOM   1054 P P     . A   D 1 5  ? 22.838  16.966  6.638   1.00 24.79  ?  5   A   D P     1 
ATOM   1055 O OP1   . A   D 1 5  ? 22.973  15.499  6.373   1.00 28.84  ?  5   A   D OP1   1 
ATOM   1056 O OP2   . A   D 1 5  ? 22.088  17.819  5.689   1.00 24.53  ?  5   A   D OP2   1 
ATOM   1057 O "O5'" . A   D 1 5  ? 22.025  17.086  8.010   1.00 24.76  ?  5   A   D "O5'" 1 
ATOM   1058 C "C5'" . A   D 1 5  ? 22.382  16.274  9.114   1.00 23.81  ?  5   A   D "C5'" 1 
ATOM   1059 C "C4'" . A   D 1 5  ? 21.551  16.713  10.314  1.00 23.72  ?  5   A   D "C4'" 1 
ATOM   1060 O "O4'" . A   D 1 5  ? 21.837  18.105  10.622  1.00 23.70  ?  5   A   D "O4'" 1 
ATOM   1061 C "C3'" . A   D 1 5  ? 20.028  16.689  10.195  1.00 25.16  ?  5   A   D "C3'" 1 
ATOM   1062 O "O3'" . A   D 1 5  ? 19.617  15.339  10.390  1.00 25.48  ?  5   A   D "O3'" 1 
ATOM   1063 C "C2'" . A   D 1 5  ? 19.636  17.627  11.331  1.00 23.68  ?  5   A   D "C2'" 1 
ATOM   1064 O "O2'" . A   D 1 5  ? 19.790  16.936  12.581  1.00 25.25  ?  5   A   D "O2'" 1 
ATOM   1065 C "C1'" . A   D 1 5  ? 20.654  18.751  11.106  1.00 21.95  ?  5   A   D "C1'" 1 
ATOM   1066 N N9    . A   D 1 5  ? 20.225  19.699  10.078  1.00 22.29  ?  5   A   D N9    1 
ATOM   1067 C C8    . A   D 1 5  ? 20.643  19.764  8.771   1.00 23.38  ?  5   A   D C8    1 
ATOM   1068 N N7    . A   D 1 5  ? 20.083  20.732  8.089   1.00 22.64  ?  5   A   D N7    1 
ATOM   1069 C C5    . A   D 1 5  ? 19.276  21.368  9.016   1.00 21.20  ?  5   A   D C5    1 
ATOM   1070 C C6    . A   D 1 5  ? 18.411  22.479  8.915   1.00 23.58  ?  5   A   D C6    1 
ATOM   1071 N N6    . A   D 1 5  ? 18.245  23.181  7.802   1.00 24.75  ?  5   A   D N6    1 
ATOM   1072 N N1    . A   D 1 5  ? 17.767  22.876  10.029  1.00 22.08  ?  5   A   D N1    1 
ATOM   1073 C C2    . A   D 1 5  ? 17.907  22.140  11.139  1.00 23.08  ?  5   A   D C2    1 
ATOM   1074 N N3    . A   D 1 5  ? 18.675  21.071  11.353  1.00 21.27  ?  5   A   D N3    1 
ATOM   1075 C C4    . A   D 1 5  ? 19.323  20.721  10.232  1.00 22.57  ?  5   A   D C4    1 
ATOM   1076 P P     . C   D 1 6  ? 18.262  14.776  9.711   1.00 25.09  ?  6   C   D P     1 
ATOM   1077 O OP1   . C   D 1 6  ? 18.239  13.282  10.008  1.00 24.26  ?  6   C   D OP1   1 
ATOM   1078 O OP2   . C   D 1 6  ? 18.151  15.318  8.316   1.00 26.52  ?  6   C   D OP2   1 
ATOM   1079 O "O5'" . C   D 1 6  ? 17.108  15.548  10.489  1.00 25.37  ?  6   C   D "O5'" 1 
ATOM   1080 C "C5'" . C   D 1 6  ? 16.857  15.315  11.876  1.00 25.02  ?  6   C   D "C5'" 1 
ATOM   1081 C "C4'" . C   D 1 6  ? 15.945  16.395  12.391  1.00 25.56  ?  6   C   D "C4'" 1 
ATOM   1082 O "O4'" . C   D 1 6  ? 16.552  17.698  12.180  1.00 24.55  ?  6   C   D "O4'" 1 
ATOM   1083 C "C3'" . C   D 1 6  ? 14.592  16.505  11.712  1.00 25.62  ?  6   C   D "C3'" 1 
ATOM   1084 O "O3'" . C   D 1 6  ? 13.712  15.498  12.211  1.00 29.48  ?  6   C   D "O3'" 1 
ATOM   1085 C "C2'" . C   D 1 6  ? 14.203  17.919  12.101  1.00 25.75  ?  6   C   D "C2'" 1 
ATOM   1086 O "O2'" . C   D 1 6  ? 13.863  18.087  13.461  1.00 30.15  ?  6   C   D "O2'" 1 
ATOM   1087 C "C1'" . C   D 1 6  ? 15.538  18.637  11.903  1.00 25.70  ?  6   C   D "C1'" 1 
ATOM   1088 N N1    . C   D 1 6  ? 15.748  19.153  10.532  1.00 24.46  ?  6   C   D N1    1 
ATOM   1089 C C2    . C   D 1 6  ? 15.180  20.381  10.237  1.00 26.10  ?  6   C   D C2    1 
ATOM   1090 O O2    . C   D 1 6  ? 14.525  20.952  11.123  1.00 25.76  ?  6   C   D O2    1 
ATOM   1091 N N3    . C   D 1 6  ? 15.336  20.904  8.997   1.00 22.62  ?  6   C   D N3    1 
ATOM   1092 C C4    . C   D 1 6  ? 16.062  20.244  8.085   1.00 24.56  ?  6   C   D C4    1 
ATOM   1093 N N4    . C   D 1 6  ? 16.236  20.807  6.888   1.00 26.49  ?  6   C   D N4    1 
ATOM   1094 C C5    . C   D 1 6  ? 16.665  18.987  8.373   1.00 21.56  ?  6   C   D C5    1 
ATOM   1095 C C6    . C   D 1 6  ? 16.452  18.467  9.586   1.00 25.51  ?  6   C   D C6    1 
ATOM   1096 P P     . U   D 1 7  ? 12.515  14.947  11.351  1.00 31.30  ?  7   U   D P     1 
ATOM   1097 O OP1   . U   D 1 7  ? 11.903  13.779  12.059  1.00 30.76  ?  7   U   D OP1   1 
ATOM   1098 O OP2   . U   D 1 7  ? 12.982  14.792  9.995   1.00 27.72  ?  7   U   D OP2   1 
ATOM   1099 O "O5'" . U   D 1 7  ? 11.555  16.193  11.292  1.00 28.51  ?  7   U   D "O5'" 1 
ATOM   1100 C "C5'" . U   D 1 7  ? 10.820  16.660  12.415  1.00 29.23  ?  7   U   D "C5'" 1 
ATOM   1101 C "C4'" . U   D 1 7  ? 10.081  17.901  12.025  1.00 30.01  ?  7   U   D "C4'" 1 
ATOM   1102 O "O4'" . U   D 1 7  ? 10.987  18.944  11.597  1.00 30.02  ?  7   U   D "O4'" 1 
ATOM   1103 C "C3'" . U   D 1 7  ? 9.155   17.742  10.834  1.00 30.02  ?  7   U   D "C3'" 1 
ATOM   1104 O "O3'" . U   D 1 7  ? 7.933   17.080  11.167  1.00 32.47  ?  7   U   D "O3'" 1 
ATOM   1105 C "C2'" . U   D 1 7  ? 8.926   19.189  10.452  1.00 28.67  ?  7   U   D "C2'" 1 
ATOM   1106 O "O2'" . U   D 1 7  ? 8.087   19.819  11.392  1.00 32.40  ?  7   U   D "O2'" 1 
ATOM   1107 C "C1'" . U   D 1 7  ? 10.338  19.746  10.597  1.00 28.92  ?  7   U   D "C1'" 1 
ATOM   1108 N N1    . U   D 1 7  ? 11.120  19.651  9.356   1.00 27.04  ?  7   U   D N1    1 
ATOM   1109 C C2    . U   D 1 7  ? 10.922  20.641  8.412   1.00 25.40  ?  7   U   D C2    1 
ATOM   1110 O O2    . U   D 1 7  ? 10.082  21.508  8.524   1.00 29.17  ?  7   U   D O2    1 
ATOM   1111 N N3    . U   D 1 7  ? 11.726  20.550  7.309   1.00 24.22  ?  7   U   D N3    1 
ATOM   1112 C C4    . U   D 1 7  ? 12.739  19.660  7.085   1.00 25.00  ?  7   U   D C4    1 
ATOM   1113 O O4    . U   D 1 7  ? 13.382  19.735  6.035   1.00 25.59  ?  7   U   D O4    1 
ATOM   1114 C C5    . U   D 1 7  ? 12.876  18.649  8.093   1.00 25.99  ?  7   U   D C5    1 
ATOM   1115 C C6    . U   D 1 7  ? 12.079  18.681  9.166   1.00 27.36  ?  7   U   D C6    1 
ATOM   1116 P P     . U   D 1 8  ? 7.144   16.217  10.088  1.00 31.26  ?  8   U   D P     1 
ATOM   1117 O OP1   . U   D 1 8  ? 5.981   15.552  10.767  1.00 35.48  ?  8   U   D OP1   1 
ATOM   1118 O OP2   . U   D 1 8  ? 8.034   15.362  9.293   1.00 31.84  ?  8   U   D OP2   1 
ATOM   1119 O "O5'" . U   D 1 8  ? 6.589   17.305  9.055   1.00 30.82  ?  8   U   D "O5'" 1 
ATOM   1120 C "C5'" . U   D 1 8  ? 5.597   18.261  9.485   1.00 32.43  ?  8   U   D "C5'" 1 
ATOM   1121 C "C4'" . U   D 1 8  ? 5.396   19.328  8.444   1.00 30.42  ?  8   U   D "C4'" 1 
ATOM   1122 O "O4'" . U   D 1 8  ? 6.651   20.018  8.149   1.00 28.16  ?  8   U   D "O4'" 1 
ATOM   1123 C "C3'" . U   D 1 8  ? 4.955   18.830  7.090   1.00 28.74  ?  8   U   D "C3'" 1 
ATOM   1124 O "O3'" . U   D 1 8  ? 3.600   18.403  7.120   1.00 27.83  ?  8   U   D "O3'" 1 
ATOM   1125 C "C2'" . U   D 1 8  ? 5.271   20.036  6.223   1.00 26.50  ?  8   U   D "C2'" 1 
ATOM   1126 O "O2'" . U   D 1 8  ? 4.381   21.136  6.345   1.00 29.86  ?  8   U   D "O2'" 1 
ATOM   1127 C "C1'" . U   D 1 8  ? 6.641   20.414  6.783   1.00 27.29  ?  8   U   D "C1'" 1 
ATOM   1128 N N1    . U   D 1 8  ? 7.776   19.751  6.127   1.00 26.67  ?  8   U   D N1    1 
ATOM   1129 C C2    . U   D 1 8  ? 8.232   20.349  4.970   1.00 26.13  ?  8   U   D C2    1 
ATOM   1130 O O2    . U   D 1 8  ? 7.682   21.320  4.475   1.00 24.39  ?  8   U   D O2    1 
ATOM   1131 N N3    . U   D 1 8  ? 9.353   19.769  4.425   1.00 25.07  ?  8   U   D N3    1 
ATOM   1132 C C4    . U   D 1 8  ? 10.038  18.664  4.894   1.00 25.67  ?  8   U   D C4    1 
ATOM   1133 O O4    . U   D 1 8  ? 11.055  18.283  4.308   1.00 26.59  ?  8   U   D O4    1 
ATOM   1134 C C5    . U   D 1 8  ? 9.508   18.107  6.100   1.00 24.49  ?  8   U   D C5    1 
ATOM   1135 C C6    . U   D 1 8  ? 8.435   18.673  6.676   1.00 25.76  ?  8   U   D C6    1 
ATOM   1136 P P     . A   D 1 9  ? 3.108   17.245  6.201   1.00 30.09  ?  9   A   D P     1 
ATOM   1137 O OP1   . A   D 1 9  ? 1.653   17.036  6.450   1.00 32.31  ?  9   A   D OP1   1 
ATOM   1138 O OP2   . A   D 1 9  ? 4.046   16.076  6.116   1.00 30.19  ?  9   A   D OP2   1 
ATOM   1139 O "O5'" . A   D 1 9  ? 3.289   17.796  4.722   1.00 26.47  ?  9   A   D "O5'" 1 
ATOM   1140 C "C5'" . A   D 1 9  ? 2.319   18.713  4.270   1.00 25.67  ?  9   A   D "C5'" 1 
ATOM   1141 C "C4'" . A   D 1 9  ? 2.645   19.188  2.878   1.00 23.52  ?  9   A   D "C4'" 1 
ATOM   1142 O "O4'" . A   D 1 9  ? 3.871   19.969  2.823   1.00 24.55  ?  9   A   D "O4'" 1 
ATOM   1143 C "C3'" . A   D 1 9  ? 2.860   18.118  1.828   1.00 23.62  ?  9   A   D "C3'" 1 
ATOM   1144 O "O3'" . A   D 1 9  ? 1.616   17.576  1.416   1.00 23.27  ?  9   A   D "O3'" 1 
ATOM   1145 C "C2'" . A   D 1 9  ? 3.530   18.920  0.746   1.00 23.78  ?  9   A   D "C2'" 1 
ATOM   1146 O "O2'" . A   D 1 9  ? 2.623   19.724  -0.012  1.00 23.86  ?  9   A   D "O2'" 1 
ATOM   1147 C "C1'" . A   D 1 9  ? 4.500   19.755  1.565   1.00 24.97  ?  9   A   D "C1'" 1 
ATOM   1148 N N9    . A   D 1 9  ? 5.767   19.036  1.796   1.00 24.31  ?  9   A   D N9    1 
ATOM   1149 C C8    . A   D 1 9  ? 6.158   18.240  2.840   1.00 22.55  ?  9   A   D C8    1 
ATOM   1150 N N7    . A   D 1 9  ? 7.379   17.774  2.717   1.00 24.73  ?  9   A   D N7    1 
ATOM   1151 C C5    . A   D 1 9  ? 7.782   18.229  1.467   1.00 21.80  ?  9   A   D C5    1 
ATOM   1152 C C6    . A   D 1 9  ? 8.994   18.129  0.771   1.00 22.86  ?  9   A   D C6    1 
ATOM   1153 N N6    . A   D 1 9  ? 10.042  17.438  1.210   1.00 22.99  ?  9   A   D N6    1 
ATOM   1154 N N1    . A   D 1 9  ? 9.093   18.772  -0.416  1.00 22.88  ?  9   A   D N1    1 
ATOM   1155 C C2    . A   D 1 9  ? 8.039   19.446  -0.867  1.00 25.53  ?  9   A   D C2    1 
ATOM   1156 N N3    . A   D 1 9  ? 6.872   19.668  -0.278  1.00 24.46  ?  9   A   D N3    1 
ATOM   1157 C C4    . A   D 1 9  ? 6.804   19.016  0.898   1.00 23.15  ?  9   A   D C4    1 
ATOM   1158 P P     . A   D 1 10 ? 1.456   16.144  0.811   1.00 26.61  ?  10  A   D P     1 
ATOM   1159 O OP1   . A   D 1 10 ? -0.029  15.914  0.633   1.00 27.14  ?  10  A   D OP1   1 
ATOM   1160 O OP2   . A   D 1 10 ? 2.296   15.166  1.606   1.00 25.03  ?  10  A   D OP2   1 
ATOM   1161 O "O5'" . A   D 1 10 ? 2.178   16.180  -0.608  1.00 24.90  ?  10  A   D "O5'" 1 
ATOM   1162 C "C5'" . A   D 1 10 ? 1.578   16.901  -1.708  1.00 27.25  ?  10  A   D "C5'" 1 
ATOM   1163 C "C4'" . A   D 1 10 ? 2.555   17.030  -2.835  1.00 27.70  ?  10  A   D "C4'" 1 
ATOM   1164 O "O4'" . A   D 1 10 ? 3.742   17.703  -2.356  1.00 26.78  ?  10  A   D "O4'" 1 
ATOM   1165 C "C3'" . A   D 1 10 ? 3.052   15.748  -3.483  1.00 31.56  ?  10  A   D "C3'" 1 
ATOM   1166 O "O3'" . A   D 1 10 ? 2.008   15.385  -4.403  1.00 31.64  ?  10  A   D "O3'" 1 
ATOM   1167 C "C2'" . A   D 1 10 ? 4.353   16.232  -4.125  1.00 26.32  ?  10  A   D "C2'" 1 
ATOM   1168 O "O2'" . A   D 1 10 ? 4.122   16.897  -5.333  1.00 27.93  ?  10  A   D "O2'" 1 
ATOM   1169 C "C1'" . A   D 1 10 ? 4.870   17.221  -3.077  1.00 30.23  ?  10  A   D "C1'" 1 
ATOM   1170 N N9    . A   D 1 10 ? 5.773   16.583  -2.125  1.00 25.08  ?  10  A   D N9    1 
ATOM   1171 C C8    . A   D 1 10 ? 5.499   16.056  -0.893  1.00 27.43  ?  10  A   D C8    1 
ATOM   1172 N N7    . A   D 1 10 ? 6.545   15.544  -0.292  1.00 26.38  ?  10  A   D N7    1 
ATOM   1173 C C5    . A   D 1 10 ? 7.563   15.694  -1.221  1.00 23.63  ?  10  A   D C5    1 
ATOM   1174 C C6    . A   D 1 10 ? 8.907   15.345  -1.186  1.00 24.19  ?  10  A   D C6    1 
ATOM   1175 N N6    . A   D 1 10 ? 9.452   14.704  -0.156  1.00 24.35  ?  10  A   D N6    1 
ATOM   1176 N N1    . A   D 1 10 ? 9.650   15.582  -2.292  1.00 23.69  ?  10  A   D N1    1 
ATOM   1177 C C2    . A   D 1 10 ? 9.080   16.242  -3.314  1.00 23.26  ?  10  A   D C2    1 
ATOM   1178 N N3    . A   D 1 10 ? 7.804   16.615  -3.463  1.00 23.95  ?  10  A   D N3    1 
ATOM   1179 C C4    . A   D 1 10 ? 7.105   16.338  -2.353  1.00 25.40  ?  10  A   D C4    1 
ATOM   1180 P P     . G   D 1 11 ? 1.954   13.978  -5.065  1.00 34.63  ?  11  G   D P     1 
ATOM   1181 O OP1   . G   D 1 11 ? 0.870   13.943  -6.177  1.00 34.05  ?  11  G   D OP1   1 
ATOM   1182 O OP2   . G   D 1 11 ? 1.965   12.969  -3.938  1.00 31.06  ?  11  G   D OP2   1 
ATOM   1183 O "O5'" . G   D 1 11 ? 3.383   13.902  -5.776  1.00 32.69  ?  11  G   D "O5'" 1 
ATOM   1184 C "C5'" . G   D 1 11 ? 4.084   12.689  -5.824  1.00 28.41  ?  11  G   D "C5'" 1 
ATOM   1185 C "C4'" . G   D 1 11 ? 5.401   12.930  -6.523  1.00 27.09  ?  11  G   D "C4'" 1 
ATOM   1186 O "O4'" . G   D 1 11 ? 6.230   13.834  -5.741  1.00 24.24  ?  11  G   D "O4'" 1 
ATOM   1187 C "C3'" . G   D 1 11 ? 6.214   11.657  -6.611  1.00 26.09  ?  11  G   D "C3'" 1 
ATOM   1188 O "O3'" . G   D 1 11 ? 5.756   10.949  -7.744  1.00 25.62  ?  11  G   D "O3'" 1 
ATOM   1189 C "C2'" . G   D 1 11 ? 7.639   12.177  -6.685  1.00 24.68  ?  11  G   D "C2'" 1 
ATOM   1190 O "O2'" . G   D 1 11 ? 7.859   12.636  -8.004  1.00 25.66  ?  11  G   D "O2'" 1 
ATOM   1191 C "C1'" . G   D 1 11 ? 7.569   13.303  -5.664  1.00 24.90  ?  11  G   D "C1'" 1 
ATOM   1192 N N9    . G   D 1 11 ? 7.849   12.873  -4.292  1.00 22.88  ?  11  G   D N9    1 
ATOM   1193 C C8    . G   D 1 11 ? 6.991   12.796  -3.226  1.00 22.12  ?  11  G   D C8    1 
ATOM   1194 N N7    . G   D 1 11 ? 7.573   12.391  -2.127  1.00 23.18  ?  11  G   D N7    1 
ATOM   1195 C C5    . G   D 1 11 ? 8.899   12.208  -2.487  1.00 19.95  ?  11  G   D C5    1 
ATOM   1196 C C6    . G   D 1 11 ? 10.013  11.789  -1.714  1.00 21.99  ?  11  G   D C6    1 
ATOM   1197 O O6    . G   D 1 11 ? 10.070  11.571  -0.486  1.00 23.92  ?  11  G   D O6    1 
ATOM   1198 N N1    . G   D 1 11 ? 11.171  11.754  -2.475  1.00 22.58  ?  11  G   D N1    1 
ATOM   1199 C C2    . G   D 1 11 ? 11.247  12.041  -3.820  1.00 23.06  ?  11  G   D C2    1 
ATOM   1200 N N2    . G   D 1 11 ? 12.451  11.924  -4.399  1.00 23.39  ?  11  G   D N2    1 
ATOM   1201 N N3    . G   D 1 11 ? 10.219  12.437  -4.545  1.00 24.16  ?  11  G   D N3    1 
ATOM   1202 C C4    . G   D 1 11 ? 9.086   12.495  -3.821  1.00 22.03  ?  11  G   D C4    1 
ATOM   1203 P P     . U   D 1 12 ? 5.841   9.332   -7.729  1.00 29.43  ?  12  U   D P     1 
ATOM   1204 O OP1   . U   D 1 12 ? 5.230   8.831   -8.993  1.00 29.94  ?  12  U   D OP1   1 
ATOM   1205 O OP2   . U   D 1 12 ? 5.480   8.820   -6.373  1.00 29.76  ?  12  U   D OP2   1 
ATOM   1206 O "O5'" . U   D 1 12 ? 7.396   9.032   -7.730  1.00 27.98  ?  12  U   D "O5'" 1 
ATOM   1207 C "C5'" . U   D 1 12 ? 8.180   9.276   -8.920  1.00 26.09  ?  12  U   D "C5'" 1 
ATOM   1208 C "C4'" . U   D 1 12 ? 9.629   8.961   -8.668  1.00 25.02  ?  12  U   D "C4'" 1 
ATOM   1209 O "O4'" . U   D 1 12 ? 10.172  9.796   -7.610  1.00 26.83  ?  12  U   D "O4'" 1 
ATOM   1210 C "C3'" . U   D 1 12 ? 9.939   7.557   -8.188  1.00 27.34  ?  12  U   D "C3'" 1 
ATOM   1211 O "O3'" . U   D 1 12 ? 9.958   6.621   -9.271  1.00 29.75  ?  12  U   D "O3'" 1 
ATOM   1212 C "C2'" . U   D 1 12 ? 11.335  7.748   -7.634  1.00 24.80  ?  12  U   D "C2'" 1 
ATOM   1213 O "O2'" . U   D 1 12 ? 12.353  7.950   -8.611  1.00 26.58  ?  12  U   D "O2'" 1 
ATOM   1214 C "C1'" . U   D 1 12 ? 11.144  9.046   -6.879  1.00 25.43  ?  12  U   D "C1'" 1 
ATOM   1215 N N1    . U   D 1 12 ? 10.662  8.890   -5.500  1.00 23.78  ?  12  U   D N1    1 
ATOM   1216 C C2    . U   D 1 12 ? 11.589  8.537   -4.547  1.00 21.84  ?  12  U   D C2    1 
ATOM   1217 O O2    . U   D 1 12 ? 12.754  8.311   -4.816  1.00 25.04  ?  12  U   D O2    1 
ATOM   1218 N N3    . U   D 1 12 ? 11.100  8.454   -3.272  1.00 22.87  ?  12  U   D N3    1 
ATOM   1219 C C4    . U   D 1 12 ? 9.808   8.677   -2.858  1.00 22.21  ?  12  U   D C4    1 
ATOM   1220 O O4    . U   D 1 12 ? 9.531   8.598   -1.664  1.00 23.82  ?  12  U   D O4    1 
ATOM   1221 C C5    . U   D 1 12 ? 8.886   8.980   -3.916  1.00 24.31  ?  12  U   D C5    1 
ATOM   1222 C C6    . U   D 1 12 ? 9.335   9.048   -5.175  1.00 22.24  ?  12  U   D C6    1 
ATOM   1223 P P     . C   D 1 13 ? 9.654   5.090   -9.024  1.00 30.69  ?  13  C   D P     1 
ATOM   1224 O OP1   . C   D 1 13 ? 9.515   4.465   -10.386 1.00 34.01  ?  13  C   D OP1   1 
ATOM   1225 O OP2   . C   D 1 13 ? 8.562   4.935   -8.025  1.00 27.62  ?  13  C   D OP2   1 
ATOM   1226 O "O5'" . C   D 1 13 ? 10.962  4.546   -8.298  1.00 26.89  ?  13  C   D "O5'" 1 
ATOM   1227 C "C5'" . C   D 1 13 ? 12.226  4.467   -8.952  1.00 28.62  ?  13  C   D "C5'" 1 
ATOM   1228 C "C4'" . C   D 1 13 ? 13.299  4.248   -7.914  1.00 27.86  ?  13  C   D "C4'" 1 
ATOM   1229 O "O4'" . C   D 1 13 ? 13.279  5.294   -6.896  1.00 29.69  ?  13  C   D "O4'" 1 
ATOM   1230 C "C3'" . C   D 1 13 ? 13.190  2.975   -7.094  1.00 26.64  ?  13  C   D "C3'" 1 
ATOM   1231 O "O3'" . C   D 1 13 ? 13.648  1.843   -7.841  1.00 28.70  ?  13  C   D "O3'" 1 
ATOM   1232 C "C2'" . C   D 1 13 ? 14.105  3.303   -5.924  1.00 25.55  ?  13  C   D "C2'" 1 
ATOM   1233 O "O2'" . C   D 1 13 ? 15.477  3.375   -6.278  1.00 27.18  ?  13  C   D "O2'" 1 
ATOM   1234 C "C1'" . C   D 1 13 ? 13.692  4.744   -5.638  1.00 26.41  ?  13  C   D "C1'" 1 
ATOM   1235 N N1    . C   D 1 13 ? 12.625  4.903   -4.647  1.00 24.50  ?  13  C   D N1    1 
ATOM   1236 C C2    . C   D 1 13 ? 12.979  4.861   -3.292  1.00 22.66  ?  13  C   D C2    1 
ATOM   1237 O O2    . C   D 1 13 ? 14.162  4.664   -2.993  1.00 23.55  ?  13  C   D O2    1 
ATOM   1238 N N3    . C   D 1 13 ? 12.010  4.965   -2.350  1.00 20.44  ?  13  C   D N3    1 
ATOM   1239 C C4    . C   D 1 13 ? 10.735  5.115   -2.720  1.00 22.73  ?  13  C   D C4    1 
ATOM   1240 N N4    . C   D 1 13 ? 9.820   5.291   -1.764  1.00 23.63  ?  13  C   D N4    1 
ATOM   1241 C C5    . C   D 1 13 ? 10.352  5.201   -4.093  1.00 23.38  ?  13  C   D C5    1 
ATOM   1242 C C6    . C   D 1 13 ? 11.310  5.042   -5.012  1.00 25.84  ?  13  C   D C6    1 
ATOM   1243 P P     . G   D 1 14 ? 13.003  0.409   -7.549  1.00 29.62  ?  14  G   D P     1 
ATOM   1244 O OP1   . G   D 1 14 ? 13.633  -0.548  -8.454  1.00 33.88  ?  14  G   D OP1   1 
ATOM   1245 O OP2   . G   D 1 14 ? 11.533  0.518   -7.479  1.00 29.54  ?  14  G   D OP2   1 
ATOM   1246 O "O5'" . G   D 1 14 ? 13.465  0.065   -6.063  1.00 27.22  ?  14  G   D "O5'" 1 
ATOM   1247 C "C5'" . G   D 1 14 ? 14.860  -0.105  -5.831  1.00 25.06  ?  14  G   D "C5'" 1 
ATOM   1248 C "C4'" . G   D 1 14 ? 15.104  -0.309  -4.351  1.00 25.97  ?  14  G   D "C4'" 1 
ATOM   1249 O "O4'" . G   D 1 14 ? 14.780  0.897   -3.607  1.00 25.30  ?  14  G   D "O4'" 1 
ATOM   1250 C "C3'" . G   D 1 14 ? 14.236  -1.334  -3.658  1.00 26.46  ?  14  G   D "C3'" 1 
ATOM   1251 O "O3'" . G   D 1 14 ? 14.677  -2.635  -4.039  1.00 29.23  ?  14  G   D "O3'" 1 
ATOM   1252 C "C2'" . G   D 1 14 ? 14.520  -0.981  -2.204  1.00 25.72  ?  14  G   D "C2'" 1 
ATOM   1253 O "O2'" . G   D 1 14 ? 15.784  -1.424  -1.733  1.00 25.10  ?  14  G   D "O2'" 1 
ATOM   1254 C "C1'" . G   D 1 14 ? 14.479  0.544   -2.275  1.00 24.64  ?  14  G   D "C1'" 1 
ATOM   1255 N N9    . G   D 1 14 ? 13.164  1.066   -1.960  1.00 24.84  ?  14  G   D N9    1 
ATOM   1256 C C8    . G   D 1 14 ? 12.161  1.439   -2.824  1.00 23.26  ?  14  G   D C8    1 
ATOM   1257 N N7    . G   D 1 14 ? 11.084  1.854   -2.210  1.00 22.13  ?  14  G   D N7    1 
ATOM   1258 C C5    . G   D 1 14 ? 11.383  1.711   -0.862  1.00 21.87  ?  14  G   D C5    1 
ATOM   1259 C C6    . G   D 1 14 ? 10.615  2.023   0.300   1.00 23.83  ?  14  G   D C6    1 
ATOM   1260 O O6    . G   D 1 14 ? 9.455   2.467   0.372   1.00 24.49  ?  14  G   D O6    1 
ATOM   1261 N N1    . G   D 1 14 ? 11.311  1.717   1.466   1.00 22.10  ?  14  G   D N1    1 
ATOM   1262 C C2    . G   D 1 14 ? 12.579  1.182   1.516   1.00 24.62  ?  14  G   D C2    1 
ATOM   1263 N N2    . G   D 1 14 ? 13.091  0.963   2.735   1.00 25.73  ?  14  G   D N2    1 
ATOM   1264 N N3    . G   D 1 14 ? 13.323  0.945   0.447   1.00 22.39  ?  14  G   D N3    1 
ATOM   1265 C C4    . G   D 1 14 ? 12.666  1.227   -0.695  1.00 23.28  ?  14  G   D C4    1 
ATOM   1266 P P     . G   D 1 15 ? 13.678  -3.850  -3.886  1.00 33.01  ?  15  G   D P     1 
ATOM   1267 O OP1   . G   D 1 15 ? 14.353  -5.043  -4.480  1.00 35.59  ?  15  G   D OP1   1 
ATOM   1268 O OP2   . G   D 1 15 ? 12.326  -3.441  -4.321  1.00 33.26  ?  15  G   D OP2   1 
ATOM   1269 O "O5'" . G   D 1 15 ? 13.729  -4.059  -2.320  1.00 33.49  ?  15  G   D "O5'" 1 
ATOM   1270 C "C5'" . G   D 1 15 ? 12.644  -4.482  -1.574  1.00 34.69  ?  15  G   D "C5'" 1 
ATOM   1271 C "C4'" . G   D 1 15 ? 13.028  -4.219  -0.157  1.00 32.87  ?  15  G   D "C4'" 1 
ATOM   1272 O "O4'" . G   D 1 15 ? 12.938  -2.773  0.087   1.00 30.57  ?  15  G   D "O4'" 1 
ATOM   1273 C "C3'" . G   D 1 15 ? 12.117  -4.876  0.862   1.00 34.95  ?  15  G   D "C3'" 1 
ATOM   1274 O "O3'" . G   D 1 15 ? 12.666  -6.122  1.263   1.00 35.81  ?  15  G   D "O3'" 1 
ATOM   1275 C "C2'" . G   D 1 15 ? 12.171  -3.905  2.025   1.00 30.28  ?  15  G   D "C2'" 1 
ATOM   1276 O "O2'" . G   D 1 15 ? 13.299  -4.198  2.817   1.00 30.74  ?  15  G   D "O2'" 1 
ATOM   1277 C "C1'" . G   D 1 15 ? 12.266  -2.555  1.299   1.00 26.96  ?  15  G   D "C1'" 1 
ATOM   1278 N N9    . G   D 1 15 ? 10.989  -1.921  1.007   1.00 25.25  ?  15  G   D N9    1 
ATOM   1279 C C8    . G   D 1 15 ? 10.460  -1.586  -0.218  1.00 26.43  ?  15  G   D C8    1 
ATOM   1280 N N7    . G   D 1 15 ? 9.312   -0.973  -0.129  1.00 27.19  ?  15  G   D N7    1 
ATOM   1281 C C5    . G   D 1 15 ? 9.079   -0.882  1.234   1.00 24.11  ?  15  G   D C5    1 
ATOM   1282 C C6    . G   D 1 15 ? 8.001   -0.316  1.943   1.00 24.65  ?  15  G   D C6    1 
ATOM   1283 O O6    . G   D 1 15 ? 6.996   0.246   1.498   1.00 27.32  ?  15  G   D O6    1 
ATOM   1284 N N1    . G   D 1 15 ? 8.141   -0.495  3.317   1.00 24.57  ?  15  G   D N1    1 
ATOM   1285 C C2    . G   D 1 15 ? 9.232   -1.056  3.932   1.00 24.24  ?  15  G   D C2    1 
ATOM   1286 N N2    . G   D 1 15 ? 9.195   -1.119  5.271   1.00 23.79  ?  15  G   D N2    1 
ATOM   1287 N N3    . G   D 1 15 ? 10.253  -1.577  3.278   1.00 24.89  ?  15  G   D N3    1 
ATOM   1288 C C4    . G   D 1 15 ? 10.123  -1.437  1.947   1.00 23.89  ?  15  G   D C4    1 
HETATM 1289 O O1    . PZG E 2 .  ? 8.726   -4.978  2.997   1.00 35.27  ?  101 PZG A O1    1 
HETATM 1290 C C1    . PZG E 2 .  ? 7.719   -4.273  3.008   1.00 32.39  ?  101 PZG A C1    1 
HETATM 1291 N N1    . PZG E 2 .  ? 7.139   -3.957  4.189   1.00 35.21  ?  101 PZG A N1    1 
HETATM 1292 C C2    . PZG E 2 .  ? 5.922   -3.224  4.241   1.00 31.14  ?  101 PZG A C2    1 
HETATM 1293 N N2    . PZG E 2 .  ? 5.367   -2.943  5.407   1.00 34.10  ?  101 PZG A N2    1 
HETATM 1294 N N3    . PZG E 2 .  ? 5.421   -2.779  3.106   1.00 30.23  ?  101 PZG A N3    1 
HETATM 1295 C C3    . PZG E 2 .  ? 6.059   -3.113  1.959   1.00 28.93  ?  101 PZG A C3    1 
HETATM 1296 C C4    . PZG E 2 .  ? 7.193   -3.804  1.908   1.00 32.49  ?  101 PZG A C4    1 
HETATM 1297 N N4    . PZG E 2 .  ? 7.553   -3.977  0.636   1.00 32.85  ?  101 PZG A N4    1 
HETATM 1298 C C5    . PZG E 2 .  ? 6.636   -3.348  -0.118  1.00 32.67  ?  101 PZG A C5    1 
HETATM 1299 N N5    . PZG E 2 .  ? 5.759   -2.770  0.713   1.00 33.48  ?  101 PZG A N5    1 
HETATM 1300 C C6    . PZG E 2 .  ? 4.426   -2.086  0.590   1.00 40.61  ?  101 PZG A C6    1 
HETATM 1301 O O2    . PZG E 2 .  ? 3.776   -2.981  -0.465  1.00 43.04  ?  101 PZG A O2    1 
HETATM 1302 C C7    . PZG E 2 .  ? 4.209   -0.629  0.166   1.00 49.97  ?  101 PZG A C7    1 
HETATM 1303 O O3    . PZG E 2 .  ? 2.954   -0.168  0.796   1.00 58.07  ?  101 PZG A O3    1 
HETATM 1304 C C8    . PZG E 2 .  ? 4.087   -0.782  -1.312  1.00 52.84  ?  101 PZG A C8    1 
HETATM 1305 O O4    . PZG E 2 .  ? 3.481   0.353   -1.871  1.00 61.27  ?  101 PZG A O4    1 
HETATM 1306 C C9    . PZG E 2 .  ? 3.225   -2.064  -1.464  1.00 54.58  ?  101 PZG A C9    1 
HETATM 1307 C C10   . PZG E 2 .  ? 3.456   -2.679  -2.849  1.00 63.96  ?  101 PZG A C10   1 
HETATM 1308 O O5    . PZG E 2 .  ? 4.835   -3.097  -2.901  1.00 74.66  ?  101 PZG A O5    1 
HETATM 1309 P P1    . PZG E 2 .  ? 5.749   -3.261  -4.216  1.00 82.51  ?  101 PZG A P1    1 
HETATM 1310 O O6    . PZG E 2 .  ? 7.126   -2.972  -3.781  1.00 71.18  ?  101 PZG A O6    1 
HETATM 1311 O O7    . PZG E 2 .  ? 5.571   -4.853  -4.547  1.00 80.16  ?  101 PZG A O7    1 
HETATM 1312 C C11   . PZG E 2 .  ? 5.076   -2.286  -5.574  1.00 84.43  ?  101 PZG A C11   1 
HETATM 1313 C C12   . PZG E 2 .  ? 5.251   -0.970  -5.690  1.00 79.87  ?  101 PZG A C12   1 
HETATM 1314 N N6    . PZG E 2 .  ? 4.616   -0.603  -6.804  1.00 82.59  ?  101 PZG A N6    1 
HETATM 1315 N N7    . PZG E 2 .  ? 4.066   -1.668  -7.363  1.00 85.67  ?  101 PZG A N7    1 
HETATM 1316 C C13   . PZG E 2 .  ? 4.352   -2.725  -6.605  1.00 85.67  ?  101 PZG A C13   1 
HETATM 1317 C C14   . PZG E 2 .  ? 3.903   -4.171  -6.892  1.00 80.60  ?  101 PZG A C14   1 
HETATM 1318 O O1    . PZG F 2 .  ? -26.886 -31.100 -10.490 1.00 34.66  ?  102 PZG A O1    1 
HETATM 1319 C C1    . PZG F 2 .  ? -27.492 -31.151 -9.405  1.00 32.39  ?  102 PZG A C1    1 
HETATM 1320 N N1    . PZG F 2 .  ? -28.536 -30.297 -9.207  1.00 28.94  ?  102 PZG A N1    1 
HETATM 1321 C C2    . PZG F 2 .  ? -29.285 -30.354 -8.053  1.00 28.33  ?  102 PZG A C2    1 
HETATM 1322 N N2    . PZG F 2 .  ? -30.298 -29.533 -7.932  1.00 29.02  ?  102 PZG A N2    1 
HETATM 1323 N N3    . PZG F 2 .  ? -28.973 -31.165 -7.046  1.00 30.78  ?  102 PZG A N3    1 
HETATM 1324 C C3    . PZG F 2 .  ? -27.903 -31.973 -7.291  1.00 28.78  ?  102 PZG A C3    1 
HETATM 1325 C C4    . PZG F 2 .  ? -27.193 -31.985 -8.429  1.00 31.73  ?  102 PZG A C4    1 
HETATM 1326 N N4    . PZG F 2 .  ? -26.221 -32.882 -8.316  1.00 30.47  ?  102 PZG A N4    1 
HETATM 1327 C C5    . PZG F 2 .  ? -26.333 -33.455 -7.135  1.00 29.69  ?  102 PZG A C5    1 
HETATM 1328 N N5    . PZG F 2 .  ? -27.375 -32.855 -6.499  1.00 32.47  ?  102 PZG A N5    1 
HETATM 1329 C C6    . PZG F 2 .  ? -27.872 -33.111 -5.121  1.00 36.25  ?  102 PZG A C6    1 
HETATM 1330 O O2    . PZG F 2 .  ? -26.851 -33.948 -4.459  1.00 39.54  ?  102 PZG A O2    1 
HETATM 1331 C C7    . PZG F 2 .  ? -29.171 -33.814 -4.929  1.00 41.32  ?  102 PZG A C7    1 
HETATM 1332 O O3    . PZG F 2 .  ? -29.498 -33.543 -3.537  1.00 38.83  ?  102 PZG A O3    1 
HETATM 1333 C C8    . PZG F 2 .  ? -28.748 -35.263 -5.053  1.00 46.15  ?  102 PZG A C8    1 
HETATM 1334 O O4    . PZG F 2 .  ? -29.660 -36.072 -4.359  1.00 44.63  ?  102 PZG A O4    1 
HETATM 1335 C C9    . PZG F 2 .  ? -27.412 -35.278 -4.264  1.00 50.13  ?  102 PZG A C9    1 
HETATM 1336 C C10   . PZG F 2 .  ? -26.363 -36.334 -4.727  1.00 58.66  ?  102 PZG A C10   1 
HETATM 1337 O O5    . PZG F 2 .  ? -26.862 -37.238 -5.736  1.00 85.52  ?  102 PZG A O5    1 
HETATM 1338 P P1    . PZG F 2 .  ? -26.954 -38.866 -5.525  1.00 107.51 ?  102 PZG A P1    1 
HETATM 1339 O O6    . PZG F 2 .  ? -25.516 -39.161 -4.883  1.00 105.94 ?  102 PZG A O6    1 
HETATM 1340 O O7    . PZG F 2 .  ? -26.980 -39.493 -6.863  1.00 111.25 ?  102 PZG A O7    1 
HETATM 1341 C C11   . PZG F 2 .  ? -28.255 -39.399 -4.212  1.00 109.98 ?  102 PZG A C11   1 
HETATM 1342 C C12   . PZG F 2 .  ? -28.307 -38.939 -2.961  1.00 110.04 ?  102 PZG A C12   1 
HETATM 1343 N N6    . PZG F 2 .  ? -29.337 -39.541 -2.357  1.00 108.79 ?  102 PZG A N6    1 
HETATM 1344 N N7    . PZG F 2 .  ? -29.902 -40.346 -3.169  1.00 113.91 ?  102 PZG A N7    1 
HETATM 1345 C C13   . PZG F 2 .  ? -29.251 -40.283 -4.333  1.00 111.18 ?  102 PZG A C13   1 
HETATM 1346 C C14   . PZG F 2 .  ? -29.628 -41.103 -5.577  1.00 107.99 ?  102 PZG A C14   1 
HETATM 1347 O O1    . PZG G 2 .  ? -4.706  -1.294  9.158   1.00 34.43  ?  101 PZG C O1    1 
HETATM 1348 C C1    . PZG G 2 .  ? -4.004  -1.527  8.173   1.00 32.29  ?  101 PZG C C1    1 
HETATM 1349 N N1    . PZG G 2 .  ? -3.047  -2.456  8.245   1.00 38.26  ?  101 PZG C N1    1 
HETATM 1350 C C2    . PZG G 2 .  ? -2.175  -2.668  7.164   1.00 31.52  ?  101 PZG C C2    1 
HETATM 1351 N N2    . PZG G 2 .  ? -1.228  -3.578  7.256   1.00 32.59  ?  101 PZG C N2    1 
HETATM 1352 N N3    . PZG G 2 .  ? -2.351  -1.978  6.066   1.00 31.54  ?  101 PZG C N3    1 
HETATM 1353 C C3    . PZG G 2 .  ? -3.338  -1.063  6.031   1.00 28.72  ?  101 PZG C C3    1 
HETATM 1354 C C4    . PZG G 2 .  ? -4.155  -0.852  7.047   1.00 33.55  ?  101 PZG C C4    1 
HETATM 1355 N N4    . PZG G 2 .  ? -5.005  0.114   6.731   1.00 31.31  ?  101 PZG C N4    1 
HETATM 1356 C C5    . PZG G 2 .  ? -4.741  0.500   5.489   1.00 29.51  ?  101 PZG C C5    1 
HETATM 1357 N N5    . PZG G 2 .  ? -3.715  -0.263  5.063   1.00 36.20  ?  101 PZG C N5    1 
HETATM 1358 C C6    . PZG G 2 .  ? -2.870  -0.254  3.849   1.00 42.21  ?  101 PZG C C6    1 
HETATM 1359 O O2    . PZG G 2 .  ? -2.655  1.243   3.706   1.00 47.50  ?  101 PZG C O2    1 
HETATM 1360 C C7    . PZG G 2 .  ? -3.360  -0.787  2.514   1.00 52.13  ?  101 PZG C C7    1 
HETATM 1361 O O3    . PZG G 2 .  ? -2.186  -1.217  1.773   1.00 59.92  ?  101 PZG C O3    1 
HETATM 1362 C C8    . PZG G 2 .  ? -3.987  0.453   1.954   1.00 55.19  ?  101 PZG C C8    1 
HETATM 1363 O O4    . PZG G 2 .  ? -4.185  0.339   0.574   1.00 63.14  ?  101 PZG C O4    1 
HETATM 1364 C C9    . PZG G 2 .  ? -2.941  1.531   2.305   1.00 58.83  ?  101 PZG C C9    1 
HETATM 1365 C C10   . PZG G 2 .  ? -3.576  2.920   2.175   1.00 70.17  ?  101 PZG C C10   1 
HETATM 1366 O O5    . PZG G 2 .  ? -4.503  3.110   3.275   1.00 82.89  ?  101 PZG C O5    1 
HETATM 1367 P P1    . PZG G 2 .  ? -5.957  3.829   3.188   1.00 92.87  ?  101 PZG C P1    1 
HETATM 1368 O O6    . PZG G 2 .  ? -5.778  5.082   4.216   1.00 92.79  ?  101 PZG C O6    1 
HETATM 1369 O O7    . PZG G 2 .  ? -6.945  2.884   3.730   1.00 77.92  ?  101 PZG C O7    1 
HETATM 1370 C C11   . PZG G 2 .  ? -6.219  4.505   1.538   1.00 94.77  ?  101 PZG C C11   1 
HETATM 1371 C C12   . PZG G 2 .  ? -6.863  3.858   0.566   1.00 89.56  ?  101 PZG C C12   1 
HETATM 1372 N N6    . PZG G 2 .  ? -6.850  4.664   -0.498  1.00 91.14  ?  101 PZG C N6    1 
HETATM 1373 N N7    . PZG G 2 .  ? -6.212  5.779   -0.190  1.00 94.57  ?  101 PZG C N7    1 
HETATM 1374 C C13   . PZG G 2 .  ? -5.813  5.692   1.078   1.00 95.61  ?  101 PZG C C13   1 
HETATM 1375 C C14   . PZG G 2 .  ? -5.026  6.779   1.842   1.00 89.77  ?  101 PZG C C14   1 
HETATM 1376 O O1    . PZG H 2 .  ? 25.418  33.466  6.037   1.00 35.20  ?  101 PZG D O1    1 
HETATM 1377 C C1    . PZG H 2 .  ? 26.470  32.832  6.227   1.00 31.20  ?  101 PZG D C1    1 
HETATM 1378 N N1    . PZG H 2 .  ? 27.242  32.421  5.119   1.00 29.73  ?  101 PZG D N1    1 
HETATM 1379 C C2    . PZG H 2 .  ? 28.443  31.770  5.352   1.00 27.81  ?  101 PZG D C2    1 
HETATM 1380 N N2    . PZG H 2 .  ? 29.158  31.415  4.304   1.00 28.33  ?  101 PZG D N2    1 
HETATM 1381 N N3    . PZG H 2 .  ? 28.817  31.436  6.570   1.00 31.75  ?  101 PZG D N3    1 
HETATM 1382 C C3    . PZG H 2 .  ? 28.021  31.856  7.594   1.00 29.83  ?  101 PZG D C3    1 
HETATM 1383 C C4    . PZG H 2 .  ? 26.890  32.533  7.427   1.00 31.63  ?  101 PZG D C4    1 
HETATM 1384 N N4    . PZG H 2 .  ? 26.321  32.759  8.628   1.00 30.92  ?  101 PZG D N4    1 
HETATM 1385 C C5    . PZG H 2 .  ? 27.112  32.252  9.539   1.00 29.15  ?  101 PZG D C5    1 
HETATM 1386 N N5    . PZG H 2 .  ? 28.160  31.673  8.891   1.00 32.66  ?  101 PZG D N5    1 
HETATM 1387 C C6    . PZG H 2 .  ? 29.299  30.904  9.483   1.00 34.26  ?  101 PZG D C6    1 
HETATM 1388 O O2    . PZG H 2 .  ? 28.997  30.587  10.904  1.00 36.31  ?  101 PZG D O2    1 
HETATM 1389 C C7    . PZG H 2 .  ? 30.658  31.502  9.497   1.00 39.22  ?  101 PZG D C7    1 
HETATM 1390 O O3    . PZG H 2 .  ? 31.562  30.360  9.777   1.00 37.90  ?  101 PZG D O3    1 
HETATM 1391 C C8    . PZG H 2 .  ? 30.623  32.309  10.764  1.00 42.81  ?  101 PZG D C8    1 
HETATM 1392 O O4    . PZG H 2 .  ? 31.949  32.461  11.203  1.00 43.75  ?  101 PZG D O4    1 
HETATM 1393 C C9    . PZG H 2 .  ? 29.899  31.327  11.754  1.00 42.71  ?  101 PZG D C9    1 
HETATM 1394 C C10   . PZG H 2 .  ? 29.056  31.996  12.837  1.00 47.85  ?  101 PZG D C10   1 
HETATM 1395 O O5    . PZG H 2 .  ? 28.433  33.155  12.279  1.00 61.41  ?  101 PZG D O5    1 
HETATM 1396 P P1    . PZG H 2 .  ? 28.060  34.435  13.175  1.00 73.17  ?  101 PZG D P1    1 
HETATM 1397 O O6    . PZG H 2 .  ? 27.261  35.353  12.317  1.00 71.72  ?  101 PZG D O6    1 
HETATM 1398 O O7    . PZG H 2 .  ? 27.140  33.693  14.314  1.00 72.05  ?  101 PZG D O7    1 
HETATM 1399 C C11   . PZG H 2 .  ? 29.594  35.072  14.067  1.00 81.17  ?  101 PZG D C11   1 
HETATM 1400 C C12   . PZG H 2 .  ? 30.843  34.666  13.846  1.00 84.49  ?  101 PZG D C12   1 
HETATM 1401 N N6    . PZG H 2 .  ? 31.635  35.339  14.677  1.00 84.57  ?  101 PZG D N6    1 
HETATM 1402 N N7    . PZG H 2 .  ? 30.913  36.136  15.389  1.00 89.45  ?  101 PZG D N7    1 
HETATM 1403 C C13   . PZG H 2 .  ? 29.636  35.992  15.035  1.00 87.76  ?  101 PZG D C13   1 
HETATM 1404 C C14   . PZG H 2 .  ? 28.444  36.777  15.652  1.00 80.57  ?  101 PZG D C14   1 
HETATM 1405 O O     . HOH I 3 .  ? -22.542 -6.819  -8.372  1.00 34.26  ?  201 HOH A O     1 
HETATM 1406 O O     . HOH I 3 .  ? -14.593 -15.672 7.393   1.00 30.12  ?  202 HOH A O     1 
HETATM 1407 O O     . HOH I 3 .  ? -31.327 -29.382 -5.413  1.00 39.23  ?  203 HOH A O     1 
HETATM 1408 O O     . HOH I 3 .  ? -22.342 -32.674 -7.598  1.00 38.62  ?  204 HOH A O     1 
HETATM 1409 O O     . HOH I 3 .  ? -18.099 -16.179 -8.378  1.00 30.97  ?  205 HOH A O     1 
HETATM 1410 O O     . HOH I 3 .  ? -17.602 -6.717  1.918   1.00 28.70  ?  206 HOH A O     1 
HETATM 1411 O O     . HOH I 3 .  ? -15.570 -16.513 -18.743 0.33 25.61  ?  207 HOH A O     1 
HETATM 1412 O O     . HOH I 3 .  ? -19.858 -31.323 -7.885  1.00 36.30  ?  208 HOH A O     1 
HETATM 1413 O O     . HOH I 3 .  ? -12.530 -15.958 -14.970 1.00 27.08  ?  209 HOH A O     1 
HETATM 1414 O O     . HOH I 3 .  ? -18.586 -5.511  -8.364  1.00 28.20  ?  210 HOH A O     1 
HETATM 1415 O O     . HOH I 3 .  ? -5.633  -11.685 2.866   1.00 28.50  ?  211 HOH A O     1 
HETATM 1416 O O     . HOH I 3 .  ? -17.310 -19.710 -19.867 0.33 37.30  ?  212 HOH A O     1 
HETATM 1417 O O     . HOH I 3 .  ? -20.119 -11.636 4.717   1.00 29.25  ?  213 HOH A O     1 
HETATM 1418 O O     . HOH I 3 .  ? -7.603  -10.195 1.589   1.00 31.39  ?  214 HOH A O     1 
HETATM 1419 O O     . HOH I 3 .  ? -21.536 -18.318 -15.139 1.00 33.00  ?  215 HOH A O     1 
HETATM 1420 O O     . HOH I 3 .  ? 0.835   -5.759  8.504   1.00 40.72  ?  216 HOH A O     1 
HETATM 1421 O O     . HOH I 3 .  ? -19.546 -13.720 -5.971  1.00 32.40  ?  217 HOH A O     1 
HETATM 1422 O O     . HOH I 3 .  ? -14.944 -12.668 8.889   0.33 27.28  ?  218 HOH A O     1 
HETATM 1423 O O     . HOH I 3 .  ? -8.767  -26.338 -6.824  1.00 30.87  ?  219 HOH A O     1 
HETATM 1424 O O     . HOH I 3 .  ? -17.063 -22.511 -18.886 1.00 45.59  ?  220 HOH A O     1 
HETATM 1425 O O     . HOH I 3 .  ? -18.566 -28.720 -10.145 1.00 29.63  ?  221 HOH A O     1 
HETATM 1426 O O     . HOH I 3 .  ? -11.727 -13.593 -1.147  1.00 29.02  ?  222 HOH A O     1 
HETATM 1427 O O     . HOH I 3 .  ? -9.931  -33.484 -3.615  1.00 42.19  ?  223 HOH A O     1 
HETATM 1428 O O     . HOH I 3 .  ? -3.476  -8.251  -1.043  1.00 30.23  ?  224 HOH A O     1 
HETATM 1429 O O     . HOH J 3 .  ? -1.576  -13.254 -9.904  1.00 41.59  ?  101 HOH B O     1 
HETATM 1430 O O     . HOH J 3 .  ? -7.512  0.169   3.137   1.00 36.24  ?  102 HOH B O     1 
HETATM 1431 O O     . HOH J 3 .  ? -1.329  -9.103  -10.663 1.00 35.33  ?  103 HOH B O     1 
HETATM 1432 O O     . HOH J 3 .  ? -17.797 0.604   -5.308  1.00 37.59  ?  104 HOH B O     1 
HETATM 1433 O O     . HOH J 3 .  ? -15.521 -4.920  -7.935  1.00 30.60  ?  105 HOH B O     1 
HETATM 1434 O O     . HOH J 3 .  ? -9.403  -0.804  0.987   1.00 31.71  ?  106 HOH B O     1 
HETATM 1435 O O     . HOH J 3 .  ? -9.421  -4.910  -14.599 0.33 32.82  ?  107 HOH B O     1 
HETATM 1436 O O     . HOH J 3 .  ? -3.270  -19.334 -11.319 1.00 34.26  ?  108 HOH B O     1 
HETATM 1437 O O     . HOH J 3 .  ? -28.378 -19.722 0.621   1.00 28.58  ?  109 HOH B O     1 
HETATM 1438 O O     . HOH J 3 .  ? -13.601 -1.197  -10.983 1.00 33.33  ?  110 HOH B O     1 
HETATM 1439 O O     . HOH J 3 .  ? -14.132 -23.690 4.763   1.00 33.01  ?  111 HOH B O     1 
HETATM 1440 O O     . HOH J 3 .  ? -22.392 -23.015 -5.458  1.00 29.63  ?  112 HOH B O     1 
HETATM 1441 O O     . HOH J 3 .  ? -24.920 -21.684 -5.092  1.00 29.37  ?  113 HOH B O     1 
HETATM 1442 O O     . HOH J 3 .  ? -27.148 -22.468 -9.290  1.00 29.67  ?  114 HOH B O     1 
HETATM 1443 O O     . HOH J 3 .  ? -10.201 -1.036  -4.066  1.00 35.07  ?  115 HOH B O     1 
HETATM 1444 O O     . HOH J 3 .  ? -12.972 -19.132 -1.084  1.00 34.71  ?  116 HOH B O     1 
HETATM 1445 O O     . HOH J 3 .  ? -17.620 -19.535 -4.306  1.00 27.64  ?  117 HOH B O     1 
HETATM 1446 O O     . HOH J 3 .  ? -22.923 -25.934 -9.240  1.00 26.40  ?  118 HOH B O     1 
HETATM 1447 O O     . HOH J 3 .  ? -8.545  -2.783  -2.264  1.00 25.95  ?  119 HOH B O     1 
HETATM 1448 O O     . HOH J 3 .  ? -18.040 -5.004  -5.567  1.00 18.16  ?  120 HOH B O     1 
HETATM 1449 O O     . HOH J 3 .  ? -8.182  -4.732  -6.548  1.00 34.32  ?  121 HOH B O     1 
HETATM 1450 O O     . HOH J 3 .  ? -7.250  -0.778  -10.453 1.00 49.62  ?  122 HOH B O     1 
HETATM 1451 O O     . HOH J 3 .  ? -24.417 -23.384 -10.105 1.00 31.67  ?  123 HOH B O     1 
HETATM 1452 O O     . HOH K 3 .  ? 10.441  15.754  -6.580  1.00 29.88  ?  201 HOH C O     1 
HETATM 1453 O O     . HOH K 3 .  ? 19.746  7.557   8.259   1.00 31.96  ?  202 HOH C O     1 
HETATM 1454 O O     . HOH K 3 .  ? 15.931  25.551  -8.399  1.00 35.90  ?  203 HOH C O     1 
HETATM 1455 O O     . HOH K 3 .  ? 23.366  31.085  10.772  1.00 37.50  ?  204 HOH C O     1 
HETATM 1456 O O     . HOH K 3 .  ? 17.405  7.035   -2.504  1.00 31.13  ?  205 HOH C O     1 
HETATM 1457 O O     . HOH K 3 .  ? 16.798  16.177  -9.343  1.00 33.41  ?  206 HOH C O     1 
HETATM 1458 O O     . HOH K 3 .  ? 8.341   28.028  -3.346  0.33 25.27  ?  207 HOH C O     1 
HETATM 1459 O O     . HOH K 3 .  ? 7.447   24.063  -0.591  1.00 29.80  ?  208 HOH C O     1 
HETATM 1460 O O     . HOH K 3 .  ? 9.798   6.891   4.839   1.00 32.75  ?  209 HOH C O     1 
HETATM 1461 O O     . HOH K 3 .  ? 9.083   6.217   7.504   1.00 28.79  ?  210 HOH C O     1 
HETATM 1462 O O     . HOH K 3 .  ? 20.804  29.925  10.670  1.00 35.76  ?  211 HOH C O     1 
HETATM 1463 O O     . HOH K 3 .  ? 22.149  8.483   1.354   1.00 28.25  ?  212 HOH C O     1 
HETATM 1464 O O     . HOH K 3 .  ? 15.477  27.938  -3.184  1.00 32.46  ?  213 HOH C O     1 
HETATM 1465 O O     . HOH K 3 .  ? 13.009  14.323  -8.428  1.00 28.39  ?  214 HOH C O     1 
HETATM 1466 O O     . HOH K 3 .  ? 4.744   -3.134  8.700   1.00 39.47  ?  215 HOH C O     1 
HETATM 1467 O O     . HOH K 3 .  ? 10.108  31.396  -2.161  0.33 35.00  ?  216 HOH C O     1 
HETATM 1468 O O     . HOH K 3 .  ? 17.086  17.687  -1.634  1.00 29.44  ?  217 HOH C O     1 
HETATM 1469 O O     . HOH K 3 .  ? 4.303   5.596   7.163   1.00 38.30  ?  218 HOH C O     1 
HETATM 1470 O O     . HOH K 3 .  ? 20.008  4.672   6.464   0.33 25.66  ?  219 HOH C O     1 
HETATM 1471 O O     . HOH K 3 .  ? 10.771  23.321  12.696  1.00 29.98  ?  220 HOH C O     1 
HETATM 1472 O O     . HOH K 3 .  ? 6.031   5.229   2.001   1.00 29.96  ?  221 HOH C O     1 
HETATM 1473 O O     . HOH K 3 .  ? 17.922  29.632  8.404   1.00 31.50  ?  222 HOH C O     1 
HETATM 1474 O O     . HOH K 3 .  ? 12.803  12.072  4.238   1.00 28.93  ?  223 HOH C O     1 
HETATM 1475 O O     . HOH K 3 .  ? 4.499   6.781   4.123   1.00 32.04  ?  224 HOH C O     1 
HETATM 1476 O O     . HOH L 3 .  ? 24.450  13.786  7.617   1.00 32.14  ?  201 HOH D O     1 
HETATM 1477 O O     . HOH L 3 .  ? 2.482   16.327  -7.277  0.33 25.22  ?  202 HOH D O     1 
HETATM 1478 O O     . HOH L 3 .  ? 31.043  29.590  4.815   1.00 35.00  ?  203 HOH D O     1 
HETATM 1479 O O     . HOH L 3 .  ? 20.084  14.379  13.401  1.00 31.12  ?  204 HOH D O     1 
HETATM 1480 O O     . HOH L 3 .  ? 8.639   2.001   -3.402  1.00 32.11  ?  205 HOH D O     1 
HETATM 1481 O O     . HOH L 3 .  ? 2.164   21.112  7.973   1.00 34.48  ?  206 HOH D O     1 
HETATM 1482 O O     . HOH L 3 .  ? 6.596   12.498  -10.468 1.00 32.40  ?  207 HOH D O     1 
HETATM 1483 O O     . HOH L 3 .  ? 18.197  20.196  13.960  1.00 29.80  ?  208 HOH D O     1 
HETATM 1484 O O     . HOH L 3 .  ? 10.586  12.792  -7.303  1.00 29.55  ?  209 HOH D O     1 
HETATM 1485 O O     . HOH L 3 .  ? 6.102   11.826  0.242   1.00 37.19  ?  210 HOH D O     1 
HETATM 1486 O O     . HOH L 3 .  ? 22.022  23.654  4.344   1.00 30.94  ?  211 HOH D O     1 
HETATM 1487 O O     . HOH L 3 .  ? 24.043  23.207  2.200   1.00 28.06  ?  212 HOH D O     1 
HETATM 1488 O O     . HOH L 3 .  ? 24.132  27.415  -0.100  1.00 30.01  ?  213 HOH D O     1 
HETATM 1489 O O     . HOH L 3 .  ? 7.110   6.293   -5.813  1.00 34.92  ?  214 HOH D O     1 
HETATM 1490 O O     . HOH L 3 .  ? 22.282  31.490  4.181   1.00 30.35  ?  215 HOH D O     1 
HETATM 1491 O O     . HOH L 3 .  ? 17.717  19.420  4.502   1.00 28.59  ?  216 HOH D O     1 
HETATM 1492 O O     . HOH L 3 .  ? 21.362  28.434  4.622   1.00 26.32  ?  217 HOH D O     1 
HETATM 1493 O O     . HOH L 3 .  ? 13.857  11.721  -7.304  1.00 17.75  ?  218 HOH D O     1 
HETATM 1494 O O     . HOH L 3 .  ? 6.827   5.458   -3.000  1.00 27.15  ?  219 HOH D O     1 
HETATM 1495 O O     . HOH L 3 .  ? 4.885   9.938   -3.227  1.00 38.31  ?  220 HOH D O     1 
HETATM 1496 O O     . HOH L 3 .  ? 21.649  27.794  1.621   1.00 32.81  ?  221 HOH D O     1 
# 
loop_
_pdbx_poly_seq_scheme.asym_id 
_pdbx_poly_seq_scheme.entity_id 
_pdbx_poly_seq_scheme.seq_id 
_pdbx_poly_seq_scheme.mon_id 
_pdbx_poly_seq_scheme.ndb_seq_num 
_pdbx_poly_seq_scheme.pdb_seq_num 
_pdbx_poly_seq_scheme.auth_seq_num 
_pdbx_poly_seq_scheme.pdb_mon_id 
_pdbx_poly_seq_scheme.auth_mon_id 
_pdbx_poly_seq_scheme.pdb_strand_id 
_pdbx_poly_seq_scheme.pdb_ins_code 
_pdbx_poly_seq_scheme.hetero 
A 1 1  LCC 1  1  1  LCC LCC A . n 
A 1 2  LCC 2  2  2  LCC LCC A . n 
A 1 3  LCC 3  3  3  LCC LCC A . n 
A 1 4  LCG 4  4  4  LCG LCG A . n 
A 1 5  A   5  5  5  A   A   A . n 
A 1 6  C   6  6  6  C   C   A . n 
A 1 7  U   7  7  7  U   U   A . n 
A 1 8  U   8  8  8  U   U   A . n 
A 1 9  A   9  9  9  A   A   A . n 
A 1 10 A   10 10 10 A   A   A . n 
A 1 11 G   11 11 11 G   G   A . n 
A 1 12 U   12 12 12 U   U   A . n 
A 1 13 C   13 13 13 C   C   A . n 
A 1 14 G   14 14 14 G   G   A . n 
A 1 15 G   15 15 15 G   G   A . n 
B 1 1  LCC 1  1  1  LCC LCC B . n 
B 1 2  LCC 2  2  2  LCC LCC B . n 
B 1 3  LCC 3  3  3  LCC LCC B . n 
B 1 4  LCG 4  4  4  LCG LCG B . n 
B 1 5  A   5  5  5  A   A   B . n 
B 1 6  C   6  6  6  C   C   B . n 
B 1 7  U   7  7  7  U   U   B . n 
B 1 8  U   8  8  8  U   U   B . n 
B 1 9  A   9  9  9  A   A   B . n 
B 1 10 A   10 10 10 A   A   B . n 
B 1 11 G   11 11 11 G   G   B . n 
B 1 12 U   12 12 12 U   U   B . n 
B 1 13 C   13 13 13 C   C   B . n 
B 1 14 G   14 14 14 G   G   B . n 
B 1 15 G   15 15 15 G   G   B . n 
C 1 1  LCC 1  1  1  LCC LCC C . n 
C 1 2  LCC 2  2  2  LCC LCC C . n 
C 1 3  LCC 3  3  3  LCC LCC C . n 
C 1 4  LCG 4  4  4  LCG LCG C . n 
C 1 5  A   5  5  5  A   A   C . n 
C 1 6  C   6  6  6  C   C   C . n 
C 1 7  U   7  7  7  U   U   C . n 
C 1 8  U   8  8  8  U   U   C . n 
C 1 9  A   9  9  9  A   A   C . n 
C 1 10 A   10 10 10 A   A   C . n 
C 1 11 G   11 11 11 G   G   C . n 
C 1 12 U   12 12 12 U   U   C . n 
C 1 13 C   13 13 13 C   C   C . n 
C 1 14 G   14 14 14 G   G   C . n 
C 1 15 G   15 15 15 G   G   C . n 
D 1 1  LCC 1  1  1  LCC LCC D . n 
D 1 2  LCC 2  2  2  LCC LCC D . n 
D 1 3  LCC 3  3  3  LCC LCC D . n 
D 1 4  LCG 4  4  4  LCG LCG D . n 
D 1 5  A   5  5  5  A   A   D . n 
D 1 6  C   6  6  6  C   C   D . n 
D 1 7  U   7  7  7  U   U   D . n 
D 1 8  U   8  8  8  U   U   D . n 
D 1 9  A   9  9  9  A   A   D . n 
D 1 10 A   10 10 10 A   A   D . n 
D 1 11 G   11 11 11 G   G   D . n 
D 1 12 U   12 12 12 U   U   D . n 
D 1 13 C   13 13 13 C   C   D . n 
D 1 14 G   14 14 14 G   G   D . n 
D 1 15 G   15 15 15 G   G   D . n 
# 
loop_
_pdbx_nonpoly_scheme.asym_id 
_pdbx_nonpoly_scheme.entity_id 
_pdbx_nonpoly_scheme.mon_id 
_pdbx_nonpoly_scheme.ndb_seq_num 
_pdbx_nonpoly_scheme.pdb_seq_num 
_pdbx_nonpoly_scheme.auth_seq_num 
_pdbx_nonpoly_scheme.pdb_mon_id 
_pdbx_nonpoly_scheme.auth_mon_id 
_pdbx_nonpoly_scheme.pdb_strand_id 
_pdbx_nonpoly_scheme.pdb_ins_code 
E 2 PZG 1  101 4   PZG PZG A . 
F 2 PZG 1  102 5   PZG PZG A . 
G 2 PZG 1  101 6   PZG PZG C . 
H 2 PZG 1  101 3   PZG PZG D . 
I 3 HOH 1  201 102 HOH HOH A . 
I 3 HOH 2  202 96  HOH HOH A . 
I 3 HOH 3  203 134 HOH HOH A . 
I 3 HOH 4  204 135 HOH HOH A . 
I 3 HOH 5  205 133 HOH HOH A . 
I 3 HOH 6  206 120 HOH HOH A . 
I 3 HOH 7  207 104 HOH HOH A . 
I 3 HOH 8  208 126 HOH HOH A . 
I 3 HOH 9  209 103 HOH HOH A . 
I 3 HOH 10 210 101 HOH HOH A . 
I 3 HOH 11 211 94  HOH HOH A . 
I 3 HOH 12 212 124 HOH HOH A . 
I 3 HOH 13 213 97  HOH HOH A . 
I 3 HOH 14 214 121 HOH HOH A . 
I 3 HOH 15 215 125 HOH HOH A . 
I 3 HOH 16 216 139 HOH HOH A . 
I 3 HOH 17 217 123 HOH HOH A . 
I 3 HOH 18 218 99  HOH HOH A . 
I 3 HOH 19 219 105 HOH HOH A . 
I 3 HOH 20 220 106 HOH HOH A . 
I 3 HOH 21 221 107 HOH HOH A . 
I 3 HOH 22 222 98  HOH HOH A . 
I 3 HOH 23 223 127 HOH HOH A . 
I 3 HOH 24 224 95  HOH HOH A . 
J 3 HOH 1  101 130 HOH HOH B . 
J 3 HOH 2  102 140 HOH HOH B . 
J 3 HOH 3  103 116 HOH HOH B . 
J 3 HOH 4  104 137 HOH HOH B . 
J 3 HOH 5  105 136 HOH HOH B . 
J 3 HOH 6  106 138 HOH HOH B . 
J 3 HOH 7  107 131 HOH HOH B . 
J 3 HOH 8  108 122 HOH HOH B . 
J 3 HOH 9  109 113 HOH HOH B . 
J 3 HOH 10 110 115 HOH HOH B . 
J 3 HOH 11 111 114 HOH HOH B . 
J 3 HOH 12 112 111 HOH HOH B . 
J 3 HOH 13 113 110 HOH HOH B . 
J 3 HOH 14 114 128 HOH HOH B . 
J 3 HOH 15 115 119 HOH HOH B . 
J 3 HOH 16 116 129 HOH HOH B . 
J 3 HOH 17 117 112 HOH HOH B . 
J 3 HOH 18 118 108 HOH HOH B . 
J 3 HOH 19 119 118 HOH HOH B . 
J 3 HOH 20 120 100 HOH HOH B . 
J 3 HOH 21 121 117 HOH HOH B . 
J 3 HOH 22 122 132 HOH HOH B . 
J 3 HOH 23 123 109 HOH HOH B . 
K 3 HOH 1  201 89  HOH HOH C . 
K 3 HOH 2  202 32  HOH HOH C . 
K 3 HOH 3  203 91  HOH HOH C . 
K 3 HOH 4  204 48  HOH HOH C . 
K 3 HOH 5  205 67  HOH HOH C . 
K 3 HOH 6  206 38  HOH HOH C . 
K 3 HOH 7  207 40  HOH HOH C . 
K 3 HOH 8  208 39  HOH HOH C . 
K 3 HOH 9  209 88  HOH HOH C . 
K 3 HOH 10 210 35  HOH HOH C . 
K 3 HOH 11 211 47  HOH HOH C . 
K 3 HOH 12 212 34  HOH HOH C . 
K 3 HOH 13 213 69  HOH HOH C . 
K 3 HOH 14 214 37  HOH HOH C . 
K 3 HOH 15 215 86  HOH HOH C . 
K 3 HOH 16 216 76  HOH HOH C . 
K 3 HOH 17 217 66  HOH HOH C . 
K 3 HOH 18 218 87  HOH HOH C . 
K 3 HOH 19 219 33  HOH HOH C . 
K 3 HOH 20 220 71  HOH HOH C . 
K 3 HOH 21 221 65  HOH HOH C . 
K 3 HOH 22 222 41  HOH HOH C . 
K 3 HOH 23 223 29  HOH HOH C . 
K 3 HOH 24 224 27  HOH HOH C . 
L 3 HOH 1  201 73  HOH HOH D . 
L 3 HOH 2  202 51  HOH HOH D . 
L 3 HOH 3  203 72  HOH HOH D . 
L 3 HOH 4  204 46  HOH HOH D . 
L 3 HOH 5  205 92  HOH HOH D . 
L 3 HOH 6  206 90  HOH HOH D . 
L 3 HOH 7  207 52  HOH HOH D . 
L 3 HOH 8  208 70  HOH HOH D . 
L 3 HOH 9  209 68  HOH HOH D . 
L 3 HOH 10 210 28  HOH HOH D . 
L 3 HOH 11 211 43  HOH HOH D . 
L 3 HOH 12 212 44  HOH HOH D . 
L 3 HOH 13 213 49  HOH HOH D . 
L 3 HOH 14 214 77  HOH HOH D . 
L 3 HOH 15 215 93  HOH HOH D . 
L 3 HOH 16 216 45  HOH HOH D . 
L 3 HOH 17 217 42  HOH HOH D . 
L 3 HOH 18 218 36  HOH HOH D . 
L 3 HOH 19 219 31  HOH HOH D . 
L 3 HOH 20 220 30  HOH HOH D . 
L 3 HOH 21 221 50  HOH HOH D . 
# 
loop_
_pdbx_struct_assembly.id 
_pdbx_struct_assembly.details 
_pdbx_struct_assembly.method_details 
_pdbx_struct_assembly.oligomeric_details 
_pdbx_struct_assembly.oligomeric_count 
1 author_and_software_defined_assembly PISA dimeric 2 
2 author_and_software_defined_assembly PISA dimeric 2 
# 
loop_
_pdbx_struct_assembly_gen.assembly_id 
_pdbx_struct_assembly_gen.oper_expression 
_pdbx_struct_assembly_gen.asym_id_list 
1 1 A,B,E,F,I,J 
2 1 C,D,G,H,K,L 
# 
loop_
_pdbx_struct_assembly_prop.biol_id 
_pdbx_struct_assembly_prop.type 
_pdbx_struct_assembly_prop.value 
_pdbx_struct_assembly_prop.details 
1 'ABSA (A^2)' 2820 ? 
1 MORE         12   ? 
1 'SSA (A^2)'  5980 ? 
2 'ABSA (A^2)' 2870 ? 
2 MORE         11   ? 
2 'SSA (A^2)'  5970 ? 
# 
_pdbx_struct_oper_list.id                   1 
_pdbx_struct_oper_list.type                 'identity operation' 
_pdbx_struct_oper_list.name                 1_555 
_pdbx_struct_oper_list.symmetry_operation   x,y,z 
_pdbx_struct_oper_list.matrix[1][1]         1.0000000000 
_pdbx_struct_oper_list.matrix[1][2]         0.0000000000 
_pdbx_struct_oper_list.matrix[1][3]         0.0000000000 
_pdbx_struct_oper_list.vector[1]            0.0000000000 
_pdbx_struct_oper_list.matrix[2][1]         0.0000000000 
_pdbx_struct_oper_list.matrix[2][2]         1.0000000000 
_pdbx_struct_oper_list.matrix[2][3]         0.0000000000 
_pdbx_struct_oper_list.vector[2]            0.0000000000 
_pdbx_struct_oper_list.matrix[3][1]         0.0000000000 
_pdbx_struct_oper_list.matrix[3][2]         0.0000000000 
_pdbx_struct_oper_list.matrix[3][3]         1.0000000000 
_pdbx_struct_oper_list.vector[3]            0.0000000000 
# 
loop_
_pdbx_struct_special_symmetry.id 
_pdbx_struct_special_symmetry.PDB_model_num 
_pdbx_struct_special_symmetry.auth_asym_id 
_pdbx_struct_special_symmetry.auth_comp_id 
_pdbx_struct_special_symmetry.auth_seq_id 
_pdbx_struct_special_symmetry.PDB_ins_code 
_pdbx_struct_special_symmetry.label_asym_id 
_pdbx_struct_special_symmetry.label_comp_id 
_pdbx_struct_special_symmetry.label_seq_id 
1 1 A HOH 207 ? I HOH . 
2 1 A HOH 212 ? I HOH . 
3 1 A HOH 218 ? I HOH . 
4 1 B HOH 107 ? J HOH . 
5 1 C HOH 207 ? K HOH . 
6 1 C HOH 216 ? K HOH . 
7 1 C HOH 219 ? K HOH . 
# 
loop_
_pdbx_audit_revision_history.ordinal 
_pdbx_audit_revision_history.data_content_type 
_pdbx_audit_revision_history.major_revision 
_pdbx_audit_revision_history.minor_revision 
_pdbx_audit_revision_history.revision_date 
1 'Structure model' 1 0 2016-12-07 
2 'Structure model' 1 1 2017-01-18 
3 'Structure model' 1 2 2017-09-20 
4 'Structure model' 1 3 2019-11-20 
5 'Structure model' 1 4 2023-10-04 
# 
_pdbx_audit_revision_details.ordinal             1 
_pdbx_audit_revision_details.revision_ordinal    1 
_pdbx_audit_revision_details.data_content_type   'Structure model' 
_pdbx_audit_revision_details.provider            repository 
_pdbx_audit_revision_details.type                'Initial release' 
_pdbx_audit_revision_details.description         ? 
_pdbx_audit_revision_details.details             ? 
# 
loop_
_pdbx_audit_revision_group.ordinal 
_pdbx_audit_revision_group.revision_ordinal 
_pdbx_audit_revision_group.data_content_type 
_pdbx_audit_revision_group.group 
1 2 'Structure model' 'Database references'        
2 3 'Structure model' 'Author supporting evidence' 
3 4 'Structure model' 'Author supporting evidence' 
4 4 'Structure model' 'Derived calculations'       
5 5 'Structure model' 'Data collection'            
6 5 'Structure model' 'Database references'        
7 5 'Structure model' 'Refinement description'     
# 
loop_
_pdbx_audit_revision_category.ordinal 
_pdbx_audit_revision_category.revision_ordinal 
_pdbx_audit_revision_category.data_content_type 
_pdbx_audit_revision_category.category 
1 3 'Structure model' pdbx_audit_support            
2 4 'Structure model' pdbx_audit_support            
3 4 'Structure model' pdbx_struct_special_symmetry  
4 5 'Structure model' chem_comp_atom                
5 5 'Structure model' chem_comp_bond                
6 5 'Structure model' database_2                    
7 5 'Structure model' pdbx_initial_refinement_model 
# 
loop_
_pdbx_audit_revision_item.ordinal 
_pdbx_audit_revision_item.revision_ordinal 
_pdbx_audit_revision_item.data_content_type 
_pdbx_audit_revision_item.item 
1 3 'Structure model' '_pdbx_audit_support.funding_organization' 
2 4 'Structure model' '_pdbx_audit_support.funding_organization' 
3 5 'Structure model' '_database_2.pdbx_DOI'                     
4 5 'Structure model' '_database_2.pdbx_database_accession'      
# 
loop_
_software.citation_id 
_software.classification 
_software.compiler_name 
_software.compiler_version 
_software.contact_author 
_software.contact_author_email 
_software.date 
_software.description 
_software.dependencies 
_software.hardware 
_software.language 
_software.location 
_software.mods 
_software.name 
_software.os 
_software.os_version 
_software.type 
_software.version 
_software.pdbx_ordinal 
? refinement       ? ? ? ? ? ? ? ? ? ? ? REFMAC   ? ? ? 5.8.0135 1 
? 'data reduction' ? ? ? ? ? ? ? ? ? ? ? HKL-2000 ? ? ? 2000     2 
? 'data scaling'   ? ? ? ? ? ? ? ? ? ? ? HKL-2000 ? ? ? 2000     3 
? phasing          ? ? ? ? ? ? ? ? ? ? ? PHASER   ? ? ? 2.5.6    4 
# 
loop_
_pdbx_validate_rmsd_bond.id 
_pdbx_validate_rmsd_bond.PDB_model_num 
_pdbx_validate_rmsd_bond.auth_atom_id_1 
_pdbx_validate_rmsd_bond.auth_asym_id_1 
_pdbx_validate_rmsd_bond.auth_comp_id_1 
_pdbx_validate_rmsd_bond.auth_seq_id_1 
_pdbx_validate_rmsd_bond.PDB_ins_code_1 
_pdbx_validate_rmsd_bond.label_alt_id_1 
_pdbx_validate_rmsd_bond.auth_atom_id_2 
_pdbx_validate_rmsd_bond.auth_asym_id_2 
_pdbx_validate_rmsd_bond.auth_comp_id_2 
_pdbx_validate_rmsd_bond.auth_seq_id_2 
_pdbx_validate_rmsd_bond.PDB_ins_code_2 
_pdbx_validate_rmsd_bond.label_alt_id_2 
_pdbx_validate_rmsd_bond.bond_value 
_pdbx_validate_rmsd_bond.bond_target_value 
_pdbx_validate_rmsd_bond.bond_deviation 
_pdbx_validate_rmsd_bond.bond_standard_deviation 
_pdbx_validate_rmsd_bond.linker_flag 
1 1 "O3'" A LCC 1 ? ? P A LCC 2 ? ? 1.684 1.607 0.077  0.012 Y 
2 1 "O3'" A LCC 2 ? ? P A LCC 3 ? ? 1.693 1.607 0.086  0.012 Y 
3 1 "O3'" B LCC 1 ? ? P B LCC 2 ? ? 1.681 1.607 0.074  0.012 Y 
4 1 "O3'" B LCC 2 ? ? P B LCC 3 ? ? 1.681 1.607 0.074  0.012 Y 
5 1 "O3'" B LCC 3 ? ? P B LCG 4 ? ? 1.701 1.607 0.094  0.012 Y 
6 1 "O3'" B LCG 4 ? ? P B A   5 ? ? 1.524 1.607 -0.083 0.012 Y 
7 1 "O3'" C LCC 2 ? ? P C LCC 3 ? ? 1.709 1.607 0.102  0.012 Y 
8 1 "O3'" C U   8 ? ? P C A   9 ? ? 1.533 1.607 -0.074 0.012 Y 
9 1 "O3'" D LCC 1 ? ? P D LCC 2 ? ? 1.697 1.607 0.090  0.012 Y 
# 
loop_
_pdbx_validate_rmsd_angle.id 
_pdbx_validate_rmsd_angle.PDB_model_num 
_pdbx_validate_rmsd_angle.auth_atom_id_1 
_pdbx_validate_rmsd_angle.auth_asym_id_1 
_pdbx_validate_rmsd_angle.auth_comp_id_1 
_pdbx_validate_rmsd_angle.auth_seq_id_1 
_pdbx_validate_rmsd_angle.PDB_ins_code_1 
_pdbx_validate_rmsd_angle.label_alt_id_1 
_pdbx_validate_rmsd_angle.auth_atom_id_2 
_pdbx_validate_rmsd_angle.auth_asym_id_2 
_pdbx_validate_rmsd_angle.auth_comp_id_2 
_pdbx_validate_rmsd_angle.auth_seq_id_2 
_pdbx_validate_rmsd_angle.PDB_ins_code_2 
_pdbx_validate_rmsd_angle.label_alt_id_2 
_pdbx_validate_rmsd_angle.auth_atom_id_3 
_pdbx_validate_rmsd_angle.auth_asym_id_3 
_pdbx_validate_rmsd_angle.auth_comp_id_3 
_pdbx_validate_rmsd_angle.auth_seq_id_3 
_pdbx_validate_rmsd_angle.PDB_ins_code_3 
_pdbx_validate_rmsd_angle.label_alt_id_3 
_pdbx_validate_rmsd_angle.angle_value 
_pdbx_validate_rmsd_angle.angle_target_value 
_pdbx_validate_rmsd_angle.angle_deviation 
_pdbx_validate_rmsd_angle.angle_standard_deviation 
_pdbx_validate_rmsd_angle.linker_flag 
1 1 "O3'" A LCC 1  ? ? P A LCC 2  ? ? "O5'" A LCC 2  ? ? 92.27  104.00 -11.73 1.90 Y 
2 1 "O5'" A G   11 ? ? P A G   11 ? ? OP2   A G   11 ? ? 100.25 105.70 -5.45  0.90 N 
3 1 "O5'" C G   15 ? ? P C G   15 ? ? OP2   C G   15 ? ? 93.80  105.70 -11.90 0.90 N 
4 1 "O3'" D LCG 4  ? ? P D A   5  ? ? OP2   D A   5  ? ? 117.44 110.50 6.94   1.10 Y 
5 1 "O5'" D A   9  ? ? P D A   9  ? ? OP2   D A   9  ? ? 98.39  105.70 -7.31  0.90 N 
6 1 "O5'" D U   12 ? ? P D U   12 ? ? OP2   D U   12 ? ? 99.93  105.70 -5.77  0.90 N 
# 
loop_
_chem_comp_atom.comp_id 
_chem_comp_atom.atom_id 
_chem_comp_atom.type_symbol 
_chem_comp_atom.pdbx_aromatic_flag 
_chem_comp_atom.pdbx_stereo_config 
_chem_comp_atom.pdbx_ordinal 
A   OP3    O N N 1   
A   P      P N N 2   
A   OP1    O N N 3   
A   OP2    O N N 4   
A   "O5'"  O N N 5   
A   "C5'"  C N N 6   
A   "C4'"  C N R 7   
A   "O4'"  O N N 8   
A   "C3'"  C N S 9   
A   "O3'"  O N N 10  
A   "C2'"  C N R 11  
A   "O2'"  O N N 12  
A   "C1'"  C N R 13  
A   N9     N Y N 14  
A   C8     C Y N 15  
A   N7     N Y N 16  
A   C5     C Y N 17  
A   C6     C Y N 18  
A   N6     N N N 19  
A   N1     N Y N 20  
A   C2     C Y N 21  
A   N3     N Y N 22  
A   C4     C Y N 23  
A   HOP3   H N N 24  
A   HOP2   H N N 25  
A   "H5'"  H N N 26  
A   "H5''" H N N 27  
A   "H4'"  H N N 28  
A   "H3'"  H N N 29  
A   "HO3'" H N N 30  
A   "H2'"  H N N 31  
A   "HO2'" H N N 32  
A   "H1'"  H N N 33  
A   H8     H N N 34  
A   H61    H N N 35  
A   H62    H N N 36  
A   H2     H N N 37  
C   OP3    O N N 38  
C   P      P N N 39  
C   OP1    O N N 40  
C   OP2    O N N 41  
C   "O5'"  O N N 42  
C   "C5'"  C N N 43  
C   "C4'"  C N R 44  
C   "O4'"  O N N 45  
C   "C3'"  C N S 46  
C   "O3'"  O N N 47  
C   "C2'"  C N R 48  
C   "O2'"  O N N 49  
C   "C1'"  C N R 50  
C   N1     N N N 51  
C   C2     C N N 52  
C   O2     O N N 53  
C   N3     N N N 54  
C   C4     C N N 55  
C   N4     N N N 56  
C   C5     C N N 57  
C   C6     C N N 58  
C   HOP3   H N N 59  
C   HOP2   H N N 60  
C   "H5'"  H N N 61  
C   "H5''" H N N 62  
C   "H4'"  H N N 63  
C   "H3'"  H N N 64  
C   "HO3'" H N N 65  
C   "H2'"  H N N 66  
C   "HO2'" H N N 67  
C   "H1'"  H N N 68  
C   H41    H N N 69  
C   H42    H N N 70  
C   H5     H N N 71  
C   H6     H N N 72  
G   OP3    O N N 73  
G   P      P N N 74  
G   OP1    O N N 75  
G   OP2    O N N 76  
G   "O5'"  O N N 77  
G   "C5'"  C N N 78  
G   "C4'"  C N R 79  
G   "O4'"  O N N 80  
G   "C3'"  C N S 81  
G   "O3'"  O N N 82  
G   "C2'"  C N R 83  
G   "O2'"  O N N 84  
G   "C1'"  C N R 85  
G   N9     N Y N 86  
G   C8     C Y N 87  
G   N7     N Y N 88  
G   C5     C Y N 89  
G   C6     C N N 90  
G   O6     O N N 91  
G   N1     N N N 92  
G   C2     C N N 93  
G   N2     N N N 94  
G   N3     N N N 95  
G   C4     C Y N 96  
G   HOP3   H N N 97  
G   HOP2   H N N 98  
G   "H5'"  H N N 99  
G   "H5''" H N N 100 
G   "H4'"  H N N 101 
G   "H3'"  H N N 102 
G   "HO3'" H N N 103 
G   "H2'"  H N N 104 
G   "HO2'" H N N 105 
G   "H1'"  H N N 106 
G   H8     H N N 107 
G   H1     H N N 108 
G   H21    H N N 109 
G   H22    H N N 110 
HOH O      O N N 111 
HOH H1     H N N 112 
HOH H2     H N N 113 
LCC "O5'"  O N N 114 
LCC "C5'"  C N N 115 
LCC "C4'"  C N R 116 
LCC "O4'"  O N N 117 
LCC "C1'"  C N R 118 
LCC N1     N N N 119 
LCC C6     C N N 120 
LCC C5     C N N 121 
LCC C5M    C N N 122 
LCC C4     C N N 123 
LCC N4     N N N 124 
LCC N3     N N N 125 
LCC C2     C N N 126 
LCC O2     O N N 127 
LCC "C3'"  C N S 128 
LCC "C2'"  C N R 129 
LCC "O2'"  O N N 130 
LCC "O3'"  O N N 131 
LCC "C6'"  C N N 132 
LCC P      P N N 133 
LCC O1P    O N N 134 
LCC O2P    O N N 135 
LCC OXT    O N N 136 
LCC "H5'1" H N N 137 
LCC "H5'2" H N N 138 
LCC "H1'"  H N N 139 
LCC H6     H N N 140 
LCC H5M1   H N N 141 
LCC H5M2   H N N 142 
LCC H5M3   H N N 143 
LCC H41    H N N 144 
LCC H42    H N N 145 
LCC "H3'"  H N N 146 
LCC "H2'1" H N N 147 
LCC H3T    H N N 148 
LCC "H6'1" H N N 149 
LCC "H6'2" H N N 150 
LCC H1P    H N N 151 
LCC HXT    H N N 152 
LCG P      P N N 153 
LCG OP1    O N N 154 
LCG "O5'"  O N N 155 
LCG "C5'"  C N N 156 
LCG "C3'"  C N S 157 
LCG "C6'"  C N N 158 
LCG N9     N Y N 159 
LCG C8     C Y N 160 
LCG C4     C Y N 161 
LCG N7     N Y N 162 
LCG C5     C Y N 163 
LCG C6     C N N 164 
LCG "C2'"  C N R 165 
LCG O6     O N N 166 
LCG "C4'"  C N R 167 
LCG "C1'"  C N R 168 
LCG C2     C N N 169 
LCG N1     N N N 170 
LCG "O4'"  O N N 171 
LCG OP2    O N N 172 
LCG N2     N N N 173 
LCG N3     N N N 174 
LCG "O2'"  O N N 175 
LCG "O3'"  O N N 176 
LCG OP3    O N N 177 
LCG "H5'"  H N N 178 
LCG "H5''" H N N 179 
LCG "H3'"  H N N 180 
LCG "H6'1" H N N 181 
LCG "H6'2" H N N 182 
LCG H8     H N N 183 
LCG "H2'"  H N N 184 
LCG "H1'"  H N N 185 
LCG H1     H N N 186 
LCG HOP2   H N N 187 
LCG H21    H N N 188 
LCG H22    H N N 189 
LCG "HO3'" H N N 190 
LCG HOP3   H N N 191 
PZG O1     O N N 192 
PZG C1     C N N 193 
PZG N1     N N N 194 
PZG C2     C N N 195 
PZG N2     N N N 196 
PZG N3     N N N 197 
PZG C3     C Y N 198 
PZG C4     C Y N 199 
PZG N4     N Y N 200 
PZG C5     C Y N 201 
PZG N5     N Y N 202 
PZG C6     C N R 203 
PZG O2     O N N 204 
PZG C7     C N R 205 
PZG O3     O N N 206 
PZG C8     C N S 207 
PZG O4     O N N 208 
PZG C9     C N R 209 
PZG C10    C N N 210 
PZG O5     O N N 211 
PZG P1     P N N 212 
PZG O6     O N N 213 
PZG O7     O N N 214 
PZG C11    C Y N 215 
PZG C12    C Y N 216 
PZG N6     N Y N 217 
PZG N7     N Y N 218 
PZG C13    C Y N 219 
PZG C14    C N N 220 
PZG H1     H N N 221 
PZG H2     H N N 222 
PZG H3     H N N 223 
PZG H4     H N N 224 
PZG H5     H N N 225 
PZG H6     H N N 226 
PZG H7     H N N 227 
PZG H8     H N N 228 
PZG H9     H N N 229 
PZG H10    H N N 230 
PZG H11    H N N 231 
PZG H12    H N N 232 
PZG H13    H N N 233 
PZG H14    H N N 234 
PZG H15    H N N 235 
PZG H16    H N N 236 
PZG H17    H N N 237 
PZG H18    H N N 238 
U   OP3    O N N 239 
U   P      P N N 240 
U   OP1    O N N 241 
U   OP2    O N N 242 
U   "O5'"  O N N 243 
U   "C5'"  C N N 244 
U   "C4'"  C N R 245 
U   "O4'"  O N N 246 
U   "C3'"  C N S 247 
U   "O3'"  O N N 248 
U   "C2'"  C N R 249 
U   "O2'"  O N N 250 
U   "C1'"  C N R 251 
U   N1     N N N 252 
U   C2     C N N 253 
U   O2     O N N 254 
U   N3     N N N 255 
U   C4     C N N 256 
U   O4     O N N 257 
U   C5     C N N 258 
U   C6     C N N 259 
U   HOP3   H N N 260 
U   HOP2   H N N 261 
U   "H5'"  H N N 262 
U   "H5''" H N N 263 
U   "H4'"  H N N 264 
U   "H3'"  H N N 265 
U   "HO3'" H N N 266 
U   "H2'"  H N N 267 
U   "HO2'" H N N 268 
U   "H1'"  H N N 269 
U   H3     H N N 270 
U   H5     H N N 271 
U   H6     H N N 272 
# 
loop_
_chem_comp_bond.comp_id 
_chem_comp_bond.atom_id_1 
_chem_comp_bond.atom_id_2 
_chem_comp_bond.value_order 
_chem_comp_bond.pdbx_aromatic_flag 
_chem_comp_bond.pdbx_stereo_config 
_chem_comp_bond.pdbx_ordinal 
A   OP3   P      sing N N 1   
A   OP3   HOP3   sing N N 2   
A   P     OP1    doub N N 3   
A   P     OP2    sing N N 4   
A   P     "O5'"  sing N N 5   
A   OP2   HOP2   sing N N 6   
A   "O5'" "C5'"  sing N N 7   
A   "C5'" "C4'"  sing N N 8   
A   "C5'" "H5'"  sing N N 9   
A   "C5'" "H5''" sing N N 10  
A   "C4'" "O4'"  sing N N 11  
A   "C4'" "C3'"  sing N N 12  
A   "C4'" "H4'"  sing N N 13  
A   "O4'" "C1'"  sing N N 14  
A   "C3'" "O3'"  sing N N 15  
A   "C3'" "C2'"  sing N N 16  
A   "C3'" "H3'"  sing N N 17  
A   "O3'" "HO3'" sing N N 18  
A   "C2'" "O2'"  sing N N 19  
A   "C2'" "C1'"  sing N N 20  
A   "C2'" "H2'"  sing N N 21  
A   "O2'" "HO2'" sing N N 22  
A   "C1'" N9     sing N N 23  
A   "C1'" "H1'"  sing N N 24  
A   N9    C8     sing Y N 25  
A   N9    C4     sing Y N 26  
A   C8    N7     doub Y N 27  
A   C8    H8     sing N N 28  
A   N7    C5     sing Y N 29  
A   C5    C6     sing Y N 30  
A   C5    C4     doub Y N 31  
A   C6    N6     sing N N 32  
A   C6    N1     doub Y N 33  
A   N6    H61    sing N N 34  
A   N6    H62    sing N N 35  
A   N1    C2     sing Y N 36  
A   C2    N3     doub Y N 37  
A   C2    H2     sing N N 38  
A   N3    C4     sing Y N 39  
C   OP3   P      sing N N 40  
C   OP3   HOP3   sing N N 41  
C   P     OP1    doub N N 42  
C   P     OP2    sing N N 43  
C   P     "O5'"  sing N N 44  
C   OP2   HOP2   sing N N 45  
C   "O5'" "C5'"  sing N N 46  
C   "C5'" "C4'"  sing N N 47  
C   "C5'" "H5'"  sing N N 48  
C   "C5'" "H5''" sing N N 49  
C   "C4'" "O4'"  sing N N 50  
C   "C4'" "C3'"  sing N N 51  
C   "C4'" "H4'"  sing N N 52  
C   "O4'" "C1'"  sing N N 53  
C   "C3'" "O3'"  sing N N 54  
C   "C3'" "C2'"  sing N N 55  
C   "C3'" "H3'"  sing N N 56  
C   "O3'" "HO3'" sing N N 57  
C   "C2'" "O2'"  sing N N 58  
C   "C2'" "C1'"  sing N N 59  
C   "C2'" "H2'"  sing N N 60  
C   "O2'" "HO2'" sing N N 61  
C   "C1'" N1     sing N N 62  
C   "C1'" "H1'"  sing N N 63  
C   N1    C2     sing N N 64  
C   N1    C6     sing N N 65  
C   C2    O2     doub N N 66  
C   C2    N3     sing N N 67  
C   N3    C4     doub N N 68  
C   C4    N4     sing N N 69  
C   C4    C5     sing N N 70  
C   N4    H41    sing N N 71  
C   N4    H42    sing N N 72  
C   C5    C6     doub N N 73  
C   C5    H5     sing N N 74  
C   C6    H6     sing N N 75  
G   OP3   P      sing N N 76  
G   OP3   HOP3   sing N N 77  
G   P     OP1    doub N N 78  
G   P     OP2    sing N N 79  
G   P     "O5'"  sing N N 80  
G   OP2   HOP2   sing N N 81  
G   "O5'" "C5'"  sing N N 82  
G   "C5'" "C4'"  sing N N 83  
G   "C5'" "H5'"  sing N N 84  
G   "C5'" "H5''" sing N N 85  
G   "C4'" "O4'"  sing N N 86  
G   "C4'" "C3'"  sing N N 87  
G   "C4'" "H4'"  sing N N 88  
G   "O4'" "C1'"  sing N N 89  
G   "C3'" "O3'"  sing N N 90  
G   "C3'" "C2'"  sing N N 91  
G   "C3'" "H3'"  sing N N 92  
G   "O3'" "HO3'" sing N N 93  
G   "C2'" "O2'"  sing N N 94  
G   "C2'" "C1'"  sing N N 95  
G   "C2'" "H2'"  sing N N 96  
G   "O2'" "HO2'" sing N N 97  
G   "C1'" N9     sing N N 98  
G   "C1'" "H1'"  sing N N 99  
G   N9    C8     sing Y N 100 
G   N9    C4     sing Y N 101 
G   C8    N7     doub Y N 102 
G   C8    H8     sing N N 103 
G   N7    C5     sing Y N 104 
G   C5    C6     sing N N 105 
G   C5    C4     doub Y N 106 
G   C6    O6     doub N N 107 
G   C6    N1     sing N N 108 
G   N1    C2     sing N N 109 
G   N1    H1     sing N N 110 
G   C2    N2     sing N N 111 
G   C2    N3     doub N N 112 
G   N2    H21    sing N N 113 
G   N2    H22    sing N N 114 
G   N3    C4     sing N N 115 
HOH O     H1     sing N N 116 
HOH O     H2     sing N N 117 
LCC "O5'" "C5'"  sing N N 118 
LCC "O5'" P      sing N N 119 
LCC "C5'" "C4'"  sing N N 120 
LCC "C5'" "H5'1" sing N N 121 
LCC "C5'" "H5'2" sing N N 122 
LCC "C4'" "O4'"  sing N N 123 
LCC "C4'" "C3'"  sing N N 124 
LCC "C4'" "C6'"  sing N N 125 
LCC "O4'" "C1'"  sing N N 126 
LCC "C1'" N1     sing N N 127 
LCC "C1'" "C2'"  sing N N 128 
LCC "C1'" "H1'"  sing N N 129 
LCC N1    C6     sing N N 130 
LCC N1    C2     sing N N 131 
LCC C6    C5     doub N N 132 
LCC C6    H6     sing N N 133 
LCC C5    C5M    sing N N 134 
LCC C5    C4     sing N N 135 
LCC C5M   H5M1   sing N N 136 
LCC C5M   H5M2   sing N N 137 
LCC C5M   H5M3   sing N N 138 
LCC C4    N4     sing N N 139 
LCC C4    N3     doub N N 140 
LCC N4    H41    sing N N 141 
LCC N4    H42    sing N N 142 
LCC N3    C2     sing N N 143 
LCC C2    O2     doub N N 144 
LCC "C3'" "C2'"  sing N N 145 
LCC "C3'" "O3'"  sing N N 146 
LCC "C3'" "H3'"  sing N N 147 
LCC "C2'" "O2'"  sing N N 148 
LCC "C2'" "H2'1" sing N N 149 
LCC "O2'" "C6'"  sing N N 150 
LCC "O3'" H3T    sing N N 151 
LCC "C6'" "H6'1" sing N N 152 
LCC "C6'" "H6'2" sing N N 153 
LCC P     O1P    sing N N 154 
LCC P     O2P    doub N N 155 
LCC P     OXT    sing N N 156 
LCC O1P   H1P    sing N N 157 
LCC OXT   HXT    sing N N 158 
LCG P     OP1    doub N N 159 
LCG P     "O5'"  sing N N 160 
LCG P     OP2    sing N N 161 
LCG P     OP3    sing N N 162 
LCG "O5'" "C5'"  sing N N 163 
LCG "C5'" "C4'"  sing N N 164 
LCG "C5'" "H5'"  sing N N 165 
LCG "C5'" "H5''" sing N N 166 
LCG "C3'" "C2'"  sing N N 167 
LCG "C3'" "C4'"  sing N N 168 
LCG "C3'" "O3'"  sing N N 169 
LCG "C3'" "H3'"  sing N N 170 
LCG "C6'" "C4'"  sing N N 171 
LCG "C6'" "O2'"  sing N N 172 
LCG "C6'" "H6'1" sing N N 173 
LCG "C6'" "H6'2" sing N N 174 
LCG N9    C8     sing Y N 175 
LCG N9    C4     sing Y N 176 
LCG N9    "C1'"  sing N N 177 
LCG C8    N7     doub Y N 178 
LCG C8    H8     sing N N 179 
LCG C4    C5     doub Y N 180 
LCG C4    N3     sing N N 181 
LCG N7    C5     sing Y N 182 
LCG C5    C6     sing N N 183 
LCG C6    O6     doub N N 184 
LCG C6    N1     sing N N 185 
LCG "C2'" "C1'"  sing N N 186 
LCG "C2'" "O2'"  sing N N 187 
LCG "C2'" "H2'"  sing N N 188 
LCG "C4'" "O4'"  sing N N 189 
LCG "C1'" "O4'"  sing N N 190 
LCG "C1'" "H1'"  sing N N 191 
LCG C2    N1     sing N N 192 
LCG C2    N2     sing N N 193 
LCG C2    N3     doub N N 194 
LCG N1    H1     sing N N 195 
LCG OP2   HOP2   sing N N 196 
LCG N2    H21    sing N N 197 
LCG N2    H22    sing N N 198 
LCG "O3'" "HO3'" sing N N 199 
LCG OP3   HOP3   sing N N 200 
PZG O4    C8     sing N N 201 
PZG C8    C9     sing N N 202 
PZG C8    C7     sing N N 203 
PZG C9    C10    sing N N 204 
PZG C9    O2     sing N N 205 
PZG C10   O5     sing N N 206 
PZG O3    C7     sing N N 207 
PZG O6    P1     doub N N 208 
PZG C12   N6     sing Y N 209 
PZG C12   C11    doub Y N 210 
PZG C7    C6     sing N N 211 
PZG N6    N7     sing Y N 212 
PZG O2    C6     sing N N 213 
PZG O5    P1     sing N N 214 
PZG C6    N5     sing N N 215 
PZG P1    C11    sing N N 216 
PZG P1    O7     sing N N 217 
PZG C11   C13    sing Y N 218 
PZG N7    C13    doub Y N 219 
PZG C13   C14    sing N N 220 
PZG N5    C3     sing Y N 221 
PZG N5    C5     sing Y N 222 
PZG N3    C3     sing N N 223 
PZG N3    C2     doub N N 224 
PZG C3    C4     doub Y N 225 
PZG C5    N4     doub Y N 226 
PZG N2    C2     sing N N 227 
PZG C2    N1     sing N N 228 
PZG C4    N4     sing Y N 229 
PZG C4    C1     sing N N 230 
PZG N1    C1     sing N N 231 
PZG C1    O1     doub N N 232 
PZG N1    H1     sing N N 233 
PZG N2    H2     sing N N 234 
PZG N2    H3     sing N N 235 
PZG C5    H4     sing N N 236 
PZG C6    H5     sing N N 237 
PZG C7    H6     sing N N 238 
PZG O3    H7     sing N N 239 
PZG C8    H8     sing N N 240 
PZG O4    H9     sing N N 241 
PZG C9    H10    sing N N 242 
PZG C10   H11    sing N N 243 
PZG C10   H12    sing N N 244 
PZG O7    H13    sing N N 245 
PZG C12   H14    sing N N 246 
PZG N6    H15    sing N N 247 
PZG C14   H16    sing N N 248 
PZG C14   H17    sing N N 249 
PZG C14   H18    sing N N 250 
U   OP3   P      sing N N 251 
U   OP3   HOP3   sing N N 252 
U   P     OP1    doub N N 253 
U   P     OP2    sing N N 254 
U   P     "O5'"  sing N N 255 
U   OP2   HOP2   sing N N 256 
U   "O5'" "C5'"  sing N N 257 
U   "C5'" "C4'"  sing N N 258 
U   "C5'" "H5'"  sing N N 259 
U   "C5'" "H5''" sing N N 260 
U   "C4'" "O4'"  sing N N 261 
U   "C4'" "C3'"  sing N N 262 
U   "C4'" "H4'"  sing N N 263 
U   "O4'" "C1'"  sing N N 264 
U   "C3'" "O3'"  sing N N 265 
U   "C3'" "C2'"  sing N N 266 
U   "C3'" "H3'"  sing N N 267 
U   "O3'" "HO3'" sing N N 268 
U   "C2'" "O2'"  sing N N 269 
U   "C2'" "C1'"  sing N N 270 
U   "C2'" "H2'"  sing N N 271 
U   "O2'" "HO2'" sing N N 272 
U   "C1'" N1     sing N N 273 
U   "C1'" "H1'"  sing N N 274 
U   N1    C2     sing N N 275 
U   N1    C6     sing N N 276 
U   C2    O2     doub N N 277 
U   C2    N3     sing N N 278 
U   N3    C4     sing N N 279 
U   N3    H3     sing N N 280 
U   C4    O4     doub N N 281 
U   C4    C5     sing N N 282 
U   C5    C6     doub N N 283 
U   C5    H5     sing N N 284 
U   C6    H6     sing N N 285 
# 
_ndb_struct_conf_na.entry_id   5KRG 
_ndb_struct_conf_na.feature    'a-form double helix' 
# 
loop_
_ndb_struct_na_base_pair.model_number 
_ndb_struct_na_base_pair.i_label_asym_id 
_ndb_struct_na_base_pair.i_label_comp_id 
_ndb_struct_na_base_pair.i_label_seq_id 
_ndb_struct_na_base_pair.i_symmetry 
_ndb_struct_na_base_pair.j_label_asym_id 
_ndb_struct_na_base_pair.j_label_comp_id 
_ndb_struct_na_base_pair.j_label_seq_id 
_ndb_struct_na_base_pair.j_symmetry 
_ndb_struct_na_base_pair.shear 
_ndb_struct_na_base_pair.stretch 
_ndb_struct_na_base_pair.stagger 
_ndb_struct_na_base_pair.buckle 
_ndb_struct_na_base_pair.propeller 
_ndb_struct_na_base_pair.opening 
_ndb_struct_na_base_pair.pair_number 
_ndb_struct_na_base_pair.pair_name 
_ndb_struct_na_base_pair.i_auth_asym_id 
_ndb_struct_na_base_pair.i_auth_seq_id 
_ndb_struct_na_base_pair.i_PDB_ins_code 
_ndb_struct_na_base_pair.j_auth_asym_id 
_ndb_struct_na_base_pair.j_auth_seq_id 
_ndb_struct_na_base_pair.j_PDB_ins_code 
_ndb_struct_na_base_pair.hbond_type_28 
_ndb_struct_na_base_pair.hbond_type_12 
1 A LCG 4  1_555 B C   13 1_555 -0.244 -0.156 0.109  -1.986  -14.258 -0.642 1  A_LCG4:C13_B A 4  ? B 13 ? 19 1 
1 A A   5  1_555 B U   12 1_555 0.069  -0.108 0.184  6.238   -11.226 -0.452 2  A_A5:U12_B   A 5  ? B 12 ? 20 1 
1 A C   6  1_555 B G   11 1_555 0.148  -0.161 -0.097 11.992  -18.255 -0.300 3  A_C6:G11_B   A 6  ? B 11 ? 19 1 
1 A U   7  1_555 B A   10 1_555 -0.054 -0.108 0.053  2.244   -15.492 0.353  4  A_U7:A10_B   A 7  ? B 10 ? 20 1 
1 A U   8  1_555 B A   9  1_555 -0.117 -0.088 0.061  0.828   -11.960 0.150  5  A_U8:A9_B    A 8  ? B 9  ? 20 1 
1 A A   9  1_555 B U   8  1_555 0.086  -0.056 0.047  -0.732  -14.583 4.511  6  A_A9:U8_B    A 9  ? B 8  ? 20 1 
1 A A   10 1_555 B U   7  1_555 0.122  -0.123 0.037  -1.560  -13.538 1.338  7  A_A10:U7_B   A 10 ? B 7  ? 20 1 
1 A G   11 1_555 B C   6  1_555 -0.224 -0.214 -0.102 -10.157 -17.078 -0.225 8  A_G11:C6_B   A 11 ? B 6  ? 19 1 
1 A U   12 1_555 B A   5  1_555 0.006  -0.080 0.210  -5.082  -10.389 -1.346 9  A_U12:A5_B   A 12 ? B 5  ? 20 1 
1 A C   13 1_555 B LCG 4  1_555 0.138  -0.164 0.089  1.712   -11.146 -1.012 10 A_C13:LCG4_B A 13 ? B 4  ? 19 1 
1 C LCG 4  1_555 D C   13 1_555 -0.220 -0.168 0.105  -2.321  -14.860 -1.091 11 C_LCG4:C13_D C 4  ? D 13 ? 19 1 
1 C A   5  1_555 D U   12 1_555 0.088  -0.113 0.265  6.902   -10.290 -0.967 12 C_A5:U12_D   C 5  ? D 12 ? 20 1 
1 C C   6  1_555 D G   11 1_555 0.224  -0.160 -0.059 12.081  -17.454 0.408  13 C_C6:G11_D   C 6  ? D 11 ? 19 1 
1 C U   7  1_555 D A   10 1_555 -0.040 -0.108 -0.017 2.498   -15.800 0.945  14 C_U7:A10_D   C 7  ? D 10 ? 20 1 
1 C U   8  1_555 D A   9  1_555 -0.111 -0.099 0.055  0.878   -11.882 -0.096 15 C_U8:A9_D    C 8  ? D 9  ? 20 1 
1 C A   9  1_555 D U   8  1_555 0.065  -0.088 0.107  -0.983  -15.003 4.373  16 C_A9:U8_D    C 9  ? D 8  ? 20 1 
1 C A   10 1_555 D U   7  1_555 0.154  -0.132 0.046  -2.270  -13.570 2.781  17 C_A10:U7_D   C 10 ? D 7  ? 20 1 
1 C G   11 1_555 D C   6  1_555 -0.156 -0.188 -0.148 -10.167 -17.845 -0.606 18 C_G11:C6_D   C 11 ? D 6  ? 19 1 
1 C U   12 1_555 D A   5  1_555 -0.004 -0.102 0.186  -4.718  -10.412 -1.761 19 C_U12:A5_D   C 12 ? D 5  ? 20 1 
1 C C   13 1_555 D LCG 4  1_555 0.293  -0.135 0.078  1.274   -11.563 -0.674 20 C_C13:LCG4_D C 13 ? D 4  ? 19 1 
# 
loop_
_ndb_struct_na_base_pair_step.model_number 
_ndb_struct_na_base_pair_step.i_label_asym_id_1 
_ndb_struct_na_base_pair_step.i_label_comp_id_1 
_ndb_struct_na_base_pair_step.i_label_seq_id_1 
_ndb_struct_na_base_pair_step.i_symmetry_1 
_ndb_struct_na_base_pair_step.j_label_asym_id_1 
_ndb_struct_na_base_pair_step.j_label_comp_id_1 
_ndb_struct_na_base_pair_step.j_label_seq_id_1 
_ndb_struct_na_base_pair_step.j_symmetry_1 
_ndb_struct_na_base_pair_step.i_label_asym_id_2 
_ndb_struct_na_base_pair_step.i_label_comp_id_2 
_ndb_struct_na_base_pair_step.i_label_seq_id_2 
_ndb_struct_na_base_pair_step.i_symmetry_2 
_ndb_struct_na_base_pair_step.j_label_asym_id_2 
_ndb_struct_na_base_pair_step.j_label_comp_id_2 
_ndb_struct_na_base_pair_step.j_label_seq_id_2 
_ndb_struct_na_base_pair_step.j_symmetry_2 
_ndb_struct_na_base_pair_step.shift 
_ndb_struct_na_base_pair_step.slide 
_ndb_struct_na_base_pair_step.rise 
_ndb_struct_na_base_pair_step.tilt 
_ndb_struct_na_base_pair_step.roll 
_ndb_struct_na_base_pair_step.twist 
_ndb_struct_na_base_pair_step.x_displacement 
_ndb_struct_na_base_pair_step.y_displacement 
_ndb_struct_na_base_pair_step.helical_rise 
_ndb_struct_na_base_pair_step.inclination 
_ndb_struct_na_base_pair_step.tip 
_ndb_struct_na_base_pair_step.helical_twist 
_ndb_struct_na_base_pair_step.step_number 
_ndb_struct_na_base_pair_step.step_name 
_ndb_struct_na_base_pair_step.i_auth_asym_id_1 
_ndb_struct_na_base_pair_step.i_auth_seq_id_1 
_ndb_struct_na_base_pair_step.i_PDB_ins_code_1 
_ndb_struct_na_base_pair_step.j_auth_asym_id_1 
_ndb_struct_na_base_pair_step.j_auth_seq_id_1 
_ndb_struct_na_base_pair_step.j_PDB_ins_code_1 
_ndb_struct_na_base_pair_step.i_auth_asym_id_2 
_ndb_struct_na_base_pair_step.i_auth_seq_id_2 
_ndb_struct_na_base_pair_step.i_PDB_ins_code_2 
_ndb_struct_na_base_pair_step.j_auth_asym_id_2 
_ndb_struct_na_base_pair_step.j_auth_seq_id_2 
_ndb_struct_na_base_pair_step.j_PDB_ins_code_2 
1 A LCG 4  1_555 B C 13 1_555 A A 5  1_555 B U   12 1_555 0.068  -1.313 3.072 0.012  2.058  31.100 -2.807 -0.125 2.981 3.833  
-0.023 31.166 1  AA_LCG4A5:U12C13_BB A 4  ? B 13 ? A 5  ? B 12 ? 
1 A A   5  1_555 B U 12 1_555 A C 6  1_555 B G   11 1_555 0.420  -1.428 3.086 2.146  3.281  32.570 -3.051 -0.402 2.953 5.825  
-3.809 32.798 2  AA_A5C6:G11U12_BB   A 5  ? B 12 ? A 6  ? B 11 ? 
1 A C   6  1_555 B G 11 1_555 A U 7  1_555 B A   10 1_555 -0.636 -1.961 3.422 -5.113 12.862 30.730 -5.382 0.307  2.496 22.870 
9.092  33.635 3  AA_C6U7:A10G11_BB   A 6  ? B 11 ? A 7  ? B 10 ? 
1 A U   7  1_555 B A 10 1_555 A U 8  1_555 B A   9  1_555 -0.265 -1.254 3.255 -2.056 8.803  31.513 -3.662 0.134  2.823 15.806 
3.691  32.752 4  AA_U7U8:A9A10_BB    A 7  ? B 10 ? A 8  ? B 9  ? 
1 A U   8  1_555 B A 9  1_555 A A 9  1_555 B U   8  1_555 0.512  -1.465 3.176 1.622  16.712 31.255 -4.556 -0.635 2.164 28.581 
-2.774 35.380 5  AA_U8A9:U8A9_BB     A 8  ? B 9  ? A 9  ? B 8  ? 
1 A A   9  1_555 B U 8  1_555 A A 10 1_555 B U   7  1_555 -0.283 -1.456 3.268 -0.238 5.673  33.200 -3.403 0.452  2.987 9.839  
0.412  33.669 6  AA_A9A10:U7U8_BB    A 9  ? B 8  ? A 10 ? B 7  ? 
1 A A   10 1_555 B U 7  1_555 A G 11 1_555 B C   6  1_555 0.118  -1.639 3.451 2.713  10.302 30.126 -4.811 0.267  2.755 19.085 
-5.026 31.913 7  AA_A10G11:C6U7_BB   A 10 ? B 7  ? A 11 ? B 6  ? 
1 A G   11 1_555 B C 6  1_555 A U 12 1_555 B A   5  1_555 -0.159 -1.337 3.126 -2.378 3.075  32.575 -2.863 -0.101 2.994 5.457  
4.220  32.800 8  AA_G11U12:A5C6_BB   A 11 ? B 6  ? A 12 ? B 5  ? 
1 A U   12 1_555 B A 5  1_555 A C 13 1_555 B LCG 4  1_555 0.210  -1.464 3.129 1.386  3.352  30.951 -3.322 -0.145 2.965 6.254  
-2.586 31.157 9  AA_U12C13:LCG4A5_BB A 12 ? B 5  ? A 13 ? B 4  ? 
1 C LCG 4  1_555 D C 13 1_555 C A 5  1_555 D U   12 1_555 0.041  -1.322 3.035 -0.725 2.047  31.055 -2.821 -0.202 2.943 3.817  
1.352  31.129 10 CC_LCG4A5:U12C13_DD C 4  ? D 13 ? C 5  ? D 12 ? 
1 C A   5  1_555 D U 12 1_555 C C 6  1_555 D G   11 1_555 0.486  -1.462 3.109 2.448  3.372  32.812 -3.101 -0.468 2.975 5.940  
-4.311 33.068 11 CC_A5C6:G11U12_DD   C 5  ? D 12 ? C 6  ? D 11 ? 
1 C C   6  1_555 D G 11 1_555 C U 7  1_555 D A   10 1_555 -0.668 -1.919 3.426 -3.887 12.502 30.045 -5.458 0.549  2.515 22.803 
7.090  32.714 12 CC_C6U7:A10G11_DD   C 6  ? D 11 ? C 7  ? D 10 ? 
1 C U   7  1_555 D A 10 1_555 C U 8  1_555 D A   9  1_555 -0.254 -1.244 3.268 -2.781 9.637  31.707 -3.708 0.003  2.792 17.111 
4.938  33.217 13 CC_U7U8:A9A10_DD    C 7  ? D 10 ? C 8  ? D 9  ? 
1 C U   8  1_555 D A 9  1_555 C A 9  1_555 D U   8  1_555 0.534  -1.468 3.175 1.260  16.396 31.427 -4.524 -0.717 2.186 28.000 
-2.151 35.373 14 CC_U8A9:U8A9_DD     C 8  ? D 9  ? C 9  ? D 8  ? 
1 C A   9  1_555 D U 8  1_555 C A 10 1_555 D U   7  1_555 -0.248 -1.415 3.285 0.211  5.334  32.968 -3.322 0.466  3.024 9.322  
-0.369 33.385 15 CC_A9A10:U7U8_DD    C 9  ? D 8  ? C 10 ? D 7  ? 
1 C A   10 1_555 D U 7  1_555 C G 11 1_555 D C   6  1_555 0.053  -1.631 3.418 3.170  10.909 30.657 -4.727 0.437  2.688 19.800 
-5.753 32.647 16 CC_A10G11:C6U7_DD   C 10 ? D 7  ? C 11 ? D 6  ? 
1 C G   11 1_555 D C 6  1_555 C U 12 1_555 D A   5  1_555 -0.173 -1.367 3.121 -2.682 3.291  31.969 -3.010 -0.135 2.973 5.943  
4.844  32.242 17 CC_G11U12:A5C6_DD   C 11 ? D 6  ? C 12 ? D 5  ? 
1 C U   12 1_555 D A 5  1_555 C C 13 1_555 D LCG 4  1_555 0.247  -1.452 3.160 1.262  3.613  31.868 -3.238 -0.234 2.988 6.551  
-2.288 32.091 18 CC_U12C13:LCG4A5_DD C 12 ? D 5  ? C 13 ? D 4  ? 
# 
_pdbx_audit_support.funding_organization   'Howard Hughes Medical Institute (HHMI)' 
_pdbx_audit_support.country                'United States' 
_pdbx_audit_support.grant_number           ? 
_pdbx_audit_support.ordinal                1 
# 
loop_
_pdbx_entity_nonpoly.entity_id 
_pdbx_entity_nonpoly.name 
_pdbx_entity_nonpoly.comp_id 
2 
;[(2~{R},3~{S},4~{R},5~{R})-5-(2-azanyl-6-oxidanylidene-1~{H}-purin-9-yl)-3,4-bis(oxidanyl)oxolan-2-yl]methoxy-(3-methyl-1~{H}-pyrazol-4-yl)phosphinic acid
;
PZG 
3 water HOH 
# 
_pdbx_initial_refinement_model.id               1 
_pdbx_initial_refinement_model.entity_id_list   ? 
_pdbx_initial_refinement_model.type             'experimental model' 
_pdbx_initial_refinement_model.source_name      PDB 
_pdbx_initial_refinement_model.accession_code   4NFO 
_pdbx_initial_refinement_model.details          ? 
# 
